data_8G99
#
_entry.id   8G99
#
_cell.length_a   1.00
_cell.length_b   1.00
_cell.length_c   1.00
_cell.angle_alpha   90.00
_cell.angle_beta   90.00
_cell.angle_gamma   90.00
#
_symmetry.space_group_name_H-M   'P 1'
#
loop_
_entity.id
_entity.type
_entity.pdbx_description
1 polymer 'DNA polymerase alpha catalytic subunit'
2 polymer 'DNA polymerase alpha subunit B'
3 polymer 'DNA primase large subunit'
4 non-polymer 'ZINC ION'
5 non-polymer 'IRON/SULFUR CLUSTER'
#
loop_
_entity_poly.entity_id
_entity_poly.type
_entity_poly.pdbx_seq_one_letter_code
_entity_poly.pdbx_strand_id
1 'polypeptide(L)'
;SNAADGSQVFRFYWLDAYEDQYSQPGVVYLFGKVWIESADAYVSCCVSVKNIERTVYLLPRENRVQLSTGKDTGAPVSMM
HVYQEFNEAVAEKYKIMKFKSKKVDKDYAFEIPDVPASSEYLEVRYSADSPQLPQDLKGETFSHVFGTNTSSLELFLLSR
KIKGPSWLEIKSPQLSSQPMSWCKVEAVVTRPDQVSVVKDLAPPPVVVLSLSMKTVQNAKTHQNEIVAIAALVHHTFPLD
KAPPQPPFQTHFCVLSKLNDCIFPYDYNEAVKQKNANIEIALTERTLLGFFLAKIHKIDPDVIVGHDIYGFDLEVLLQRI
NSCKVPFWSKIGRLRRSVMPKLGGRSGFAERNAACGRIICDIEISAKELIRCKSYHLSELVHQILKAERVVIPPENIRNA
YNDSVHLLYMLENTWIDAKFILQIMCELNVLPLALQITNIAGNVMSRTLMGGRSERNEYLLLHAFTENNFIVPDKPVFKK
MQQTTVEDNDDMGTDQNKNKSRKKAAYAGGLVLEPKVGFYDKFILLLDFNSLYPSIIQEYNICFTTVHREAPSTQKGEDQ
DEIPELPHSDLEMGILPREIRKLVERRRHVKQLMKQPDLNPDLYLQYDIRQKALKLTANSMYGCLGFSYSRFYAKPLAAL
VTHQGREILLHTKEMVQKMNLEVIYGDTDSIMINTNCNNLEEVFKLGNRVKSEINKSYKLLEIDIDGIFKSLLLLKKKKY
AALTVEPTGDGKYVTKQELKGLDIVRRDWCELAKQAGNYVISQILSDQPRDSIVENIQKKLTEIGENVTNGTVPITQYEI
NKALTKDPQDYPDKKSLPHVHVALWINSQGGRKVKAGDTISYVICQDGSNLSASQRAYAQEQLQKQENLSIDTQYYLSQQ
VHPVVARICEPIDGIDSALIAMWLGLDPSQFRAHRHYQQDEENDALLGGPSQLTDEEKYRDCERFKFFCPKCGTENIYDN
VFDGSGLQIEPGLKRCSKPECDASPLDYVIQVHNKLLLDIRRYIKKYYSGWLVCEEKTCQNRTRRLPLSFSRNGPICQAC
SKATLRSEYPEKALYTQLCFYRFIFDWDYALEKVVSEQERGHLKKKLFQESENQYKKLKSTVDQVLSRSGYSEVNLSKLF
QTLNTIK
;
A
2 'polypeptide(L)'
;SNAMSVSAKSIAEELKVFDVNFEDEEVPEKMVELCTVHRLKEEDMVNEWMAFSTTRNLPLTVGNLNLLEHEVLNKKSARP
RPSLKKEKHCGNRDFNTIQELIEVETAEENLLDSYATPAKGSQKRNLSTPEHPQSKRILSINRSPHVLFSPTSFSPSATP
SQKYGSRTNRGEVVTTYGELQGTTWNGGSGSNTNVELFTSLDEPLTKMYKFMFQKLMDIREVVSIKIEELGASLKDHFQI
DEFTSVSLPAQETVTVLGQIGCDSNGKLNSKSVILEGDREHSAGMQVPVDLSELKDYSLFPGQVVIMEGTNSTGRRFVPT
KLYEGVPLPFHQPSKEFEECPQQMVITACGPFTTSDTITYDALKDLIDIVNRDRPDICILLGPFLDAKHEQIENLQLTVT
FEDVFKRCLKMIIEGTRPSGCHLVIVPSLRDVHHDPVYPQPPFSCFEPAKEDKERVHFVADPCTLSVNGVVIGMTSTDLL
FHMGAEEISSSAGAPDRFSRILRHILTQRSYYPLYPPNEEINIDYEALYSYTPMPVTPDVFIVPSELRYFIKDVTGCICI
NPGRLTKGLVGGTYARFLVKSGAMGSEGKRSTCISAQVVRV
;
B
3 'polypeptide(L)'
;MLFSRDRKYRHNTRLTGDRKGDLYPSSLQFYQHPPTENISLIEFETFAIERLKLLKAVENLGVSYVKNSEEYSKKLELEL
RKLKFPYRPLHEEISDDVYDLRRKDHISHFILRLAYCQSEDLRRWFIQQEMDLFKFRFGLLTKESVQEFLKLNDLQYVAI
SEDEKNMHKEDLMNSSFGLSLTKMEDTEFYKVPFQAALDLVRPRKVFLWRGFAFIPHKDIVSIVLNDFRAKLSKALALSA
RSLPVVQSDERLQPLLNHLSHSYIGQDFSSQSNTGKISLEQIDGFAAKSFPLCMRQLHKSLRENHHLRHGGRMQYGLFLK
GIGLTLEQALQFWRLEFTKGKVDSEKFDKVYAYSIRHNYGKEGKRTDYTPYSCMKVILSNPPSQGDYHGCPFRHSDPELL
KQKLQSFKVPSSGINQILELVKGMHYQLACQKYFELTHSVDDCGFSLNHPNQYFAESQKLLTGSREIKKEQTARDSPAVT
ASQLSSSSSSASIPKSQSSAPEMEDLEQIFSEY
;
C
#
# COMPACT_ATOMS: atom_id res chain seq x y z
N GLN A 8 -43.98 -1.61 46.20
CA GLN A 8 -44.23 -1.21 44.82
C GLN A 8 -43.17 -1.76 43.88
N VAL A 9 -43.60 -2.29 42.75
CA VAL A 9 -42.71 -2.84 41.74
C VAL A 9 -42.89 -2.02 40.46
N PHE A 10 -41.78 -1.56 39.91
CA PHE A 10 -41.76 -0.72 38.71
C PHE A 10 -41.20 -1.56 37.57
N ARG A 11 -42.05 -1.90 36.61
CA ARG A 11 -41.64 -2.69 35.46
C ARG A 11 -41.46 -1.77 34.25
N PHE A 12 -40.29 -1.82 33.63
CA PHE A 12 -40.03 -0.97 32.48
C PHE A 12 -39.06 -1.66 31.53
N TYR A 13 -39.24 -1.41 30.24
CA TYR A 13 -38.40 -1.99 29.20
C TYR A 13 -37.30 -1.00 28.86
N TRP A 14 -36.05 -1.38 29.13
CA TRP A 14 -34.94 -0.44 28.97
C TRP A 14 -34.33 -0.57 27.59
N LEU A 15 -33.95 0.57 27.02
CA LEU A 15 -33.36 0.66 25.69
C LEU A 15 -31.95 1.22 25.69
N ASP A 16 -31.67 2.19 26.55
CA ASP A 16 -30.40 2.92 26.50
C ASP A 16 -29.91 3.17 27.92
N ALA A 17 -28.61 3.39 28.03
CA ALA A 17 -27.98 3.73 29.30
C ALA A 17 -26.94 4.81 29.07
N TYR A 18 -26.73 5.64 30.09
CA TYR A 18 -25.75 6.71 30.05
C TYR A 18 -24.98 6.76 31.34
N GLU A 19 -23.66 6.93 31.23
CA GLU A 19 -22.77 7.05 32.38
C GLU A 19 -21.87 8.25 32.19
N ASP A 20 -21.69 9.03 33.26
CA ASP A 20 -20.78 10.17 33.28
C ASP A 20 -19.78 9.92 34.41
N GLN A 21 -18.63 9.35 34.06
CA GLN A 21 -17.66 8.97 35.08
C GLN A 21 -17.15 10.18 35.84
N TYR A 22 -16.88 11.29 35.13
CA TYR A 22 -16.26 12.44 35.78
C TYR A 22 -17.24 13.20 36.66
N SER A 23 -18.50 13.31 36.24
CA SER A 23 -19.44 14.19 36.93
C SER A 23 -20.02 13.53 38.18
N GLN A 24 -20.75 12.44 38.00
CA GLN A 24 -21.42 11.75 39.11
C GLN A 24 -20.89 10.34 39.25
N PRO A 25 -20.00 10.06 40.21
CA PRO A 25 -19.47 8.69 40.34
C PRO A 25 -20.54 7.74 40.85
N GLY A 26 -20.62 6.57 40.22
CA GLY A 26 -21.46 5.50 40.71
C GLY A 26 -22.92 5.57 40.32
N VAL A 27 -23.31 6.50 39.45
CA VAL A 27 -24.70 6.65 39.03
C VAL A 27 -24.78 6.37 37.53
N VAL A 28 -25.74 5.55 37.14
CA VAL A 28 -26.00 5.24 35.74
C VAL A 28 -27.48 5.45 35.47
N TYR A 29 -27.79 6.09 34.36
CA TYR A 29 -29.17 6.37 33.97
C TYR A 29 -29.62 5.35 32.93
N LEU A 30 -30.80 4.79 33.13
CA LEU A 30 -31.42 3.85 32.21
C LEU A 30 -32.68 4.49 31.64
N PHE A 31 -32.77 4.56 30.32
CA PHE A 31 -33.92 5.15 29.65
C PHE A 31 -34.72 4.05 28.97
N GLY A 32 -36.04 4.18 29.01
CA GLY A 32 -36.88 3.17 28.41
C GLY A 32 -38.37 3.48 28.43
N LYS A 33 -39.19 2.44 28.36
CA LYS A 33 -40.63 2.56 28.26
C LYS A 33 -41.29 2.02 29.52
N VAL A 34 -42.29 2.75 30.01
CA VAL A 34 -43.12 2.34 31.14
C VAL A 34 -44.57 2.45 30.70
N TRP A 35 -45.36 1.43 31.01
CA TRP A 35 -46.77 1.43 30.66
C TRP A 35 -47.57 2.28 31.65
N ILE A 36 -48.40 3.17 31.13
CA ILE A 36 -49.32 3.97 31.94
C ILE A 36 -50.73 3.60 31.53
N GLU A 37 -51.51 3.13 32.51
CA GLU A 37 -52.91 2.78 32.27
C GLU A 37 -53.79 4.02 32.17
N SER A 38 -53.47 5.04 32.96
CA SER A 38 -54.24 6.29 32.88
C SER A 38 -54.22 6.86 31.46
N ALA A 39 -53.17 6.58 30.70
CA ALA A 39 -53.08 6.99 29.31
C ALA A 39 -53.16 5.81 28.35
N ASP A 40 -53.18 4.58 28.86
CA ASP A 40 -53.24 3.38 28.01
C ASP A 40 -52.13 3.41 26.97
N ALA A 41 -50.93 3.79 27.38
CA ALA A 41 -49.84 3.94 26.43
C ALA A 41 -48.50 3.83 27.15
N TYR A 42 -47.46 3.57 26.37
CA TYR A 42 -46.10 3.56 26.89
C TYR A 42 -45.52 4.97 26.84
N VAL A 43 -44.81 5.35 27.90
CA VAL A 43 -44.17 6.65 27.99
C VAL A 43 -42.71 6.46 28.35
N SER A 44 -41.91 7.46 28.01
CA SER A 44 -40.48 7.41 28.29
C SER A 44 -40.22 7.60 29.78
N CYS A 45 -39.25 6.86 30.29
CA CYS A 45 -38.89 6.92 31.69
C CYS A 45 -37.37 6.85 31.84
N CYS A 46 -36.86 7.53 32.86
CA CYS A 46 -35.45 7.51 33.22
C CYS A 46 -35.33 7.01 34.66
N VAL A 47 -34.50 6.00 34.86
CA VAL A 47 -34.27 5.40 36.17
C VAL A 47 -32.81 5.62 36.52
N SER A 48 -32.56 6.23 37.67
CA SER A 48 -31.21 6.47 38.15
C SER A 48 -30.81 5.35 39.10
N VAL A 49 -29.73 4.64 38.79
CA VAL A 49 -29.18 3.59 39.63
C VAL A 49 -27.90 4.13 40.24
N LYS A 50 -27.89 4.29 41.56
CA LYS A 50 -26.78 4.89 42.27
C LYS A 50 -26.17 3.88 43.24
N ASN A 51 -25.00 4.25 43.77
CA ASN A 51 -24.29 3.42 44.74
C ASN A 51 -23.78 2.13 44.08
N ILE A 52 -23.20 2.27 42.90
CA ILE A 52 -22.52 1.17 42.24
C ILE A 52 -21.07 1.21 42.71
N GLU A 53 -20.69 0.24 43.54
CA GLU A 53 -19.40 0.28 44.22
C GLU A 53 -18.28 -0.14 43.29
N ARG A 54 -17.15 0.55 43.40
CA ARG A 54 -15.93 0.08 42.76
C ARG A 54 -15.57 -1.29 43.31
N THR A 55 -15.32 -2.23 42.41
CA THR A 55 -14.86 -3.56 42.74
C THR A 55 -13.44 -3.72 42.20
N VAL A 56 -12.52 -4.08 43.08
CA VAL A 56 -11.11 -4.21 42.73
C VAL A 56 -10.62 -5.55 43.26
N TYR A 57 -9.69 -6.16 42.53
CA TYR A 57 -9.13 -7.45 42.88
C TYR A 57 -7.63 -7.32 43.07
N LEU A 58 -7.15 -7.62 44.26
CA LEU A 58 -5.72 -7.58 44.57
C LEU A 58 -5.17 -9.00 44.45
N LEU A 59 -4.06 -9.12 43.71
CA LEU A 59 -3.45 -10.42 43.43
C LEU A 59 -2.34 -10.68 44.44
N PRO A 60 -2.46 -11.68 45.31
CA PRO A 60 -1.41 -11.92 46.30
C PRO A 60 -0.10 -12.37 45.66
N ARG A 61 0.98 -12.11 46.37
CA ARG A 61 2.31 -12.56 45.97
C ARG A 61 2.61 -13.93 46.56
N GLU A 62 3.61 -14.59 45.98
CA GLU A 62 4.06 -15.87 46.53
C GLU A 62 4.86 -15.67 47.81
N ASN A 63 5.73 -14.65 47.82
CA ASN A 63 6.54 -14.33 48.99
C ASN A 63 6.62 -12.82 49.12
N ARG A 64 6.58 -12.34 50.37
CA ARG A 64 6.61 -10.91 50.61
C ARG A 64 7.87 -10.31 50.00
N VAL A 65 7.72 -9.14 49.39
CA VAL A 65 8.80 -8.46 48.67
C VAL A 65 8.92 -7.06 49.23
N GLN A 66 10.16 -6.65 49.52
CA GLN A 66 10.43 -5.28 49.97
C GLN A 66 10.48 -4.38 48.74
N LEU A 67 9.48 -3.51 48.59
CA LEU A 67 9.38 -2.69 47.39
C LEU A 67 10.61 -1.79 47.23
N SER A 68 11.19 -1.33 48.33
CA SER A 68 12.37 -0.47 48.23
C SER A 68 13.53 -1.19 47.58
N THR A 69 13.75 -2.47 47.94
CA THR A 69 14.86 -3.24 47.40
C THR A 69 14.45 -4.22 46.32
N GLY A 70 13.18 -4.64 46.28
CA GLY A 70 12.74 -5.57 45.26
C GLY A 70 13.23 -6.98 45.43
N LYS A 71 13.61 -7.38 46.64
CA LYS A 71 14.12 -8.71 46.92
C LYS A 71 13.09 -9.50 47.72
N ASP A 72 12.80 -10.72 47.28
CA ASP A 72 11.84 -11.55 47.98
C ASP A 72 12.32 -11.82 49.40
N THR A 73 11.42 -11.66 50.37
CA THR A 73 11.73 -11.90 51.77
C THR A 73 11.48 -13.34 52.19
N GLY A 74 10.90 -14.16 51.32
CA GLY A 74 10.74 -15.57 51.63
C GLY A 74 9.62 -15.88 52.60
N ALA A 75 8.81 -14.90 52.98
CA ALA A 75 7.72 -15.12 53.91
C ALA A 75 6.45 -15.45 53.14
N PRO A 76 5.86 -16.64 53.30
CA PRO A 76 4.61 -16.93 52.60
C PRO A 76 3.55 -15.90 52.94
N VAL A 77 2.80 -15.48 51.92
CA VAL A 77 1.82 -14.41 52.05
C VAL A 77 0.43 -15.04 52.03
N SER A 78 -0.21 -15.09 53.19
CA SER A 78 -1.62 -15.44 53.24
C SER A 78 -2.47 -14.21 52.92
N MET A 79 -3.76 -14.44 52.69
CA MET A 79 -4.64 -13.33 52.35
C MET A 79 -4.87 -12.39 53.51
N MET A 80 -4.66 -12.85 54.74
CA MET A 80 -4.72 -11.95 55.88
C MET A 80 -3.65 -10.88 55.78
N HIS A 81 -2.46 -11.25 55.30
CA HIS A 81 -1.40 -10.27 55.09
C HIS A 81 -1.82 -9.22 54.08
N VAL A 82 -2.46 -9.65 52.98
CA VAL A 82 -2.92 -8.70 51.97
C VAL A 82 -3.98 -7.79 52.55
N TYR A 83 -4.91 -8.35 53.32
CA TYR A 83 -5.94 -7.53 53.96
C TYR A 83 -5.31 -6.50 54.88
N GLN A 84 -4.33 -6.91 55.68
CA GLN A 84 -3.68 -5.98 56.59
C GLN A 84 -2.95 -4.88 55.83
N GLU A 85 -2.25 -5.24 54.75
CA GLU A 85 -1.54 -4.23 53.98
C GLU A 85 -2.51 -3.25 53.35
N PHE A 86 -3.64 -3.73 52.83
CA PHE A 86 -4.62 -2.83 52.24
C PHE A 86 -5.22 -1.91 53.29
N ASN A 87 -5.57 -2.46 54.46
CA ASN A 87 -6.20 -1.65 55.50
C ASN A 87 -5.22 -0.59 56.02
N GLU A 88 -3.95 -0.95 56.15
CA GLU A 88 -2.97 -0.05 56.75
C GLU A 88 -2.41 0.93 55.72
N ALA A 89 -1.79 0.41 54.68
CA ALA A 89 -1.03 1.24 53.74
C ALA A 89 -1.92 1.79 52.61
N VAL A 90 -2.52 0.91 51.83
CA VAL A 90 -3.25 1.34 50.64
C VAL A 90 -4.48 2.14 51.02
N ALA A 91 -5.26 1.63 51.98
CA ALA A 91 -6.55 2.25 52.30
C ALA A 91 -6.37 3.69 52.73
N GLU A 92 -5.47 3.94 53.69
CA GLU A 92 -5.28 5.29 54.20
C GLU A 92 -4.48 6.16 53.24
N LYS A 93 -3.53 5.60 52.52
CA LYS A 93 -2.71 6.39 51.61
C LYS A 93 -3.52 6.99 50.48
N TYR A 94 -4.68 6.42 50.17
CA TYR A 94 -5.54 6.91 49.09
C TYR A 94 -6.91 7.33 49.61
N LYS A 95 -6.98 7.71 50.89
CA LYS A 95 -8.18 8.31 51.47
C LYS A 95 -9.41 7.44 51.27
N ILE A 96 -9.26 6.14 51.49
CA ILE A 96 -10.38 5.20 51.46
C ILE A 96 -10.78 4.90 52.89
N MET A 97 -12.04 5.20 53.22
CA MET A 97 -12.50 5.12 54.60
C MET A 97 -13.15 3.77 54.91
N LYS A 98 -14.22 3.43 54.19
CA LYS A 98 -14.96 2.20 54.43
C LYS A 98 -14.92 1.34 53.17
N PHE A 99 -14.71 0.04 53.38
CA PHE A 99 -14.67 -0.91 52.27
C PHE A 99 -14.99 -2.30 52.81
N LYS A 100 -15.42 -3.17 51.90
CA LYS A 100 -15.71 -4.56 52.22
C LYS A 100 -14.71 -5.45 51.51
N SER A 101 -14.06 -6.33 52.25
CA SER A 101 -13.08 -7.26 51.70
C SER A 101 -13.66 -8.66 51.69
N LYS A 102 -13.18 -9.47 50.74
CA LYS A 102 -13.61 -10.85 50.62
C LYS A 102 -12.52 -11.63 49.91
N LYS A 103 -12.56 -12.95 50.09
CA LYS A 103 -11.67 -13.87 49.38
C LYS A 103 -12.44 -14.50 48.23
N VAL A 104 -11.88 -14.39 47.01
CA VAL A 104 -12.55 -14.94 45.84
C VAL A 104 -11.54 -15.80 45.07
N ASP A 105 -12.07 -16.72 44.28
CA ASP A 105 -11.29 -17.55 43.38
C ASP A 105 -11.63 -17.13 41.95
N LYS A 106 -10.61 -16.69 41.20
CA LYS A 106 -10.83 -16.18 39.86
C LYS A 106 -9.76 -16.70 38.92
N ASP A 107 -10.12 -16.76 37.64
CA ASP A 107 -9.22 -17.17 36.58
C ASP A 107 -8.79 -15.97 35.76
N TYR A 108 -7.62 -16.07 35.15
CA TYR A 108 -7.11 -14.99 34.30
C TYR A 108 -6.25 -15.60 33.21
N ALA A 109 -6.59 -15.31 31.96
CA ALA A 109 -5.89 -15.86 30.80
C ALA A 109 -5.68 -14.78 29.76
N PHE A 110 -5.26 -13.58 30.19
CA PHE A 110 -5.14 -12.45 29.29
C PHE A 110 -3.75 -11.84 29.33
N GLU A 111 -3.58 -10.67 28.70
CA GLU A 111 -2.25 -10.15 28.39
C GLU A 111 -1.72 -9.28 29.54
N ILE A 112 -1.32 -9.95 30.61
CA ILE A 112 -0.51 -9.34 31.66
C ILE A 112 0.43 -10.41 32.19
N PRO A 113 1.75 -10.19 32.19
CA PRO A 113 2.65 -11.25 32.64
C PRO A 113 2.52 -11.54 34.13
N ASP A 114 2.84 -12.78 34.49
CA ASP A 114 2.96 -13.19 35.88
C ASP A 114 1.61 -13.12 36.61
N VAL A 115 0.56 -13.60 35.96
CA VAL A 115 -0.74 -13.75 36.61
C VAL A 115 -1.18 -15.20 36.41
N PRO A 116 -1.28 -16.00 37.47
CA PRO A 116 -1.59 -17.42 37.29
C PRO A 116 -2.96 -17.62 36.66
N ALA A 117 -3.10 -18.74 35.96
CA ALA A 117 -4.35 -19.05 35.28
C ALA A 117 -5.52 -19.01 36.25
N SER A 118 -5.37 -19.66 37.41
CA SER A 118 -6.36 -19.64 38.47
C SER A 118 -5.69 -19.26 39.77
N SER A 119 -6.35 -18.42 40.56
CA SER A 119 -5.74 -17.98 41.81
C SER A 119 -6.81 -17.34 42.69
N GLU A 120 -6.44 -17.16 43.96
CA GLU A 120 -7.28 -16.49 44.93
C GLU A 120 -6.91 -15.01 44.98
N TYR A 121 -7.92 -14.15 44.98
CA TYR A 121 -7.75 -12.71 44.99
C TYR A 121 -8.48 -12.12 46.20
N LEU A 122 -8.02 -10.94 46.61
CA LEU A 122 -8.73 -10.15 47.61
C LEU A 122 -9.65 -9.18 46.89
N GLU A 123 -10.95 -9.39 47.00
CA GLU A 123 -11.95 -8.53 46.38
C GLU A 123 -12.33 -7.43 47.37
N VAL A 124 -12.05 -6.18 46.98
CA VAL A 124 -12.38 -5.02 47.80
C VAL A 124 -13.44 -4.23 47.05
N ARG A 125 -14.57 -3.99 47.74
CA ARG A 125 -15.67 -3.19 47.20
C ARG A 125 -15.80 -1.95 48.05
N TYR A 126 -15.77 -0.78 47.41
CA TYR A 126 -15.90 0.47 48.15
C TYR A 126 -16.62 1.50 47.31
N SER A 127 -17.16 2.51 47.98
CA SER A 127 -18.06 3.46 47.34
C SER A 127 -17.38 4.14 46.15
N ALA A 128 -18.21 4.60 45.22
CA ALA A 128 -17.72 5.27 44.02
C ALA A 128 -17.26 6.70 44.29
N ASP A 129 -17.67 7.29 45.41
CA ASP A 129 -17.22 8.63 45.76
C ASP A 129 -15.78 8.63 46.27
N SER A 130 -15.29 7.50 46.75
CA SER A 130 -13.90 7.43 47.20
C SER A 130 -12.96 7.51 46.01
N PRO A 131 -11.70 7.86 46.24
CA PRO A 131 -10.76 8.01 45.13
C PRO A 131 -10.56 6.70 44.38
N GLN A 132 -9.89 6.80 43.24
CA GLN A 132 -9.61 5.66 42.37
C GLN A 132 -8.14 5.27 42.51
N LEU A 133 -7.90 3.99 42.78
CA LEU A 133 -6.54 3.52 42.96
C LEU A 133 -5.78 3.57 41.63
N PRO A 134 -4.47 3.72 41.67
CA PRO A 134 -3.69 3.69 40.43
C PRO A 134 -3.74 2.32 39.78
N GLN A 135 -3.67 2.32 38.44
CA GLN A 135 -3.68 1.07 37.71
C GLN A 135 -2.44 0.24 38.02
N ASP A 136 -1.28 0.89 38.14
CA ASP A 136 -0.03 0.22 38.40
C ASP A 136 0.26 0.06 39.89
N LEU A 137 -0.78 0.13 40.73
CA LEU A 137 -0.58 0.00 42.17
C LEU A 137 0.00 -1.35 42.50
N LYS A 138 1.02 -1.36 43.37
CA LYS A 138 1.64 -2.59 43.82
C LYS A 138 2.10 -2.40 45.26
N GLY A 139 2.11 -3.50 46.01
CA GLY A 139 2.53 -3.49 47.39
C GLY A 139 3.45 -4.66 47.70
N GLU A 140 3.85 -4.75 48.97
CA GLU A 140 4.73 -5.83 49.37
C GLU A 140 4.01 -7.18 49.32
N THR A 141 2.72 -7.20 49.65
CA THR A 141 1.98 -8.45 49.70
C THR A 141 1.27 -8.78 48.40
N PHE A 142 0.87 -7.77 47.62
CA PHE A 142 0.13 -7.99 46.38
C PHE A 142 0.91 -7.42 45.20
N SER A 143 0.76 -8.08 44.05
CA SER A 143 1.53 -7.74 42.86
C SER A 143 0.77 -6.90 41.84
N HIS A 144 -0.55 -7.09 41.73
CA HIS A 144 -1.32 -6.35 40.74
C HIS A 144 -2.71 -6.08 41.28
N VAL A 145 -3.33 -5.05 40.70
CA VAL A 145 -4.67 -4.62 41.07
C VAL A 145 -5.51 -4.58 39.80
N PHE A 146 -6.62 -5.31 39.79
CA PHE A 146 -7.50 -5.42 38.62
C PHE A 146 -8.80 -4.70 38.89
N GLY A 147 -9.32 -4.03 37.87
CA GLY A 147 -10.63 -3.43 37.93
C GLY A 147 -10.68 -2.03 38.49
N THR A 148 -9.55 -1.32 38.51
CA THR A 148 -9.54 0.03 39.08
C THR A 148 -10.39 0.98 38.26
N ASN A 149 -10.35 0.88 36.93
CA ASN A 149 -11.04 1.81 36.05
C ASN A 149 -12.31 1.23 35.45
N THR A 150 -12.81 0.13 35.98
CA THR A 150 -14.06 -0.44 35.48
C THR A 150 -15.18 0.59 35.58
N SER A 151 -15.93 0.73 34.49
CA SER A 151 -17.00 1.71 34.45
C SER A 151 -18.19 1.25 35.28
N SER A 152 -18.95 2.22 35.78
CA SER A 152 -20.13 1.89 36.59
C SER A 152 -21.16 1.12 35.77
N LEU A 153 -21.38 1.54 34.51
CA LEU A 153 -22.35 0.85 33.68
C LEU A 153 -21.95 -0.60 33.43
N GLU A 154 -20.66 -0.83 33.17
CA GLU A 154 -20.19 -2.19 32.95
C GLU A 154 -20.38 -3.05 34.19
N LEU A 155 -20.01 -2.51 35.35
CA LEU A 155 -20.19 -3.25 36.59
C LEU A 155 -21.66 -3.58 36.80
N PHE A 156 -22.54 -2.62 36.54
CA PHE A 156 -23.97 -2.85 36.73
C PHE A 156 -24.47 -3.94 35.80
N LEU A 157 -24.16 -3.82 34.51
CA LEU A 157 -24.68 -4.78 33.53
C LEU A 157 -24.17 -6.18 33.80
N LEU A 158 -22.87 -6.31 34.09
CA LEU A 158 -22.32 -7.64 34.35
C LEU A 158 -22.80 -8.20 35.68
N SER A 159 -23.06 -7.33 36.66
CA SER A 159 -23.48 -7.81 37.98
C SER A 159 -24.92 -8.32 37.94
N ARG A 160 -25.82 -7.59 37.29
CA ARG A 160 -27.23 -7.96 37.25
C ARG A 160 -27.58 -8.84 36.05
N LYS A 161 -26.59 -9.21 35.24
CA LYS A 161 -26.83 -10.08 34.09
C LYS A 161 -27.86 -9.49 33.14
N ILE A 162 -27.69 -8.21 32.82
CA ILE A 162 -28.56 -7.52 31.87
C ILE A 162 -27.93 -7.63 30.50
N LYS A 163 -28.60 -8.32 29.59
CA LYS A 163 -28.11 -8.58 28.24
C LYS A 163 -29.04 -7.88 27.25
N GLY A 164 -28.70 -6.64 26.90
CA GLY A 164 -29.44 -5.90 25.91
C GLY A 164 -30.77 -5.43 26.43
N PRO A 165 -31.55 -4.77 25.57
CA PRO A 165 -32.86 -4.29 26.00
C PRO A 165 -33.73 -5.43 26.51
N SER A 166 -34.46 -5.16 27.59
CA SER A 166 -35.26 -6.18 28.25
C SER A 166 -36.17 -5.49 29.26
N TRP A 167 -37.09 -6.27 29.81
CA TRP A 167 -38.00 -5.80 30.85
C TRP A 167 -37.34 -5.98 32.21
N LEU A 168 -37.18 -4.88 32.93
CA LEU A 168 -36.56 -4.89 34.25
C LEU A 168 -37.59 -4.49 35.29
N GLU A 169 -37.53 -5.19 36.43
CA GLU A 169 -38.37 -4.92 37.58
C GLU A 169 -37.52 -4.24 38.65
N ILE A 170 -38.05 -3.16 39.21
CA ILE A 170 -37.39 -2.39 40.26
C ILE A 170 -38.22 -2.52 41.52
N LYS A 171 -37.58 -2.95 42.61
CA LYS A 171 -38.23 -3.09 43.91
C LYS A 171 -37.95 -1.85 44.74
N SER A 172 -39.01 -1.29 45.33
CA SER A 172 -38.90 -0.12 46.18
C SER A 172 -38.35 1.07 45.42
N PRO A 173 -38.96 1.45 44.30
CA PRO A 173 -38.53 2.67 43.61
C PRO A 173 -38.85 3.91 44.42
N GLN A 174 -38.02 4.93 44.25
CA GLN A 174 -38.18 6.22 44.92
C GLN A 174 -38.54 7.29 43.89
N LEU A 175 -38.71 8.51 44.38
CA LEU A 175 -39.04 9.66 43.55
C LEU A 175 -37.89 10.66 43.60
N SER A 176 -37.48 11.15 42.43
CA SER A 176 -36.39 12.10 42.36
C SER A 176 -36.80 13.42 43.01
N SER A 177 -35.86 14.03 43.73
CA SER A 177 -36.13 15.31 44.35
C SER A 177 -36.40 16.38 43.30
N GLN A 178 -35.59 16.41 42.24
CA GLN A 178 -35.75 17.34 41.14
C GLN A 178 -35.60 16.59 39.84
N PRO A 179 -36.26 17.04 38.76
CA PRO A 179 -36.12 16.34 37.48
C PRO A 179 -34.67 16.27 37.04
N MET A 180 -34.27 15.10 36.57
CA MET A 180 -32.93 14.88 36.04
C MET A 180 -32.92 14.59 34.55
N SER A 181 -34.07 14.29 33.96
CA SER A 181 -34.16 13.93 32.56
C SER A 181 -35.32 14.68 31.92
N TRP A 182 -35.40 14.59 30.59
CA TRP A 182 -36.52 15.13 29.82
C TRP A 182 -37.60 14.08 29.60
N CYS A 183 -37.70 13.10 30.47
CA CYS A 183 -38.61 11.97 30.32
C CYS A 183 -39.87 12.17 31.17
N LYS A 184 -40.93 11.47 30.75
CA LYS A 184 -42.22 11.65 31.41
C LYS A 184 -42.18 11.17 32.86
N VAL A 185 -41.53 10.04 33.12
CA VAL A 185 -41.50 9.42 34.43
C VAL A 185 -40.05 9.23 34.86
N GLU A 186 -39.79 9.45 36.15
CA GLU A 186 -38.46 9.26 36.71
C GLU A 186 -38.55 8.40 37.96
N ALA A 187 -37.50 7.63 38.20
CA ALA A 187 -37.40 6.79 39.40
C ALA A 187 -35.94 6.67 39.78
N VAL A 188 -35.72 6.38 41.06
CA VAL A 188 -34.36 6.23 41.60
C VAL A 188 -34.31 4.94 42.41
N VAL A 189 -33.26 4.16 42.21
CA VAL A 189 -32.99 2.96 43.00
C VAL A 189 -31.70 3.19 43.76
N THR A 190 -31.74 3.00 45.08
CA THR A 190 -30.57 3.28 45.90
C THR A 190 -29.50 2.21 45.73
N ARG A 191 -29.90 0.94 45.61
CA ARG A 191 -28.97 -0.16 45.50
C ARG A 191 -29.13 -0.84 44.15
N PRO A 192 -28.04 -1.14 43.43
CA PRO A 192 -28.19 -1.80 42.12
C PRO A 192 -28.86 -3.16 42.21
N ASP A 193 -28.83 -3.81 43.38
CA ASP A 193 -29.45 -5.12 43.52
C ASP A 193 -30.96 -5.07 43.41
N GLN A 194 -31.58 -3.89 43.43
CA GLN A 194 -33.02 -3.77 43.33
C GLN A 194 -33.55 -3.92 41.91
N VAL A 195 -32.66 -4.01 40.92
CA VAL A 195 -33.05 -4.14 39.52
C VAL A 195 -32.87 -5.59 39.11
N SER A 196 -33.93 -6.21 38.62
CA SER A 196 -33.91 -7.60 38.20
C SER A 196 -34.44 -7.70 36.78
N VAL A 197 -34.05 -8.77 36.08
CA VAL A 197 -34.38 -8.97 34.68
C VAL A 197 -35.62 -9.85 34.60
N VAL A 198 -36.73 -9.26 34.15
CA VAL A 198 -37.89 -10.05 33.77
C VAL A 198 -37.64 -10.71 32.42
N LYS A 199 -38.35 -11.80 32.15
CA LYS A 199 -38.07 -12.63 31.00
C LYS A 199 -39.34 -12.98 30.26
N ASP A 200 -39.19 -13.29 28.97
CA ASP A 200 -40.18 -13.88 28.08
C ASP A 200 -41.25 -12.91 27.60
N LEU A 201 -41.27 -11.66 28.08
CA LEU A 201 -42.29 -10.73 27.64
C LEU A 201 -41.90 -10.09 26.32
N ALA A 202 -42.91 -9.60 25.61
CA ALA A 202 -42.70 -8.99 24.30
C ALA A 202 -42.16 -7.57 24.44
N PRO A 203 -41.37 -7.11 23.48
CA PRO A 203 -40.92 -5.71 23.50
C PRO A 203 -42.09 -4.78 23.26
N PRO A 204 -42.03 -3.55 23.78
CA PRO A 204 -43.07 -2.57 23.51
C PRO A 204 -42.79 -1.83 22.22
N PRO A 205 -43.80 -1.16 21.66
CA PRO A 205 -43.54 -0.29 20.52
C PRO A 205 -42.76 0.95 20.92
N VAL A 206 -42.06 1.54 19.95
CA VAL A 206 -41.21 2.68 20.18
C VAL A 206 -41.58 3.80 19.22
N VAL A 207 -41.24 5.03 19.60
CA VAL A 207 -41.46 6.19 18.76
C VAL A 207 -40.22 6.41 17.91
N VAL A 208 -40.40 6.43 16.60
CA VAL A 208 -39.32 6.59 15.64
C VAL A 208 -39.53 7.91 14.90
N LEU A 209 -38.47 8.70 14.79
CA LEU A 209 -38.49 9.99 14.13
C LEU A 209 -37.39 10.03 13.09
N SER A 210 -37.77 10.13 11.82
CA SER A 210 -36.82 10.26 10.72
C SER A 210 -36.64 11.73 10.41
N LEU A 211 -35.38 12.17 10.40
CA LEU A 211 -35.05 13.58 10.39
C LEU A 211 -34.18 13.90 9.18
N SER A 212 -34.54 14.93 8.43
CA SER A 212 -33.72 15.47 7.37
C SER A 212 -33.65 16.98 7.52
N MET A 213 -32.56 17.58 7.08
CA MET A 213 -32.42 19.02 7.18
C MET A 213 -31.65 19.57 5.99
N LYS A 214 -32.06 20.75 5.55
CA LYS A 214 -31.39 21.49 4.49
C LYS A 214 -30.59 22.62 5.14
N THR A 215 -29.31 22.69 4.79
CA THR A 215 -28.41 23.73 5.26
C THR A 215 -27.78 24.43 4.06
N VAL A 216 -27.18 25.60 4.31
CA VAL A 216 -26.47 26.35 3.30
C VAL A 216 -25.16 26.86 3.91
N GLN A 217 -24.09 26.76 3.14
CA GLN A 217 -22.78 27.23 3.59
C GLN A 217 -22.68 28.74 3.42
N ASN A 218 -22.21 29.42 4.46
CA ASN A 218 -22.00 30.86 4.43
C ASN A 218 -20.60 31.15 3.92
N ALA A 219 -20.50 31.79 2.77
CA ALA A 219 -19.20 32.12 2.19
C ALA A 219 -18.43 33.10 3.06
N LYS A 220 -19.10 33.85 3.92
CA LYS A 220 -18.43 34.85 4.75
C LYS A 220 -18.04 34.29 6.11
N THR A 221 -18.97 33.63 6.79
CA THR A 221 -18.70 33.04 8.10
C THR A 221 -18.18 31.62 8.01
N HIS A 222 -18.18 31.00 6.83
CA HIS A 222 -17.66 29.65 6.64
C HIS A 222 -18.36 28.66 7.57
N GLN A 223 -19.68 28.76 7.67
CA GLN A 223 -20.47 27.90 8.53
C GLN A 223 -21.73 27.47 7.79
N ASN A 224 -22.30 26.36 8.25
CA ASN A 224 -23.51 25.80 7.67
C ASN A 224 -24.72 26.25 8.47
N GLU A 225 -25.62 26.99 7.84
CA GLU A 225 -26.83 27.48 8.49
C GLU A 225 -27.98 26.53 8.16
N ILE A 226 -28.59 25.96 9.21
CA ILE A 226 -29.76 25.13 9.02
C ILE A 226 -30.89 26.00 8.50
N VAL A 227 -31.41 25.67 7.33
CA VAL A 227 -32.46 26.47 6.72
C VAL A 227 -33.80 25.76 6.67
N ALA A 228 -33.82 24.43 6.75
CA ALA A 228 -35.08 23.70 6.80
C ALA A 228 -34.88 22.40 7.56
N ILE A 229 -35.94 21.93 8.22
CA ILE A 229 -35.93 20.63 8.87
C ILE A 229 -37.28 19.95 8.63
N ALA A 230 -37.24 18.67 8.28
CA ALA A 230 -38.43 17.85 8.08
C ALA A 230 -38.30 16.59 8.92
N ALA A 231 -39.38 16.21 9.58
CA ALA A 231 -39.39 15.06 10.47
C ALA A 231 -40.66 14.25 10.25
N LEU A 232 -40.48 12.93 10.13
CA LEU A 232 -41.58 11.97 9.99
C LEU A 232 -41.60 11.08 11.23
N VAL A 233 -42.75 10.98 11.89
CA VAL A 233 -42.86 10.35 13.19
C VAL A 233 -43.85 9.20 13.13
N HIS A 234 -43.42 8.04 13.61
CA HIS A 234 -44.29 6.90 13.89
C HIS A 234 -44.29 6.66 15.38
N HIS A 235 -45.48 6.68 16.00
CA HIS A 235 -45.57 6.65 17.45
C HIS A 235 -45.57 5.24 18.02
N THR A 236 -45.94 4.24 17.23
CA THR A 236 -45.94 2.84 17.68
C THR A 236 -45.18 2.03 16.64
N PHE A 237 -43.86 1.96 16.80
CA PHE A 237 -43.01 1.26 15.85
C PHE A 237 -42.59 -0.08 16.43
N PRO A 238 -42.86 -1.20 15.77
CA PRO A 238 -42.47 -2.50 16.32
C PRO A 238 -40.99 -2.77 16.19
N LEU A 239 -40.48 -3.56 17.13
CA LEU A 239 -39.11 -4.04 17.11
C LEU A 239 -39.00 -5.54 16.89
N ASP A 240 -40.12 -6.26 16.94
CA ASP A 240 -40.14 -7.69 16.70
C ASP A 240 -41.07 -8.09 15.57
N LYS A 241 -41.85 -7.17 15.03
CA LYS A 241 -42.78 -7.44 13.95
C LYS A 241 -42.24 -6.82 12.66
N ALA A 242 -43.05 -6.90 11.60
CA ALA A 242 -42.66 -6.31 10.33
C ALA A 242 -42.82 -4.80 10.37
N PRO A 243 -42.03 -4.07 9.59
CA PRO A 243 -42.15 -2.60 9.58
C PRO A 243 -43.54 -2.17 9.13
N PRO A 244 -44.11 -1.14 9.74
CA PRO A 244 -45.47 -0.73 9.37
C PRO A 244 -45.53 -0.16 7.96
N GLN A 245 -46.71 -0.30 7.36
CA GLN A 245 -47.01 0.34 6.07
C GLN A 245 -48.25 1.21 6.24
N PRO A 246 -48.14 2.54 6.18
CA PRO A 246 -46.95 3.34 5.90
C PRO A 246 -45.99 3.38 7.08
N PRO A 247 -44.72 3.76 6.87
CA PRO A 247 -43.75 3.74 7.97
C PRO A 247 -43.90 4.87 8.96
N PHE A 248 -44.80 5.82 8.73
CA PHE A 248 -44.96 6.97 9.61
C PHE A 248 -46.43 7.33 9.72
N GLN A 249 -46.76 8.02 10.81
CA GLN A 249 -48.11 8.51 11.06
C GLN A 249 -48.22 10.02 10.95
N THR A 250 -47.39 10.75 11.68
CA THR A 250 -47.41 12.21 11.66
C THR A 250 -46.11 12.74 11.09
N HIS A 251 -46.03 14.06 10.94
CA HIS A 251 -44.82 14.70 10.44
C HIS A 251 -44.93 16.19 10.68
N PHE A 252 -43.76 16.83 10.76
CA PHE A 252 -43.70 18.29 10.84
C PHE A 252 -42.54 18.80 10.01
N CYS A 253 -42.64 20.06 9.62
CA CYS A 253 -41.59 20.72 8.87
C CYS A 253 -41.45 22.15 9.39
N VAL A 254 -40.22 22.64 9.40
CA VAL A 254 -39.92 24.01 9.81
C VAL A 254 -39.01 24.63 8.76
N LEU A 255 -39.36 25.85 8.35
CA LEU A 255 -38.65 26.57 7.30
C LEU A 255 -38.28 27.96 7.81
N SER A 256 -37.09 28.42 7.43
CA SER A 256 -36.58 29.71 7.87
C SER A 256 -35.98 30.47 6.68
N LYS A 257 -35.88 31.78 6.84
CA LYS A 257 -35.23 32.66 5.87
C LYS A 257 -33.74 32.74 6.16
N LEU A 258 -32.94 32.89 5.11
CA LEU A 258 -31.49 32.79 5.22
C LEU A 258 -30.83 34.14 5.50
N ASN A 259 -31.25 34.81 6.58
CA ASN A 259 -30.46 35.94 7.07
C ASN A 259 -30.29 37.02 6.01
N ASP A 260 -31.37 37.76 5.71
CA ASP A 260 -31.42 38.77 4.65
C ASP A 260 -31.78 38.17 3.30
N CYS A 261 -32.23 36.92 3.29
CA CYS A 261 -32.89 36.32 2.13
C CYS A 261 -34.38 36.27 2.47
N ILE A 262 -35.09 37.35 2.20
CA ILE A 262 -36.47 37.49 2.64
C ILE A 262 -37.34 36.44 1.96
N PHE A 263 -38.43 36.05 2.64
CA PHE A 263 -39.35 35.10 2.07
C PHE A 263 -40.04 35.70 0.85
N PRO A 264 -40.54 34.87 -0.07
CA PRO A 264 -41.37 35.40 -1.14
C PRO A 264 -42.65 36.01 -0.59
N TYR A 265 -43.23 36.93 -1.35
CA TYR A 265 -44.38 37.71 -0.92
C TYR A 265 -45.45 36.88 -0.23
N ASP A 266 -45.88 35.79 -0.86
CA ASP A 266 -47.04 35.04 -0.38
C ASP A 266 -46.65 33.69 0.22
N TYR A 267 -45.57 33.65 1.00
CA TYR A 267 -45.14 32.39 1.60
C TYR A 267 -46.22 31.80 2.50
N ASN A 268 -46.84 32.65 3.34
CA ASN A 268 -47.82 32.13 4.29
C ASN A 268 -49.03 31.54 3.58
N GLU A 269 -49.53 32.23 2.56
CA GLU A 269 -50.71 31.73 1.85
C GLU A 269 -50.40 30.41 1.16
N ALA A 270 -49.24 30.30 0.52
CA ALA A 270 -48.88 29.06 -0.15
C ALA A 270 -48.74 27.92 0.86
N VAL A 271 -48.10 28.19 2.00
CA VAL A 271 -47.93 27.15 3.01
C VAL A 271 -49.28 26.69 3.53
N LYS A 272 -50.18 27.64 3.81
CA LYS A 272 -51.50 27.28 4.30
C LYS A 272 -52.27 26.47 3.26
N GLN A 273 -52.20 26.88 1.99
CA GLN A 273 -52.89 26.14 0.93
C GLN A 273 -52.35 24.74 0.80
N LYS A 274 -51.04 24.55 1.03
CA LYS A 274 -50.47 23.21 1.01
C LYS A 274 -51.13 22.29 2.03
N ASN A 275 -51.72 22.86 3.09
CA ASN A 275 -52.40 22.08 4.12
C ASN A 275 -51.45 21.05 4.73
N ALA A 276 -50.34 21.55 5.25
CA ALA A 276 -49.32 20.72 5.86
C ALA A 276 -48.94 21.30 7.22
N ASN A 277 -48.13 20.54 7.95
CA ASN A 277 -47.66 20.96 9.28
C ASN A 277 -46.34 21.72 9.17
N ILE A 278 -46.39 22.80 8.40
CA ILE A 278 -45.22 23.63 8.13
C ILE A 278 -45.25 24.83 9.06
N GLU A 279 -44.13 25.07 9.74
CA GLU A 279 -43.95 26.20 10.62
C GLU A 279 -42.91 27.14 10.04
N ILE A 280 -43.26 28.40 9.89
CA ILE A 280 -42.37 29.41 9.32
C ILE A 280 -41.67 30.12 10.47
N ALA A 281 -40.34 30.06 10.46
CA ALA A 281 -39.51 30.71 11.47
C ALA A 281 -38.83 31.92 10.84
N LEU A 282 -38.88 33.06 11.55
CA LEU A 282 -38.25 34.28 11.08
C LEU A 282 -36.75 34.29 11.29
N THR A 283 -36.20 33.34 12.03
CA THR A 283 -34.77 33.28 12.29
C THR A 283 -34.37 31.84 12.52
N GLU A 284 -33.06 31.58 12.39
CA GLU A 284 -32.55 30.25 12.71
C GLU A 284 -32.72 29.93 14.18
N ARG A 285 -32.62 30.93 15.05
CA ARG A 285 -32.81 30.71 16.47
C ARG A 285 -34.22 30.17 16.76
N THR A 286 -35.24 30.78 16.16
CA THR A 286 -36.60 30.32 16.35
C THR A 286 -36.77 28.91 15.78
N LEU A 287 -36.15 28.63 14.64
CA LEU A 287 -36.24 27.31 14.05
C LEU A 287 -35.66 26.26 14.99
N LEU A 288 -34.50 26.53 15.58
CA LEU A 288 -33.88 25.58 16.49
C LEU A 288 -34.71 25.41 17.76
N GLY A 289 -35.26 26.50 18.30
CA GLY A 289 -36.12 26.38 19.45
C GLY A 289 -37.35 25.55 19.17
N PHE A 290 -37.97 25.77 18.00
CA PHE A 290 -39.13 24.97 17.61
C PHE A 290 -38.75 23.50 17.48
N PHE A 291 -37.59 23.22 16.87
CA PHE A 291 -37.16 21.84 16.71
C PHE A 291 -36.95 21.17 18.06
N LEU A 292 -36.30 21.86 18.99
CA LEU A 292 -36.07 21.28 20.31
C LEU A 292 -37.40 21.04 21.03
N ALA A 293 -38.33 21.99 20.93
CA ALA A 293 -39.64 21.80 21.54
C ALA A 293 -40.35 20.58 20.96
N LYS A 294 -40.29 20.42 19.63
CA LYS A 294 -40.94 19.28 19.01
C LYS A 294 -40.29 17.97 19.41
N ILE A 295 -38.96 17.94 19.49
CA ILE A 295 -38.28 16.72 19.91
C ILE A 295 -38.66 16.38 21.35
N HIS A 296 -38.76 17.40 22.21
CA HIS A 296 -39.17 17.17 23.58
C HIS A 296 -40.58 16.61 23.65
N LYS A 297 -41.51 17.21 22.90
CA LYS A 297 -42.91 16.79 23.00
C LYS A 297 -43.11 15.40 22.39
N ILE A 298 -42.60 15.17 21.19
CA ILE A 298 -42.72 13.86 20.56
C ILE A 298 -41.96 12.82 21.37
N ASP A 299 -40.75 13.15 21.81
CA ASP A 299 -39.96 12.26 22.63
C ASP A 299 -39.66 10.97 21.89
N PRO A 300 -38.91 11.03 20.80
CA PRO A 300 -38.63 9.80 20.04
C PRO A 300 -37.63 8.91 20.77
N ASP A 301 -37.91 7.61 20.77
CA ASP A 301 -36.94 6.65 21.28
C ASP A 301 -35.81 6.45 20.28
N VAL A 302 -36.12 6.54 18.99
CA VAL A 302 -35.14 6.37 17.92
C VAL A 302 -35.23 7.57 17.00
N ILE A 303 -34.10 8.17 16.68
CA ILE A 303 -34.00 9.20 15.65
C ILE A 303 -33.12 8.66 14.55
N VAL A 304 -33.66 8.60 13.33
CA VAL A 304 -32.98 8.00 12.20
C VAL A 304 -32.69 9.09 11.17
N GLY A 305 -31.45 9.12 10.70
CA GLY A 305 -31.04 10.06 9.68
C GLY A 305 -29.90 9.49 8.87
N HIS A 306 -29.46 10.24 7.87
CA HIS A 306 -28.33 9.89 7.05
C HIS A 306 -27.18 10.84 7.37
N ASP A 307 -26.04 10.29 7.77
CA ASP A 307 -24.92 11.08 8.24
C ASP A 307 -25.34 11.94 9.44
N ILE A 308 -26.20 11.38 10.29
CA ILE A 308 -26.71 12.13 11.43
C ILE A 308 -25.63 12.35 12.46
N TYR A 309 -24.80 11.33 12.73
CA TYR A 309 -23.71 11.51 13.68
C TYR A 309 -22.70 12.53 13.20
N GLY A 310 -22.33 12.48 11.92
CA GLY A 310 -21.23 13.25 11.42
C GLY A 310 -21.56 14.65 10.95
N PHE A 311 -22.78 14.86 10.47
CA PHE A 311 -23.19 16.16 9.96
C PHE A 311 -24.34 16.77 10.73
N ASP A 312 -25.46 16.06 10.87
CA ASP A 312 -26.68 16.69 11.39
C ASP A 312 -26.52 17.10 12.84
N LEU A 313 -26.06 16.19 13.70
CA LEU A 313 -25.93 16.51 15.11
C LEU A 313 -24.88 17.58 15.35
N GLU A 314 -23.75 17.49 14.67
CA GLU A 314 -22.68 18.47 14.87
C GLU A 314 -23.16 19.86 14.45
N VAL A 315 -23.80 19.96 13.29
CA VAL A 315 -24.31 21.25 12.83
C VAL A 315 -25.37 21.76 13.78
N LEU A 316 -26.24 20.87 14.25
CA LEU A 316 -27.29 21.28 15.18
C LEU A 316 -26.70 21.89 16.44
N LEU A 317 -25.69 21.22 17.02
CA LEU A 317 -25.07 21.74 18.24
C LEU A 317 -24.36 23.06 17.97
N GLN A 318 -23.65 23.16 16.85
CA GLN A 318 -22.95 24.40 16.54
C GLN A 318 -23.92 25.56 16.36
N ARG A 319 -25.04 25.32 15.69
CA ARG A 319 -26.01 26.39 15.48
C ARG A 319 -26.78 26.70 16.76
N ILE A 320 -26.91 25.74 17.67
CA ILE A 320 -27.53 26.02 18.95
C ILE A 320 -26.61 26.90 19.79
N ASN A 321 -25.32 26.60 19.81
CA ASN A 321 -24.39 27.40 20.60
C ASN A 321 -23.99 28.69 19.92
N SER A 322 -24.27 28.84 18.63
CA SER A 322 -24.02 30.09 17.92
C SER A 322 -25.18 31.07 18.04
N CYS A 323 -26.41 30.57 17.93
CA CYS A 323 -27.59 31.40 18.11
C CYS A 323 -27.97 31.57 19.58
N LYS A 324 -27.25 30.92 20.49
CA LYS A 324 -27.54 31.01 21.92
C LYS A 324 -28.95 30.52 22.23
N VAL A 325 -29.26 29.33 21.76
CA VAL A 325 -30.56 28.71 21.99
C VAL A 325 -30.52 27.95 23.31
N PRO A 326 -31.47 28.18 24.22
CA PRO A 326 -31.45 27.45 25.49
C PRO A 326 -31.93 26.02 25.36
N PHE A 327 -31.52 25.20 26.33
CA PHE A 327 -32.01 23.83 26.48
C PHE A 327 -31.59 22.96 25.30
N TRP A 328 -30.29 22.97 24.99
CA TRP A 328 -29.80 22.10 23.92
C TRP A 328 -30.03 20.63 24.27
N SER A 329 -29.99 20.29 25.54
CA SER A 329 -30.09 18.89 25.97
C SER A 329 -31.43 18.27 25.64
N LYS A 330 -32.43 19.07 25.27
CA LYS A 330 -33.69 18.51 24.80
C LYS A 330 -33.48 17.62 23.59
N ILE A 331 -32.37 17.79 22.87
CA ILE A 331 -32.04 16.85 21.80
C ILE A 331 -31.87 15.46 22.37
N GLY A 332 -31.29 15.36 23.56
CA GLY A 332 -31.19 14.10 24.27
C GLY A 332 -32.33 13.94 25.27
N ARG A 333 -32.09 13.08 26.26
CA ARG A 333 -33.08 12.81 27.29
C ARG A 333 -32.62 13.20 28.69
N LEU A 334 -31.33 13.36 28.93
CA LEU A 334 -30.81 13.79 30.21
C LEU A 334 -30.59 15.29 30.21
N ARG A 335 -30.78 15.91 31.37
CA ARG A 335 -30.60 17.34 31.53
C ARG A 335 -29.11 17.61 31.72
N ARG A 336 -28.47 18.08 30.67
CA ARG A 336 -27.05 18.39 30.67
C ARG A 336 -26.86 19.88 30.47
N SER A 337 -25.89 20.45 31.19
CA SER A 337 -25.59 21.88 31.11
C SER A 337 -24.46 22.17 30.13
N VAL A 338 -23.38 21.40 30.18
CA VAL A 338 -22.22 21.61 29.33
C VAL A 338 -22.31 20.68 28.12
N MET A 339 -22.05 21.23 26.94
CA MET A 339 -22.09 20.44 25.73
C MET A 339 -20.91 19.47 25.69
N PRO A 340 -21.04 18.36 24.98
CA PRO A 340 -19.96 17.37 24.93
C PRO A 340 -18.72 17.92 24.23
N LYS A 341 -17.58 17.33 24.59
CA LYS A 341 -16.34 17.69 23.93
C LYS A 341 -16.37 17.24 22.47
N LEU A 342 -15.59 17.93 21.64
CA LEU A 342 -15.51 17.56 20.24
C LEU A 342 -15.05 16.12 20.09
N GLY A 343 -15.24 15.58 18.89
CA GLY A 343 -15.02 14.15 18.68
C GLY A 343 -13.61 13.72 19.02
N GLY A 344 -12.62 14.46 18.54
CA GLY A 344 -11.24 14.04 18.76
C GLY A 344 -10.97 12.70 18.13
N ARG A 345 -10.29 11.84 18.89
CA ARG A 345 -9.94 10.51 18.38
C ARG A 345 -11.12 9.55 18.41
N SER A 346 -12.00 9.66 19.40
CA SER A 346 -13.08 8.68 19.55
C SER A 346 -13.99 8.68 18.33
N GLY A 347 -14.35 9.85 17.83
CA GLY A 347 -15.22 9.98 16.69
C GLY A 347 -16.49 10.74 17.02
N PHE A 348 -17.20 11.11 15.95
CA PHE A 348 -18.43 11.87 16.12
C PHE A 348 -19.48 11.09 16.89
N ALA A 349 -19.60 9.79 16.61
CA ALA A 349 -20.62 8.99 17.27
C ALA A 349 -20.39 8.93 18.78
N GLU A 350 -19.14 8.76 19.20
CA GLU A 350 -18.84 8.61 20.62
C GLU A 350 -18.71 9.97 21.29
N ARG A 351 -19.72 10.83 21.09
CA ARG A 351 -19.86 12.07 21.81
C ARG A 351 -21.11 12.11 22.66
N ASN A 352 -22.13 11.33 22.31
CA ASN A 352 -23.35 11.21 23.11
C ASN A 352 -24.08 12.55 23.20
N ALA A 353 -24.22 13.22 22.05
CA ALA A 353 -25.00 14.44 22.02
C ALA A 353 -26.45 14.17 22.41
N ALA A 354 -27.05 13.16 21.80
CA ALA A 354 -28.41 12.76 22.13
C ALA A 354 -28.39 11.56 23.07
N CYS A 355 -27.95 11.83 24.31
CA CYS A 355 -27.89 10.78 25.31
C CYS A 355 -29.31 10.30 25.64
N GLY A 356 -29.47 8.99 25.72
CA GLY A 356 -30.75 8.39 26.02
C GLY A 356 -31.64 8.17 24.81
N ARG A 357 -31.25 8.64 23.64
CA ARG A 357 -31.97 8.40 22.40
C ARG A 357 -31.09 7.57 21.48
N ILE A 358 -31.69 6.57 20.84
CA ILE A 358 -30.95 5.73 19.91
C ILE A 358 -30.92 6.42 18.56
N ILE A 359 -29.71 6.76 18.11
CA ILE A 359 -29.51 7.47 16.86
C ILE A 359 -29.08 6.45 15.81
N CYS A 360 -29.88 6.31 14.76
CA CYS A 360 -29.64 5.36 13.68
C CYS A 360 -29.19 6.12 12.44
N ASP A 361 -27.92 5.99 12.10
CA ASP A 361 -27.37 6.54 10.87
C ASP A 361 -27.39 5.44 9.82
N ILE A 362 -28.25 5.59 8.81
CA ILE A 362 -28.40 4.56 7.80
C ILE A 362 -27.13 4.36 6.99
N GLU A 363 -26.19 5.29 7.04
CA GLU A 363 -24.90 5.06 6.40
C GLU A 363 -24.16 3.89 7.05
N ILE A 364 -24.02 3.93 8.37
CA ILE A 364 -23.31 2.86 9.07
C ILE A 364 -24.08 1.55 8.97
N SER A 365 -25.40 1.61 9.18
CA SER A 365 -26.20 0.40 9.11
C SER A 365 -26.16 -0.22 7.72
N ALA A 366 -26.22 0.61 6.68
CA ALA A 366 -26.10 0.09 5.33
C ALA A 366 -24.73 -0.52 5.09
N LYS A 367 -23.67 0.16 5.54
CA LYS A 367 -22.32 -0.39 5.38
C LYS A 367 -22.21 -1.75 6.05
N GLU A 368 -22.96 -1.97 7.14
CA GLU A 368 -22.91 -3.24 7.83
C GLU A 368 -23.78 -4.30 7.16
N LEU A 369 -24.92 -3.90 6.61
CA LEU A 369 -25.95 -4.86 6.21
C LEU A 369 -26.08 -5.05 4.70
N ILE A 370 -25.61 -4.11 3.89
CA ILE A 370 -25.78 -4.20 2.44
C ILE A 370 -24.56 -3.61 1.76
N ARG A 371 -24.19 -4.20 0.63
CA ARG A 371 -23.06 -3.73 -0.17
C ARG A 371 -23.58 -2.81 -1.27
N CYS A 372 -22.91 -1.68 -1.46
CA CYS A 372 -23.30 -0.72 -2.47
C CYS A 372 -22.06 -0.07 -3.06
N LYS A 373 -22.21 0.49 -4.26
CA LYS A 373 -21.10 1.21 -4.88
C LYS A 373 -20.67 2.38 -4.02
N SER A 374 -21.63 3.13 -3.48
CA SER A 374 -21.35 4.19 -2.53
C SER A 374 -22.52 4.26 -1.56
N TYR A 375 -22.29 4.91 -0.42
CA TYR A 375 -23.28 4.99 0.64
C TYR A 375 -23.85 6.40 0.79
N HIS A 376 -23.76 7.22 -0.24
CA HIS A 376 -24.50 8.46 -0.26
C HIS A 376 -25.99 8.15 -0.41
N LEU A 377 -26.82 9.10 0.02
CA LEU A 377 -28.25 8.81 0.14
C LEU A 377 -28.87 8.46 -1.21
N SER A 378 -28.43 9.12 -2.29
CA SER A 378 -28.99 8.85 -3.60
C SER A 378 -28.72 7.41 -4.03
N GLU A 379 -27.50 6.92 -3.81
CA GLU A 379 -27.17 5.56 -4.19
C GLU A 379 -27.98 4.55 -3.38
N LEU A 380 -28.14 4.80 -2.07
CA LEU A 380 -28.93 3.91 -1.25
C LEU A 380 -30.38 3.90 -1.71
N VAL A 381 -30.92 5.07 -2.05
CA VAL A 381 -32.29 5.12 -2.57
C VAL A 381 -32.39 4.32 -3.86
N HIS A 382 -31.41 4.46 -4.74
CA HIS A 382 -31.45 3.74 -6.01
C HIS A 382 -31.38 2.23 -5.81
N GLN A 383 -30.53 1.78 -4.88
CA GLN A 383 -30.25 0.35 -4.75
C GLN A 383 -31.24 -0.38 -3.85
N ILE A 384 -31.76 0.27 -2.82
CA ILE A 384 -32.64 -0.39 -1.86
C ILE A 384 -34.11 -0.15 -2.19
N LEU A 385 -34.47 1.09 -2.52
CA LEU A 385 -35.85 1.42 -2.83
C LEU A 385 -36.14 1.45 -4.33
N LYS A 386 -35.12 1.32 -5.17
CA LYS A 386 -35.30 1.36 -6.63
C LYS A 386 -36.06 2.62 -7.05
N ALA A 387 -35.62 3.75 -6.53
CA ALA A 387 -36.23 5.04 -6.81
C ALA A 387 -35.15 6.04 -7.21
N GLU A 388 -35.59 7.22 -7.63
CA GLU A 388 -34.70 8.29 -8.05
C GLU A 388 -34.83 9.46 -7.07
N ARG A 389 -33.70 9.99 -6.63
CA ARG A 389 -33.65 11.05 -5.63
C ARG A 389 -33.13 12.32 -6.29
N VAL A 390 -33.86 13.42 -6.09
CA VAL A 390 -33.53 14.71 -6.69
C VAL A 390 -32.72 15.52 -5.69
N VAL A 391 -31.56 15.98 -6.12
CA VAL A 391 -30.66 16.78 -5.29
C VAL A 391 -30.73 18.22 -5.76
N ILE A 392 -31.18 19.11 -4.90
CA ILE A 392 -31.23 20.53 -5.22
C ILE A 392 -29.82 21.08 -5.08
N PRO A 393 -29.24 21.67 -6.12
CA PRO A 393 -27.86 22.15 -6.01
C PRO A 393 -27.75 23.21 -4.93
N PRO A 394 -26.59 23.33 -4.29
CA PRO A 394 -26.45 24.34 -3.23
C PRO A 394 -26.79 25.75 -3.70
N GLU A 395 -26.40 26.09 -4.93
CA GLU A 395 -26.69 27.43 -5.44
C GLU A 395 -28.18 27.63 -5.70
N ASN A 396 -28.96 26.55 -5.77
CA ASN A 396 -30.39 26.66 -6.00
C ASN A 396 -31.19 26.79 -4.70
N ILE A 397 -30.63 26.34 -3.57
CA ILE A 397 -31.37 26.44 -2.31
C ILE A 397 -31.60 27.89 -1.96
N ARG A 398 -30.58 28.74 -2.11
CA ARG A 398 -30.74 30.16 -1.82
C ARG A 398 -31.49 30.89 -2.93
N ASN A 399 -31.55 30.32 -4.13
CA ASN A 399 -32.36 30.89 -5.20
C ASN A 399 -33.83 30.47 -5.11
N ALA A 400 -34.15 29.50 -4.26
CA ALA A 400 -35.53 29.07 -4.08
C ALA A 400 -36.37 30.09 -3.32
N TYR A 401 -35.75 31.11 -2.73
CA TYR A 401 -36.46 32.13 -1.99
C TYR A 401 -36.97 33.26 -2.88
N ASN A 402 -37.08 33.03 -4.18
CA ASN A 402 -37.65 34.00 -5.09
C ASN A 402 -39.13 33.74 -5.34
N ASP A 403 -39.53 32.48 -5.38
CA ASP A 403 -40.92 32.10 -5.58
C ASP A 403 -41.36 31.15 -4.48
N SER A 404 -42.63 31.26 -4.08
CA SER A 404 -43.16 30.36 -3.07
C SER A 404 -43.18 28.93 -3.58
N VAL A 405 -43.38 28.73 -4.88
CA VAL A 405 -43.39 27.39 -5.44
C VAL A 405 -42.03 26.72 -5.25
N HIS A 406 -40.95 27.45 -5.53
CA HIS A 406 -39.61 26.89 -5.35
C HIS A 406 -39.34 26.55 -3.90
N LEU A 407 -39.78 27.42 -2.97
CA LEU A 407 -39.56 27.14 -1.56
C LEU A 407 -40.32 25.90 -1.12
N LEU A 408 -41.57 25.77 -1.56
CA LEU A 408 -42.35 24.58 -1.24
C LEU A 408 -41.69 23.35 -1.86
N TYR A 409 -41.10 23.48 -3.04
CA TYR A 409 -40.40 22.37 -3.65
C TYR A 409 -39.19 21.96 -2.81
N MET A 410 -38.45 22.92 -2.29
CA MET A 410 -37.32 22.61 -1.43
C MET A 410 -37.76 21.90 -0.16
N LEU A 411 -38.84 22.39 0.46
CA LEU A 411 -39.35 21.75 1.67
C LEU A 411 -39.84 20.33 1.36
N GLU A 412 -40.49 20.15 0.22
CA GLU A 412 -40.94 18.82 -0.17
C GLU A 412 -39.76 17.90 -0.46
N ASN A 413 -38.67 18.45 -0.98
CA ASN A 413 -37.47 17.64 -1.16
C ASN A 413 -36.94 17.16 0.18
N THR A 414 -36.92 18.04 1.19
CA THR A 414 -36.50 17.61 2.52
C THR A 414 -37.43 16.54 3.08
N TRP A 415 -38.74 16.72 2.90
CA TRP A 415 -39.70 15.73 3.37
C TRP A 415 -39.49 14.39 2.66
N ILE A 416 -39.23 14.42 1.36
CA ILE A 416 -38.98 13.20 0.60
C ILE A 416 -37.70 12.52 1.07
N ASP A 417 -36.69 13.32 1.42
CA ASP A 417 -35.46 12.73 1.95
C ASP A 417 -35.71 12.04 3.27
N ALA A 418 -36.50 12.65 4.16
CA ALA A 418 -36.85 11.99 5.41
C ALA A 418 -37.61 10.69 5.14
N LYS A 419 -38.54 10.72 4.19
CA LYS A 419 -39.27 9.52 3.83
C LYS A 419 -38.34 8.44 3.31
N PHE A 420 -37.37 8.82 2.49
CA PHE A 420 -36.41 7.85 1.96
C PHE A 420 -35.58 7.24 3.09
N ILE A 421 -35.16 8.07 4.05
CA ILE A 421 -34.38 7.54 5.17
C ILE A 421 -35.20 6.53 5.94
N LEU A 422 -36.45 6.87 6.25
CA LEU A 422 -37.29 5.94 7.00
C LEU A 422 -37.52 4.65 6.21
N GLN A 423 -37.73 4.78 4.90
CA GLN A 423 -37.96 3.60 4.07
C GLN A 423 -36.74 2.71 4.01
N ILE A 424 -35.55 3.29 3.91
CA ILE A 424 -34.33 2.48 3.89
C ILE A 424 -34.14 1.79 5.23
N MET A 425 -34.46 2.49 6.33
CA MET A 425 -34.37 1.86 7.64
C MET A 425 -35.32 0.66 7.74
N CYS A 426 -36.57 0.85 7.29
CA CYS A 426 -37.55 -0.23 7.38
C CYS A 426 -37.17 -1.40 6.49
N GLU A 427 -36.73 -1.12 5.26
CA GLU A 427 -36.44 -2.18 4.30
C GLU A 427 -35.30 -3.06 4.79
N LEU A 428 -34.23 -2.45 5.31
CA LEU A 428 -33.11 -3.21 5.82
C LEU A 428 -33.39 -3.83 7.18
N ASN A 429 -34.52 -3.49 7.82
CA ASN A 429 -34.85 -4.01 9.14
C ASN A 429 -33.73 -3.72 10.13
N VAL A 430 -33.30 -2.46 10.17
CA VAL A 430 -32.15 -2.10 10.99
C VAL A 430 -32.47 -2.23 12.46
N LEU A 431 -33.69 -1.89 12.86
CA LEU A 431 -34.00 -1.82 14.29
C LEU A 431 -34.21 -3.21 14.88
N PRO A 432 -35.00 -4.09 14.25
CA PRO A 432 -35.06 -5.46 14.76
C PRO A 432 -33.72 -6.16 14.79
N LEU A 433 -32.90 -5.94 13.76
CA LEU A 433 -31.58 -6.55 13.73
C LEU A 433 -30.70 -5.99 14.85
N ALA A 434 -30.77 -4.69 15.09
CA ALA A 434 -30.01 -4.09 16.18
C ALA A 434 -30.45 -4.65 17.52
N LEU A 435 -31.76 -4.81 17.71
CA LEU A 435 -32.25 -5.41 18.95
C LEU A 435 -31.71 -6.81 19.14
N GLN A 436 -31.76 -7.63 18.09
CA GLN A 436 -31.29 -9.01 18.22
C GLN A 436 -29.79 -9.06 18.46
N ILE A 437 -29.02 -8.22 17.76
CA ILE A 437 -27.59 -8.19 17.97
C ILE A 437 -27.27 -7.77 19.40
N THR A 438 -27.98 -6.76 19.92
CA THR A 438 -27.73 -6.30 21.28
C THR A 438 -28.07 -7.40 22.29
N ASN A 439 -29.18 -8.11 22.07
CA ASN A 439 -29.55 -9.17 23.00
C ASN A 439 -28.53 -10.31 22.96
N ILE A 440 -28.05 -10.67 21.77
CA ILE A 440 -27.07 -11.75 21.66
C ILE A 440 -25.76 -11.33 22.32
N ALA A 441 -25.28 -10.13 21.99
CA ALA A 441 -24.03 -9.67 22.56
C ALA A 441 -24.18 -9.26 24.01
N GLY A 442 -25.26 -8.55 24.33
CA GLY A 442 -25.50 -8.10 25.69
C GLY A 442 -24.87 -6.75 26.00
N ASN A 443 -24.99 -5.82 25.07
CA ASN A 443 -24.45 -4.48 25.20
C ASN A 443 -25.59 -3.47 25.17
N VAL A 444 -25.24 -2.20 25.10
CA VAL A 444 -26.21 -1.13 24.96
C VAL A 444 -26.55 -0.96 23.48
N MET A 445 -27.84 -0.75 23.19
CA MET A 445 -28.29 -0.69 21.80
C MET A 445 -27.70 0.52 21.09
N SER A 446 -27.52 1.64 21.80
CA SER A 446 -26.97 2.82 21.16
C SER A 446 -25.58 2.54 20.59
N ARG A 447 -24.76 1.79 21.33
CA ARG A 447 -23.44 1.46 20.82
C ARG A 447 -23.51 0.44 19.69
N THR A 448 -24.55 -0.41 19.69
CA THR A 448 -24.75 -1.30 18.56
C THR A 448 -25.02 -0.53 17.29
N LEU A 449 -25.86 0.50 17.37
CA LEU A 449 -26.18 1.30 16.20
C LEU A 449 -25.13 2.37 15.90
N MET A 450 -24.20 2.63 16.81
CA MET A 450 -23.12 3.57 16.52
C MET A 450 -22.15 2.98 15.50
N GLY A 451 -21.77 1.72 15.68
CA GLY A 451 -20.81 1.10 14.81
C GLY A 451 -19.39 1.53 15.12
N GLY A 452 -18.50 1.18 14.19
CA GLY A 452 -17.10 1.56 14.36
C GLY A 452 -16.47 0.81 15.51
N ARG A 453 -15.78 1.56 16.37
CA ARG A 453 -15.03 0.99 17.48
C ARG A 453 -15.87 0.85 18.74
N SER A 454 -17.17 1.10 18.68
CA SER A 454 -18.02 0.96 19.84
C SER A 454 -18.07 -0.50 20.29
N GLU A 455 -18.20 -0.71 21.59
CA GLU A 455 -18.13 -2.04 22.17
C GLU A 455 -19.40 -2.82 21.88
N ARG A 456 -19.30 -3.85 21.04
CA ARG A 456 -20.42 -4.73 20.75
C ARG A 456 -20.15 -6.17 21.15
N ASN A 457 -19.08 -6.79 20.65
CA ASN A 457 -18.78 -8.18 20.95
C ASN A 457 -17.88 -8.33 22.17
N GLU A 458 -17.16 -7.27 22.53
CA GLU A 458 -16.47 -7.26 23.80
C GLU A 458 -17.42 -7.57 24.93
N TYR A 459 -18.69 -7.16 24.81
CA TYR A 459 -19.65 -7.43 25.87
C TYR A 459 -20.06 -8.90 25.89
N LEU A 460 -20.18 -9.54 24.72
CA LEU A 460 -20.40 -10.97 24.69
C LEU A 460 -19.29 -11.69 25.44
N LEU A 461 -18.04 -11.33 25.12
CA LEU A 461 -16.91 -11.98 25.79
C LEU A 461 -16.88 -11.65 27.28
N LEU A 462 -17.23 -10.43 27.64
CA LEU A 462 -17.25 -10.03 29.05
C LEU A 462 -18.25 -10.85 29.83
N HIS A 463 -19.47 -10.99 29.30
CA HIS A 463 -20.47 -11.82 29.96
C HIS A 463 -19.99 -13.25 30.07
N ALA A 464 -19.43 -13.79 28.99
CA ALA A 464 -18.99 -15.19 29.02
C ALA A 464 -17.92 -15.42 30.07
N PHE A 465 -16.94 -14.51 30.16
CA PHE A 465 -15.86 -14.69 31.10
C PHE A 465 -16.32 -14.44 32.54
N THR A 466 -17.19 -13.45 32.74
CA THR A 466 -17.69 -13.18 34.09
C THR A 466 -18.51 -14.35 34.59
N GLU A 467 -19.28 -15.00 33.71
CA GLU A 467 -20.06 -16.17 34.11
C GLU A 467 -19.19 -17.36 34.45
N ASN A 468 -17.90 -17.31 34.13
CA ASN A 468 -16.99 -18.44 34.34
C ASN A 468 -15.84 -18.07 35.29
N ASN A 469 -16.09 -17.13 36.20
CA ASN A 469 -15.11 -16.76 37.23
C ASN A 469 -13.77 -16.37 36.61
N PHE A 470 -13.81 -15.28 35.86
CA PHE A 470 -12.61 -14.72 35.23
C PHE A 470 -12.48 -13.25 35.61
N ILE A 471 -11.24 -12.77 35.62
CA ILE A 471 -10.94 -11.36 35.81
C ILE A 471 -10.74 -10.77 34.42
N VAL A 472 -11.75 -10.07 33.93
CA VAL A 472 -11.73 -9.52 32.57
C VAL A 472 -10.66 -8.44 32.49
N PRO A 473 -10.05 -8.22 31.33
CA PRO A 473 -9.03 -7.17 31.23
C PRO A 473 -9.62 -5.79 31.43
N ASP A 474 -8.78 -4.88 31.95
CA ASP A 474 -9.21 -3.50 32.10
C ASP A 474 -9.33 -2.84 30.73
N LYS A 475 -10.29 -1.93 30.63
CA LYS A 475 -10.49 -1.23 29.36
C LYS A 475 -9.26 -0.39 29.03
N PRO A 476 -8.80 -0.41 27.79
CA PRO A 476 -7.64 0.41 27.44
C PRO A 476 -7.91 1.90 27.66
N VAL A 477 -6.88 2.60 28.11
CA VAL A 477 -7.00 4.03 28.38
C VAL A 477 -5.79 4.77 27.83
N GLY A 510 -3.87 -10.34 5.95
CA GLY A 510 -4.67 -11.35 5.26
C GLY A 510 -4.16 -11.62 3.87
N LEU A 511 -3.86 -12.89 3.59
CA LEU A 511 -3.37 -13.27 2.27
C LEU A 511 -4.43 -13.02 1.22
N VAL A 512 -3.99 -12.50 0.08
CA VAL A 512 -4.87 -12.21 -1.04
C VAL A 512 -4.33 -12.94 -2.26
N LEU A 513 -5.16 -13.79 -2.86
CA LEU A 513 -4.87 -14.38 -4.16
C LEU A 513 -5.19 -13.32 -5.20
N GLU A 514 -4.15 -12.69 -5.73
CA GLU A 514 -4.35 -11.49 -6.54
C GLU A 514 -5.25 -11.79 -7.73
N PRO A 515 -6.07 -10.81 -8.16
CA PRO A 515 -7.00 -11.09 -9.25
C PRO A 515 -6.27 -11.54 -10.51
N LYS A 516 -6.88 -12.50 -11.19
CA LYS A 516 -6.37 -12.98 -12.48
C LYS A 516 -7.10 -12.22 -13.56
N VAL A 517 -6.56 -11.03 -13.89
CA VAL A 517 -7.27 -10.11 -14.79
C VAL A 517 -7.54 -10.79 -16.12
N GLY A 518 -8.76 -10.60 -16.62
CA GLY A 518 -9.10 -11.19 -17.91
C GLY A 518 -10.60 -11.23 -18.12
N PHE A 519 -10.96 -11.82 -19.25
CA PHE A 519 -12.35 -11.98 -19.65
C PHE A 519 -12.71 -13.46 -19.58
N TYR A 520 -13.88 -13.76 -19.01
CA TYR A 520 -14.34 -15.13 -18.80
C TYR A 520 -15.74 -15.25 -19.35
N ASP A 521 -15.90 -16.07 -20.38
CA ASP A 521 -17.19 -16.33 -21.00
C ASP A 521 -17.92 -17.51 -20.38
N LYS A 522 -17.34 -18.13 -19.36
CA LYS A 522 -17.94 -19.26 -18.67
C LYS A 522 -18.49 -18.80 -17.33
N PHE A 523 -19.33 -19.65 -16.74
CA PHE A 523 -19.95 -19.32 -15.48
C PHE A 523 -18.89 -19.14 -14.39
N ILE A 524 -19.12 -18.19 -13.49
CA ILE A 524 -18.18 -17.86 -12.42
C ILE A 524 -18.90 -18.04 -11.09
N LEU A 525 -18.25 -18.71 -10.16
CA LEU A 525 -18.81 -19.06 -8.87
C LEU A 525 -18.22 -18.17 -7.79
N LEU A 526 -19.08 -17.59 -6.96
CA LEU A 526 -18.67 -16.79 -5.82
C LEU A 526 -19.00 -17.56 -4.55
N LEU A 527 -17.97 -17.82 -3.74
CA LEU A 527 -18.12 -18.51 -2.47
C LEU A 527 -17.81 -17.55 -1.33
N ASP A 528 -18.69 -17.50 -0.34
CA ASP A 528 -18.50 -16.63 0.82
C ASP A 528 -17.70 -17.37 1.87
N PHE A 529 -16.56 -16.80 2.25
CA PHE A 529 -15.69 -17.37 3.28
C PHE A 529 -15.70 -16.54 4.56
N ASN A 530 -16.77 -15.77 4.78
CA ASN A 530 -16.81 -14.90 5.96
C ASN A 530 -16.71 -15.69 7.25
N SER A 531 -17.17 -16.94 7.25
CA SER A 531 -17.12 -17.80 8.42
C SER A 531 -15.76 -18.45 8.59
N LEU A 532 -14.72 -17.93 7.94
CA LEU A 532 -13.41 -18.59 7.96
C LEU A 532 -12.78 -18.50 9.35
N TYR A 533 -12.75 -17.32 9.95
CA TYR A 533 -12.00 -17.11 11.18
C TYR A 533 -12.71 -17.71 12.39
N PRO A 534 -14.02 -17.53 12.54
CA PRO A 534 -14.72 -18.30 13.58
C PRO A 534 -14.55 -19.80 13.42
N SER A 535 -14.56 -20.29 12.19
CA SER A 535 -14.35 -21.72 11.97
C SER A 535 -12.96 -22.14 12.38
N ILE A 536 -11.95 -21.33 12.10
CA ILE A 536 -10.59 -21.65 12.52
C ILE A 536 -10.51 -21.67 14.03
N ILE A 537 -11.15 -20.70 14.69
CA ILE A 537 -11.11 -20.66 16.15
C ILE A 537 -11.77 -21.90 16.74
N GLN A 538 -12.90 -22.32 16.19
CA GLN A 538 -13.58 -23.52 16.68
C GLN A 538 -12.72 -24.76 16.45
N GLU A 539 -12.27 -24.97 15.21
CA GLU A 539 -11.66 -26.24 14.85
C GLU A 539 -10.35 -26.46 15.60
N TYR A 540 -9.53 -25.43 15.69
CA TYR A 540 -8.23 -25.54 16.35
C TYR A 540 -8.27 -25.15 17.82
N ASN A 541 -9.46 -24.88 18.36
CA ASN A 541 -9.61 -24.61 19.79
C ASN A 541 -8.76 -23.43 20.22
N ILE A 542 -8.67 -22.41 19.37
CA ILE A 542 -7.91 -21.21 19.71
C ILE A 542 -8.68 -20.42 20.75
N CYS A 543 -8.03 -20.13 21.88
CA CYS A 543 -8.67 -19.42 22.96
C CYS A 543 -7.62 -18.71 23.80
N PHE A 544 -8.08 -17.77 24.61
CA PHE A 544 -7.20 -17.12 25.57
C PHE A 544 -6.65 -18.11 26.59
N THR A 545 -7.34 -19.23 26.80
CA THR A 545 -6.98 -20.19 27.82
C THR A 545 -6.28 -21.43 27.28
N THR A 546 -6.19 -21.58 25.96
CA THR A 546 -5.61 -22.78 25.36
C THR A 546 -4.31 -22.52 24.60
N VAL A 547 -3.91 -21.25 24.43
CA VAL A 547 -2.74 -20.90 23.64
C VAL A 547 -1.75 -20.20 24.55
N HIS A 548 -0.50 -20.67 24.54
CA HIS A 548 0.55 -20.05 25.31
C HIS A 548 1.07 -18.81 24.59
N ARG A 549 1.33 -17.76 25.36
CA ARG A 549 1.78 -16.49 24.81
C ARG A 549 3.01 -15.98 25.54
N GLU A 562 6.63 -14.00 17.13
CA GLU A 562 6.49 -15.44 17.03
C GLU A 562 5.02 -15.85 17.14
N ILE A 563 4.61 -16.79 16.30
CA ILE A 563 3.24 -17.28 16.29
C ILE A 563 3.16 -18.49 17.21
N PRO A 564 2.29 -18.49 18.22
CA PRO A 564 2.24 -19.62 19.14
C PRO A 564 1.79 -20.90 18.44
N GLU A 565 2.26 -22.03 18.96
CA GLU A 565 1.88 -23.32 18.40
C GLU A 565 0.42 -23.63 18.72
N LEU A 566 -0.17 -24.47 17.88
CA LEU A 566 -1.57 -24.82 18.06
C LEU A 566 -1.77 -25.59 19.36
N PRO A 567 -2.89 -25.40 20.05
CA PRO A 567 -3.14 -26.19 21.26
C PRO A 567 -3.29 -27.67 20.95
N HIS A 568 -2.87 -28.50 21.89
CA HIS A 568 -2.99 -29.94 21.74
C HIS A 568 -4.46 -30.35 21.71
N SER A 569 -4.73 -31.44 20.99
CA SER A 569 -6.11 -31.92 20.88
C SER A 569 -6.64 -32.43 22.21
N ASP A 570 -5.78 -32.73 23.17
CA ASP A 570 -6.25 -33.23 24.46
C ASP A 570 -6.99 -32.16 25.24
N LEU A 571 -6.66 -30.89 25.03
CA LEU A 571 -7.28 -29.82 25.78
C LEU A 571 -8.77 -29.72 25.46
N GLU A 572 -9.57 -29.41 26.48
CA GLU A 572 -10.99 -29.22 26.29
C GLU A 572 -11.26 -27.87 25.61
N MET A 573 -12.49 -27.71 25.13
CA MET A 573 -12.85 -26.50 24.42
C MET A 573 -12.73 -25.28 25.33
N GLY A 574 -12.21 -24.19 24.78
CA GLY A 574 -12.08 -22.96 25.53
C GLY A 574 -13.37 -22.17 25.55
N ILE A 575 -13.32 -21.03 26.25
CA ILE A 575 -14.52 -20.20 26.39
C ILE A 575 -14.90 -19.57 25.06
N LEU A 576 -13.93 -18.97 24.37
CA LEU A 576 -14.24 -18.31 23.10
C LEU A 576 -14.70 -19.31 22.05
N PRO A 577 -14.02 -20.44 21.83
CA PRO A 577 -14.57 -21.45 20.93
C PRO A 577 -15.95 -21.93 21.34
N ARG A 578 -16.21 -22.04 22.64
CA ARG A 578 -17.54 -22.45 23.09
C ARG A 578 -18.59 -21.42 22.71
N GLU A 579 -18.28 -20.13 22.86
CA GLU A 579 -19.23 -19.10 22.48
C GLU A 579 -19.51 -19.12 20.98
N ILE A 580 -18.45 -19.27 20.18
CA ILE A 580 -18.63 -19.32 18.73
C ILE A 580 -19.47 -20.54 18.36
N ARG A 581 -19.20 -21.67 19.00
CA ARG A 581 -19.98 -22.88 18.74
C ARG A 581 -21.45 -22.67 19.12
N LYS A 582 -21.70 -22.01 20.24
CA LYS A 582 -23.07 -21.75 20.64
C LYS A 582 -23.78 -20.90 19.59
N LEU A 583 -23.12 -19.87 19.08
CA LEU A 583 -23.74 -19.03 18.06
C LEU A 583 -24.02 -19.82 16.79
N VAL A 584 -23.04 -20.62 16.35
CA VAL A 584 -23.23 -21.39 15.12
C VAL A 584 -24.38 -22.39 15.28
N GLU A 585 -24.42 -23.07 16.42
CA GLU A 585 -25.48 -24.06 16.65
C GLU A 585 -26.84 -23.40 16.78
N ARG A 586 -26.89 -22.21 17.39
CA ARG A 586 -28.16 -21.49 17.48
C ARG A 586 -28.66 -21.11 16.09
N ARG A 587 -27.76 -20.63 15.23
CA ARG A 587 -28.16 -20.30 13.87
C ARG A 587 -28.65 -21.55 13.14
N ARG A 588 -27.96 -22.68 13.33
CA ARG A 588 -28.40 -23.92 12.71
C ARG A 588 -29.79 -24.30 13.18
N HIS A 589 -30.05 -24.21 14.48
CA HIS A 589 -31.37 -24.56 15.00
C HIS A 589 -32.45 -23.65 14.45
N VAL A 590 -32.17 -22.34 14.39
CA VAL A 590 -33.16 -21.40 13.86
C VAL A 590 -33.44 -21.70 12.40
N LYS A 591 -32.40 -21.99 11.63
CA LYS A 591 -32.60 -22.33 10.22
C LYS A 591 -33.42 -23.61 10.07
N GLN A 592 -33.15 -24.61 10.91
CA GLN A 592 -33.93 -25.83 10.85
C GLN A 592 -35.40 -25.57 11.17
N LEU A 593 -35.67 -24.73 12.17
CA LEU A 593 -37.06 -24.38 12.45
C LEU A 593 -37.68 -23.63 11.29
N MET A 594 -36.90 -22.78 10.62
CA MET A 594 -37.43 -22.06 9.46
C MET A 594 -37.77 -23.01 8.33
N LYS A 595 -36.98 -24.07 8.15
CA LYS A 595 -37.25 -25.03 7.08
C LYS A 595 -38.61 -25.70 7.23
N GLN A 596 -39.19 -25.67 8.43
CA GLN A 596 -40.49 -26.30 8.65
C GLN A 596 -41.53 -25.64 7.73
N PRO A 597 -42.26 -26.43 6.95
CA PRO A 597 -43.30 -25.84 6.09
C PRO A 597 -44.58 -25.54 6.87
N ASP A 598 -45.40 -24.68 6.27
CA ASP A 598 -46.65 -24.23 6.89
C ASP A 598 -46.37 -23.57 8.24
N LEU A 599 -45.64 -22.46 8.17
CA LEU A 599 -45.24 -21.70 9.35
C LEU A 599 -45.78 -20.27 9.23
N ASN A 600 -46.02 -19.66 10.38
CA ASN A 600 -46.55 -18.29 10.38
C ASN A 600 -45.54 -17.34 9.75
N PRO A 601 -45.95 -16.49 8.80
CA PRO A 601 -44.99 -15.55 8.21
C PRO A 601 -44.35 -14.62 9.22
N ASP A 602 -45.08 -14.22 10.27
CA ASP A 602 -44.48 -13.36 11.29
C ASP A 602 -43.34 -14.07 12.01
N LEU A 603 -43.58 -15.32 12.42
CA LEU A 603 -42.51 -16.09 13.04
C LEU A 603 -41.38 -16.35 12.06
N TYR A 604 -41.69 -16.51 10.78
CA TYR A 604 -40.64 -16.65 9.77
C TYR A 604 -39.76 -15.42 9.73
N LEU A 605 -40.36 -14.22 9.76
CA LEU A 605 -39.58 -12.99 9.77
C LEU A 605 -38.73 -12.90 11.03
N GLN A 606 -39.31 -13.26 12.17
CA GLN A 606 -38.57 -13.23 13.42
C GLN A 606 -37.35 -14.15 13.35
N TYR A 607 -37.54 -15.36 12.85
CA TYR A 607 -36.44 -16.31 12.76
C TYR A 607 -35.39 -15.84 11.76
N ASP A 608 -35.82 -15.23 10.66
CA ASP A 608 -34.88 -14.71 9.69
C ASP A 608 -34.01 -13.61 10.30
N ILE A 609 -34.63 -12.69 11.04
CA ILE A 609 -33.87 -11.62 11.68
C ILE A 609 -32.90 -12.21 12.71
N ARG A 610 -33.36 -13.19 13.49
CA ARG A 610 -32.49 -13.80 14.48
C ARG A 610 -31.30 -14.50 13.82
N GLN A 611 -31.55 -15.21 12.72
CA GLN A 611 -30.47 -15.88 12.01
C GLN A 611 -29.46 -14.88 11.46
N LYS A 612 -29.95 -13.77 10.89
CA LYS A 612 -29.05 -12.74 10.41
C LYS A 612 -28.19 -12.19 11.54
N ALA A 613 -28.81 -11.93 12.70
CA ALA A 613 -28.05 -11.39 13.82
C ALA A 613 -27.00 -12.38 14.29
N LEU A 614 -27.36 -13.66 14.36
CA LEU A 614 -26.39 -14.67 14.78
C LEU A 614 -25.21 -14.74 13.82
N LYS A 615 -25.48 -14.69 12.51
CA LYS A 615 -24.40 -14.73 11.54
C LYS A 615 -23.51 -13.51 11.68
N LEU A 616 -24.11 -12.32 11.85
CA LEU A 616 -23.31 -11.11 11.98
C LEU A 616 -22.41 -11.19 13.21
N THR A 617 -22.96 -11.64 14.34
CA THR A 617 -22.16 -11.74 15.56
C THR A 617 -21.02 -12.74 15.39
N ALA A 618 -21.33 -13.91 14.81
CA ALA A 618 -20.30 -14.93 14.64
C ALA A 618 -19.18 -14.43 13.73
N ASN A 619 -19.54 -13.73 12.65
CA ASN A 619 -18.50 -13.24 11.74
C ASN A 619 -17.71 -12.09 12.35
N SER A 620 -18.32 -11.29 13.21
CA SER A 620 -17.62 -10.17 13.83
C SER A 620 -16.81 -10.59 15.05
N MET A 621 -16.99 -11.82 15.55
CA MET A 621 -16.27 -12.24 16.75
C MET A 621 -14.76 -11.99 16.66
N TYR A 622 -14.17 -12.22 15.49
CA TYR A 622 -12.72 -12.16 15.39
C TYR A 622 -12.18 -10.78 15.76
N GLY A 623 -12.95 -9.73 15.53
CA GLY A 623 -12.46 -8.39 15.80
C GLY A 623 -12.01 -8.18 17.24
N CYS A 624 -12.57 -8.96 18.16
CA CYS A 624 -12.17 -8.84 19.56
C CYS A 624 -10.70 -9.18 19.76
N LEU A 625 -10.20 -10.17 19.03
CA LEU A 625 -8.80 -10.58 19.12
C LEU A 625 -7.90 -9.81 18.18
N GLY A 626 -8.38 -9.44 17.00
CA GLY A 626 -7.53 -8.90 15.95
C GLY A 626 -7.23 -7.43 16.07
N PHE A 627 -8.23 -6.61 16.39
CA PHE A 627 -8.06 -5.17 16.39
C PHE A 627 -7.24 -4.74 17.60
N SER A 628 -6.27 -3.86 17.37
CA SER A 628 -5.39 -3.41 18.44
C SER A 628 -6.17 -2.65 19.50
N TYR A 629 -7.15 -1.85 19.09
CA TYR A 629 -7.98 -1.13 20.05
C TYR A 629 -8.91 -2.04 20.84
N SER A 630 -9.00 -3.31 20.47
CA SER A 630 -9.93 -4.22 21.13
C SER A 630 -9.56 -4.37 22.61
N ARG A 631 -10.59 -4.50 23.44
CA ARG A 631 -10.38 -4.77 24.85
C ARG A 631 -9.62 -6.06 25.07
N PHE A 632 -9.78 -7.02 24.16
CA PHE A 632 -9.22 -8.36 24.30
C PHE A 632 -8.07 -8.61 23.33
N TYR A 633 -7.40 -7.54 22.87
CA TYR A 633 -6.37 -7.69 21.86
C TYR A 633 -5.31 -8.68 22.32
N ALA A 634 -5.05 -9.67 21.46
CA ALA A 634 -4.03 -10.69 21.73
C ALA A 634 -3.27 -10.90 20.42
N LYS A 635 -2.16 -10.20 20.27
CA LYS A 635 -1.37 -10.33 19.04
C LYS A 635 -1.02 -11.78 18.71
N PRO A 636 -0.57 -12.61 19.66
CA PRO A 636 -0.31 -14.01 19.31
C PRO A 636 -1.51 -14.74 18.75
N LEU A 637 -2.69 -14.57 19.35
CA LEU A 637 -3.88 -15.29 18.90
C LEU A 637 -4.28 -14.82 17.50
N ALA A 638 -4.28 -13.51 17.27
CA ALA A 638 -4.63 -13.00 15.94
C ALA A 638 -3.64 -13.49 14.90
N ALA A 639 -2.35 -13.49 15.24
CA ALA A 639 -1.35 -13.97 14.29
C ALA A 639 -1.57 -15.44 13.96
N LEU A 640 -1.88 -16.26 14.97
CA LEU A 640 -2.12 -17.68 14.73
C LEU A 640 -3.35 -17.87 13.85
N VAL A 641 -4.42 -17.12 14.11
CA VAL A 641 -5.63 -17.25 13.31
C VAL A 641 -5.35 -16.85 11.87
N THR A 642 -4.61 -15.76 11.68
CA THR A 642 -4.30 -15.31 10.32
C THR A 642 -3.44 -16.35 9.59
N HIS A 643 -2.47 -16.94 10.29
CA HIS A 643 -1.63 -17.96 9.66
C HIS A 643 -2.45 -19.17 9.24
N GLN A 644 -3.36 -19.61 10.11
CA GLN A 644 -4.22 -20.74 9.74
C GLN A 644 -5.13 -20.38 8.58
N GLY A 645 -5.62 -19.15 8.55
CA GLY A 645 -6.44 -18.73 7.41
C GLY A 645 -5.66 -18.75 6.11
N ARG A 646 -4.40 -18.31 6.16
CA ARG A 646 -3.55 -18.40 4.97
C ARG A 646 -3.42 -19.84 4.51
N GLU A 647 -3.17 -20.75 5.44
CA GLU A 647 -3.04 -22.15 5.08
C GLU A 647 -4.31 -22.67 4.42
N ILE A 648 -5.47 -22.35 5.01
CA ILE A 648 -6.74 -22.80 4.45
C ILE A 648 -6.93 -22.27 3.05
N LEU A 649 -6.62 -20.98 2.85
CA LEU A 649 -6.82 -20.37 1.54
C LEU A 649 -5.95 -21.04 0.48
N LEU A 650 -4.67 -21.27 0.80
CA LEU A 650 -3.78 -21.89 -0.18
C LEU A 650 -4.22 -23.33 -0.47
N HIS A 651 -4.63 -24.07 0.56
CA HIS A 651 -5.09 -25.43 0.33
C HIS A 651 -6.35 -25.45 -0.52
N THR A 652 -7.25 -24.50 -0.30
CA THR A 652 -8.45 -24.41 -1.13
C THR A 652 -8.08 -24.14 -2.58
N LYS A 653 -7.12 -23.24 -2.81
CA LYS A 653 -6.65 -23.01 -4.17
C LYS A 653 -6.12 -24.28 -4.79
N GLU A 654 -5.32 -25.04 -4.04
CA GLU A 654 -4.78 -26.29 -4.58
C GLU A 654 -5.89 -27.27 -4.93
N MET A 655 -6.89 -27.39 -4.05
CA MET A 655 -8.01 -28.31 -4.32
C MET A 655 -8.74 -27.90 -5.59
N VAL A 656 -9.10 -26.62 -5.69
CA VAL A 656 -9.86 -26.16 -6.85
C VAL A 656 -9.06 -26.38 -8.12
N GLN A 657 -7.75 -26.13 -8.07
CA GLN A 657 -6.91 -26.38 -9.24
C GLN A 657 -6.91 -27.87 -9.60
N LYS A 658 -6.81 -28.74 -8.59
CA LYS A 658 -6.83 -30.17 -8.86
C LYS A 658 -8.15 -30.59 -9.51
N MET A 659 -9.23 -29.87 -9.24
CA MET A 659 -10.51 -30.17 -9.87
C MET A 659 -10.63 -29.60 -11.28
N ASN A 660 -9.54 -29.18 -11.90
CA ASN A 660 -9.50 -28.61 -13.25
C ASN A 660 -10.22 -27.28 -13.34
N LEU A 661 -10.52 -26.64 -12.21
CA LEU A 661 -11.11 -25.31 -12.20
C LEU A 661 -10.04 -24.28 -11.86
N GLU A 662 -10.41 -23.01 -11.96
CA GLU A 662 -9.49 -21.91 -11.77
C GLU A 662 -10.02 -20.97 -10.69
N VAL A 663 -9.18 -20.66 -9.71
CA VAL A 663 -9.49 -19.66 -8.70
C VAL A 663 -8.99 -18.32 -9.24
N ILE A 664 -9.91 -17.51 -9.76
CA ILE A 664 -9.51 -16.23 -10.36
C ILE A 664 -9.47 -15.10 -9.33
N TYR A 665 -9.95 -15.33 -8.12
CA TYR A 665 -9.68 -14.39 -7.04
C TYR A 665 -9.86 -15.09 -5.70
N GLY A 666 -9.14 -14.61 -4.69
CA GLY A 666 -9.26 -15.17 -3.36
C GLY A 666 -8.89 -14.20 -2.26
N ASP A 667 -9.77 -14.08 -1.27
CA ASP A 667 -9.54 -13.26 -0.10
C ASP A 667 -10.21 -13.93 1.09
N THR A 668 -9.79 -13.55 2.29
CA THR A 668 -10.33 -14.16 3.49
C THR A 668 -11.85 -14.12 3.53
N ASP A 669 -12.48 -13.23 2.77
CA ASP A 669 -13.93 -13.10 2.78
C ASP A 669 -14.62 -13.81 1.63
N SER A 670 -13.93 -14.11 0.52
CA SER A 670 -14.61 -14.68 -0.63
C SER A 670 -13.61 -15.40 -1.52
N ILE A 671 -14.15 -16.24 -2.40
CA ILE A 671 -13.38 -16.92 -3.43
C ILE A 671 -14.15 -16.85 -4.74
N MET A 672 -13.49 -16.42 -5.80
CA MET A 672 -14.06 -16.32 -7.13
C MET A 672 -13.41 -17.38 -8.00
N ILE A 673 -14.22 -18.32 -8.49
CA ILE A 673 -13.77 -19.52 -9.18
C ILE A 673 -14.33 -19.52 -10.60
N ASN A 674 -13.52 -19.98 -11.55
CA ASN A 674 -13.94 -20.14 -12.94
C ASN A 674 -14.42 -21.57 -13.15
N THR A 675 -15.73 -21.75 -13.27
CA THR A 675 -16.29 -23.09 -13.38
C THR A 675 -15.94 -23.73 -14.72
N ASN A 676 -15.85 -22.94 -15.79
CA ASN A 676 -15.54 -23.44 -17.12
C ASN A 676 -16.70 -24.24 -17.71
N CYS A 677 -17.92 -23.91 -17.32
CA CYS A 677 -19.11 -24.62 -17.75
C CYS A 677 -20.10 -23.65 -18.38
N ASN A 678 -20.86 -24.15 -19.35
CA ASN A 678 -21.91 -23.38 -20.01
C ASN A 678 -23.30 -23.72 -19.50
N ASN A 679 -23.41 -24.64 -18.54
CA ASN A 679 -24.70 -25.05 -17.99
C ASN A 679 -24.77 -24.66 -16.52
N LEU A 680 -25.92 -24.12 -16.11
CA LEU A 680 -26.07 -23.69 -14.72
C LEU A 680 -26.18 -24.88 -13.78
N GLU A 681 -26.80 -25.97 -14.23
CA GLU A 681 -26.93 -27.16 -13.39
C GLU A 681 -25.55 -27.72 -13.05
N GLU A 682 -24.67 -27.81 -14.04
CA GLU A 682 -23.31 -28.26 -13.78
C GLU A 682 -22.59 -27.27 -12.88
N VAL A 683 -22.92 -25.99 -12.96
CA VAL A 683 -22.30 -24.99 -12.09
C VAL A 683 -22.67 -25.27 -10.64
N PHE A 684 -23.96 -25.54 -10.39
CA PHE A 684 -24.39 -25.86 -9.03
C PHE A 684 -23.77 -27.15 -8.54
N LYS A 685 -23.67 -28.15 -9.43
CA LYS A 685 -23.02 -29.40 -9.06
C LYS A 685 -21.56 -29.17 -8.67
N LEU A 686 -20.85 -28.36 -9.45
CA LEU A 686 -19.45 -28.08 -9.13
C LEU A 686 -19.33 -27.31 -7.84
N GLY A 687 -20.25 -26.39 -7.58
CA GLY A 687 -20.24 -25.68 -6.30
C GLY A 687 -20.42 -26.61 -5.13
N ASN A 688 -21.38 -27.53 -5.24
CA ASN A 688 -21.57 -28.52 -4.18
C ASN A 688 -20.33 -29.38 -4.00
N ARG A 689 -19.70 -29.77 -5.10
CA ARG A 689 -18.50 -30.60 -5.03
C ARG A 689 -17.36 -29.84 -4.36
N VAL A 690 -17.20 -28.56 -4.69
CA VAL A 690 -16.15 -27.75 -4.07
C VAL A 690 -16.40 -27.61 -2.58
N LYS A 691 -17.67 -27.38 -2.20
CA LYS A 691 -18.00 -27.29 -0.79
C LYS A 691 -17.67 -28.59 -0.07
N SER A 692 -18.00 -29.72 -0.69
CA SER A 692 -17.70 -31.02 -0.06
C SER A 692 -16.21 -31.21 0.10
N GLU A 693 -15.43 -30.90 -0.95
CA GLU A 693 -13.99 -31.09 -0.88
C GLU A 693 -13.37 -30.20 0.19
N ILE A 694 -13.85 -28.97 0.33
CA ILE A 694 -13.34 -28.10 1.38
C ILE A 694 -13.73 -28.64 2.76
N ASN A 695 -15.00 -29.00 2.93
CA ASN A 695 -15.47 -29.46 4.23
C ASN A 695 -14.74 -30.73 4.67
N LYS A 696 -14.31 -31.56 3.71
CA LYS A 696 -13.63 -32.79 4.08
C LYS A 696 -12.35 -32.50 4.86
N SER A 697 -11.58 -31.51 4.42
CA SER A 697 -10.34 -31.17 5.12
C SER A 697 -10.58 -30.22 6.29
N TYR A 698 -11.74 -29.57 6.36
CA TYR A 698 -12.04 -28.62 7.43
C TYR A 698 -13.54 -28.74 7.72
N LYS A 699 -13.88 -29.54 8.73
CA LYS A 699 -15.28 -29.89 8.96
C LYS A 699 -16.11 -28.67 9.32
N LEU A 700 -15.57 -27.78 10.15
CA LEU A 700 -16.34 -26.65 10.66
C LEU A 700 -16.37 -25.47 9.71
N LEU A 701 -15.69 -25.54 8.57
CA LEU A 701 -15.69 -24.46 7.59
C LEU A 701 -16.90 -24.66 6.67
N GLU A 702 -17.96 -23.89 6.93
CA GLU A 702 -19.19 -23.97 6.15
C GLU A 702 -19.22 -22.84 5.14
N ILE A 703 -19.40 -23.20 3.87
CA ILE A 703 -19.33 -22.25 2.77
C ILE A 703 -20.69 -22.15 2.10
N ASP A 704 -20.94 -21.00 1.47
CA ASP A 704 -22.17 -20.77 0.74
C ASP A 704 -21.84 -20.08 -0.58
N ILE A 705 -22.73 -20.25 -1.55
CA ILE A 705 -22.60 -19.59 -2.84
C ILE A 705 -23.23 -18.21 -2.74
N ASP A 706 -22.45 -17.16 -2.98
CA ASP A 706 -22.93 -15.80 -2.84
C ASP A 706 -23.47 -15.22 -4.15
N GLY A 707 -23.13 -15.81 -5.29
CA GLY A 707 -23.64 -15.33 -6.55
C GLY A 707 -23.02 -16.11 -7.69
N ILE A 708 -23.55 -15.87 -8.88
CA ILE A 708 -23.07 -16.49 -10.10
C ILE A 708 -23.01 -15.44 -11.20
N PHE A 709 -21.95 -15.45 -11.98
CA PHE A 709 -21.79 -14.58 -13.14
C PHE A 709 -21.71 -15.44 -14.39
N LYS A 710 -22.50 -15.10 -15.41
CA LYS A 710 -22.38 -15.80 -16.69
C LYS A 710 -21.13 -15.37 -17.44
N SER A 711 -20.83 -14.08 -17.45
CA SER A 711 -19.63 -13.53 -18.05
C SER A 711 -19.00 -12.56 -17.07
N LEU A 712 -17.67 -12.45 -17.12
CA LEU A 712 -16.97 -11.58 -16.18
C LEU A 712 -15.72 -11.03 -16.83
N LEU A 713 -15.67 -9.71 -17.00
CA LEU A 713 -14.44 -8.99 -17.28
C LEU A 713 -13.92 -8.44 -15.97
N LEU A 714 -12.78 -8.95 -15.52
CA LEU A 714 -12.24 -8.65 -14.21
C LEU A 714 -10.92 -7.92 -14.36
N LEU A 715 -10.83 -6.72 -13.79
CA LEU A 715 -9.56 -6.00 -13.68
C LEU A 715 -9.05 -5.92 -12.25
N LYS A 716 -9.95 -6.01 -11.28
CA LYS A 716 -9.64 -5.89 -9.86
C LYS A 716 -10.90 -6.25 -9.11
N LYS A 717 -10.75 -6.81 -7.92
CA LYS A 717 -11.90 -6.91 -7.03
C LYS A 717 -12.40 -5.50 -6.77
N LYS A 718 -13.70 -5.29 -6.98
CA LYS A 718 -14.34 -3.98 -7.02
C LYS A 718 -14.10 -3.27 -8.35
N LYS A 719 -13.53 -3.96 -9.34
CA LYS A 719 -13.38 -3.41 -10.70
C LYS A 719 -13.67 -4.53 -11.70
N TYR A 720 -14.92 -4.59 -12.15
CA TYR A 720 -15.30 -5.62 -13.10
C TYR A 720 -16.63 -5.26 -13.75
N ALA A 721 -16.91 -5.96 -14.83
CA ALA A 721 -18.22 -5.98 -15.46
C ALA A 721 -18.68 -7.43 -15.53
N ALA A 722 -19.96 -7.67 -15.25
CA ALA A 722 -20.42 -9.04 -15.15
C ALA A 722 -21.90 -9.12 -15.49
N LEU A 723 -22.34 -10.34 -15.74
CA LEU A 723 -23.76 -10.66 -15.94
C LEU A 723 -24.19 -11.50 -14.75
N THR A 724 -24.70 -10.83 -13.72
CA THR A 724 -25.19 -11.53 -12.55
C THR A 724 -26.36 -12.44 -12.93
N VAL A 725 -26.35 -13.65 -12.40
CA VAL A 725 -27.34 -14.67 -12.70
C VAL A 725 -28.24 -14.82 -11.48
N GLU A 726 -29.53 -14.56 -11.66
CA GLU A 726 -30.53 -14.86 -10.64
C GLU A 726 -31.33 -16.06 -11.11
N PRO A 727 -31.22 -17.22 -10.46
CA PRO A 727 -31.95 -18.40 -10.93
C PRO A 727 -33.41 -18.34 -10.50
N THR A 728 -34.31 -18.53 -11.46
CA THR A 728 -35.75 -18.49 -11.22
C THR A 728 -36.33 -19.87 -10.93
N GLY A 729 -35.50 -20.91 -10.89
CA GLY A 729 -35.98 -22.25 -10.64
C GLY A 729 -36.24 -23.04 -11.90
N ASP A 730 -36.00 -24.34 -11.85
CA ASP A 730 -36.26 -25.25 -12.98
C ASP A 730 -35.24 -25.06 -14.10
N GLY A 731 -34.01 -24.67 -13.76
CA GLY A 731 -32.96 -24.55 -14.74
C GLY A 731 -32.97 -23.29 -15.58
N LYS A 732 -33.90 -22.37 -15.34
CA LYS A 732 -33.98 -21.13 -16.07
C LYS A 732 -33.63 -19.97 -15.15
N TYR A 733 -32.91 -18.99 -15.69
CA TYR A 733 -32.36 -17.89 -14.90
C TYR A 733 -32.53 -16.59 -15.68
N VAL A 734 -32.30 -15.47 -14.98
CA VAL A 734 -32.32 -14.14 -15.57
C VAL A 734 -30.96 -13.50 -15.34
N THR A 735 -30.44 -12.84 -16.38
CA THR A 735 -29.16 -12.17 -16.31
C THR A 735 -29.36 -10.66 -16.18
N LYS A 736 -28.55 -10.03 -15.34
CA LYS A 736 -28.59 -8.59 -15.13
C LYS A 736 -27.18 -8.04 -15.17
N GLN A 737 -26.97 -6.97 -15.92
CA GLN A 737 -25.64 -6.36 -16.00
C GLN A 737 -25.25 -5.75 -14.67
N GLU A 738 -23.98 -5.90 -14.30
CA GLU A 738 -23.45 -5.37 -13.05
C GLU A 738 -22.06 -4.84 -13.32
N LEU A 739 -21.90 -3.52 -13.28
CA LEU A 739 -20.61 -2.86 -13.44
C LEU A 739 -20.19 -2.29 -12.10
N LYS A 740 -19.04 -2.73 -11.59
CA LYS A 740 -18.48 -2.22 -10.34
C LYS A 740 -17.15 -1.56 -10.64
N GLY A 741 -17.00 -0.31 -10.18
CA GLY A 741 -15.74 0.38 -10.27
C GLY A 741 -15.33 0.79 -11.65
N LEU A 742 -16.27 0.92 -12.58
CA LEU A 742 -15.96 1.33 -13.94
C LEU A 742 -16.30 2.78 -14.23
N ASP A 743 -16.77 3.53 -13.24
CA ASP A 743 -17.05 4.94 -13.44
C ASP A 743 -15.75 5.72 -13.59
N ILE A 744 -15.78 6.74 -14.44
CA ILE A 744 -14.60 7.56 -14.72
C ILE A 744 -14.71 8.84 -13.89
N VAL A 745 -13.72 9.05 -13.03
CA VAL A 745 -13.74 10.23 -12.16
C VAL A 745 -13.64 11.50 -13.01
N ARG A 746 -12.75 11.50 -14.00
CA ARG A 746 -12.63 12.64 -14.89
C ARG A 746 -13.88 12.75 -15.75
N ARG A 747 -14.42 13.95 -15.86
CA ARG A 747 -15.62 14.20 -16.64
C ARG A 747 -15.33 14.94 -17.94
N ASP A 748 -14.07 15.18 -18.27
CA ASP A 748 -13.70 15.87 -19.51
C ASP A 748 -13.43 14.84 -20.59
N TRP A 749 -14.50 14.18 -21.01
CA TRP A 749 -14.45 13.16 -22.05
C TRP A 749 -15.45 13.49 -23.14
N CYS A 750 -15.00 13.46 -24.38
CA CYS A 750 -15.88 13.71 -25.51
C CYS A 750 -16.91 12.60 -25.63
N GLU A 751 -18.07 12.94 -26.19
CA GLU A 751 -19.12 11.94 -26.33
C GLU A 751 -18.67 10.76 -27.18
N LEU A 752 -17.72 10.98 -28.09
CA LEU A 752 -17.20 9.89 -28.90
C LEU A 752 -16.61 8.78 -28.02
N ALA A 753 -15.74 9.16 -27.09
CA ALA A 753 -15.11 8.18 -26.21
C ALA A 753 -16.14 7.52 -25.31
N LYS A 754 -17.08 8.28 -24.77
CA LYS A 754 -18.10 7.71 -23.91
C LYS A 754 -18.92 6.66 -24.65
N GLN A 755 -19.35 6.98 -25.87
CA GLN A 755 -20.11 6.01 -26.66
C GLN A 755 -19.26 4.80 -27.01
N ALA A 756 -17.99 4.99 -27.33
CA ALA A 756 -17.12 3.85 -27.64
C ALA A 756 -17.01 2.93 -26.44
N GLY A 757 -16.79 3.49 -25.26
CA GLY A 757 -16.72 2.67 -24.06
C GLY A 757 -18.01 1.95 -23.76
N ASN A 758 -19.14 2.64 -23.92
CA ASN A 758 -20.44 2.02 -23.69
C ASN A 758 -20.65 0.85 -24.64
N TYR A 759 -20.30 1.02 -25.92
CA TYR A 759 -20.46 -0.07 -26.87
C TYR A 759 -19.54 -1.24 -26.53
N VAL A 760 -18.31 -0.96 -26.13
CA VAL A 760 -17.40 -2.04 -25.77
C VAL A 760 -17.94 -2.82 -24.58
N ILE A 761 -18.46 -2.12 -23.57
CA ILE A 761 -19.01 -2.81 -22.41
C ILE A 761 -20.26 -3.60 -22.81
N SER A 762 -21.06 -3.06 -23.71
CA SER A 762 -22.23 -3.80 -24.17
C SER A 762 -21.83 -5.08 -24.89
N GLN A 763 -20.79 -5.01 -25.71
CA GLN A 763 -20.31 -6.21 -26.40
C GLN A 763 -19.75 -7.22 -25.40
N ILE A 764 -19.01 -6.76 -24.40
CA ILE A 764 -18.45 -7.69 -23.43
C ILE A 764 -19.54 -8.36 -22.61
N LEU A 765 -20.56 -7.59 -22.22
CA LEU A 765 -21.65 -8.12 -21.41
C LEU A 765 -22.76 -8.76 -22.24
N SER A 766 -22.47 -9.14 -23.47
CA SER A 766 -23.37 -9.97 -24.25
C SER A 766 -23.00 -11.44 -24.03
N ASP A 767 -23.98 -12.31 -24.23
CA ASP A 767 -23.79 -13.74 -24.00
C ASP A 767 -23.03 -14.42 -25.14
N GLN A 768 -22.42 -13.67 -26.03
CA GLN A 768 -21.74 -14.24 -27.18
C GLN A 768 -20.39 -14.82 -26.77
N PRO A 769 -19.81 -15.69 -27.59
CA PRO A 769 -18.46 -16.17 -27.33
C PRO A 769 -17.42 -15.06 -27.46
N ARG A 770 -16.18 -15.42 -27.13
CA ARG A 770 -15.09 -14.44 -27.16
C ARG A 770 -14.83 -13.94 -28.58
N ASP A 771 -14.83 -14.85 -29.55
CA ASP A 771 -14.47 -14.47 -30.91
C ASP A 771 -15.47 -13.47 -31.49
N SER A 772 -16.76 -13.70 -31.27
CA SER A 772 -17.76 -12.77 -31.78
C SER A 772 -17.60 -11.39 -31.14
N ILE A 773 -17.33 -11.36 -29.84
CA ILE A 773 -17.14 -10.10 -29.14
C ILE A 773 -15.96 -9.34 -29.73
N VAL A 774 -14.84 -10.04 -29.95
CA VAL A 774 -13.65 -9.38 -30.47
C VAL A 774 -13.91 -8.88 -31.88
N GLU A 775 -14.59 -9.68 -32.71
CA GLU A 775 -14.90 -9.24 -34.07
C GLU A 775 -15.77 -8.00 -34.07
N ASN A 776 -16.80 -7.98 -33.23
CA ASN A 776 -17.66 -6.80 -33.16
C ASN A 776 -16.89 -5.57 -32.68
N ILE A 777 -16.02 -5.75 -31.70
CA ILE A 777 -15.24 -4.63 -31.19
C ILE A 777 -14.33 -4.09 -32.29
N GLN A 778 -13.68 -4.97 -33.04
CA GLN A 778 -12.83 -4.53 -34.14
C GLN A 778 -13.65 -3.78 -35.18
N LYS A 779 -14.83 -4.31 -35.52
CA LYS A 779 -15.69 -3.64 -36.48
C LYS A 779 -16.00 -2.21 -36.03
N LYS A 780 -16.46 -2.06 -34.79
CA LYS A 780 -16.85 -0.73 -34.32
C LYS A 780 -15.66 0.22 -34.25
N LEU A 781 -14.50 -0.28 -33.81
CA LEU A 781 -13.34 0.61 -33.70
C LEU A 781 -12.88 1.07 -35.07
N THR A 782 -12.83 0.16 -36.05
CA THR A 782 -12.47 0.57 -37.40
C THR A 782 -13.50 1.55 -37.96
N GLU A 783 -14.78 1.32 -37.70
CA GLU A 783 -15.82 2.24 -38.16
C GLU A 783 -15.62 3.62 -37.56
N ILE A 784 -15.35 3.69 -36.26
CA ILE A 784 -15.17 4.98 -35.60
C ILE A 784 -13.94 5.70 -36.16
N GLY A 785 -12.84 4.96 -36.34
CA GLY A 785 -11.65 5.58 -36.89
C GLY A 785 -11.88 6.14 -38.28
N GLU A 786 -12.54 5.36 -39.13
CA GLU A 786 -12.82 5.83 -40.49
C GLU A 786 -13.76 7.03 -40.47
N ASN A 787 -14.77 7.01 -39.59
CA ASN A 787 -15.67 8.15 -39.49
C ASN A 787 -14.93 9.40 -39.06
N VAL A 788 -14.04 9.28 -38.08
CA VAL A 788 -13.28 10.43 -37.61
C VAL A 788 -12.40 10.98 -38.72
N THR A 789 -11.70 10.08 -39.43
CA THR A 789 -10.80 10.54 -40.48
C THR A 789 -11.53 11.05 -41.71
N ASN A 790 -12.79 10.65 -41.90
CA ASN A 790 -13.61 11.12 -43.01
C ASN A 790 -14.41 12.37 -42.68
N GLY A 791 -14.34 12.85 -41.43
CA GLY A 791 -15.08 14.04 -41.06
C GLY A 791 -16.58 13.87 -41.12
N THR A 792 -17.09 12.68 -40.82
CA THR A 792 -18.52 12.43 -40.74
C THR A 792 -19.06 12.52 -39.33
N VAL A 793 -18.21 12.84 -38.34
CA VAL A 793 -18.61 12.87 -36.95
C VAL A 793 -19.20 14.24 -36.63
N PRO A 794 -20.39 14.31 -36.04
CA PRO A 794 -20.91 15.63 -35.63
C PRO A 794 -19.94 16.33 -34.70
N ILE A 795 -19.80 17.65 -34.90
CA ILE A 795 -18.81 18.40 -34.15
C ILE A 795 -19.15 18.44 -32.67
N THR A 796 -20.45 18.42 -32.34
CA THR A 796 -20.84 18.45 -30.94
C THR A 796 -20.26 17.27 -30.16
N GLN A 797 -19.95 16.18 -30.85
CA GLN A 797 -19.39 15.01 -30.18
C GLN A 797 -17.90 15.13 -29.93
N TYR A 798 -17.24 16.14 -30.48
CA TYR A 798 -15.85 16.42 -30.18
C TYR A 798 -15.67 17.35 -28.99
N GLU A 799 -16.75 17.91 -28.47
CA GLU A 799 -16.65 18.89 -27.41
C GLU A 799 -16.26 18.23 -26.09
N ILE A 800 -15.34 18.88 -25.37
CA ILE A 800 -14.89 18.43 -24.06
C ILE A 800 -15.24 19.51 -23.05
N ASN A 801 -15.96 19.13 -22.01
CA ASN A 801 -16.38 20.05 -20.95
C ASN A 801 -15.60 19.74 -19.68
N LYS A 802 -15.01 20.77 -19.09
CA LYS A 802 -14.26 20.62 -17.84
C LYS A 802 -14.60 21.76 -16.90
N ALA A 803 -14.77 21.43 -15.63
CA ALA A 803 -15.14 22.43 -14.64
C ALA A 803 -13.91 23.18 -14.15
N LEU A 804 -14.08 24.49 -13.95
CA LEU A 804 -13.01 25.36 -13.45
C LEU A 804 -13.16 25.46 -11.94
N THR A 805 -12.23 24.85 -11.21
CA THR A 805 -12.27 24.85 -9.75
C THR A 805 -11.52 26.01 -9.13
N LYS A 806 -10.98 26.91 -9.93
CA LYS A 806 -10.24 28.05 -9.44
C LYS A 806 -10.32 29.17 -10.47
N ASP A 807 -9.75 30.31 -10.15
CA ASP A 807 -9.50 31.30 -11.18
C ASP A 807 -8.41 30.78 -12.11
N PRO A 808 -8.58 30.93 -13.43
CA PRO A 808 -7.63 30.30 -14.35
C PRO A 808 -6.19 30.68 -14.10
N GLN A 809 -5.93 31.93 -13.68
CA GLN A 809 -4.56 32.35 -13.41
C GLN A 809 -3.96 31.68 -12.18
N ASP A 810 -4.77 31.03 -11.36
CA ASP A 810 -4.31 30.44 -10.11
C ASP A 810 -3.95 28.97 -10.23
N TYR A 811 -3.98 28.40 -11.43
CA TYR A 811 -3.58 27.02 -11.60
C TYR A 811 -2.06 26.94 -11.74
N PRO A 812 -1.36 26.24 -10.84
CA PRO A 812 0.10 26.13 -11.01
C PRO A 812 0.51 25.45 -12.30
N ASP A 813 -0.30 24.52 -12.80
CA ASP A 813 0.00 23.78 -14.03
C ASP A 813 -0.81 24.30 -15.21
N LYS A 814 -1.03 25.62 -15.27
CA LYS A 814 -1.89 26.18 -16.31
C LYS A 814 -1.37 25.88 -17.70
N LYS A 815 -0.04 25.75 -17.87
CA LYS A 815 0.51 25.53 -19.20
C LYS A 815 0.06 24.20 -19.78
N SER A 816 0.00 23.17 -18.95
CA SER A 816 -0.35 21.82 -19.39
C SER A 816 -1.84 21.56 -19.40
N LEU A 817 -2.66 22.53 -19.01
CA LEU A 817 -4.10 22.33 -18.87
C LEU A 817 -4.83 23.03 -20.02
N PRO A 818 -5.61 22.32 -20.85
CA PRO A 818 -6.23 22.98 -22.01
C PRO A 818 -7.42 23.84 -21.64
N HIS A 819 -8.23 23.38 -20.68
CA HIS A 819 -9.38 24.17 -20.25
C HIS A 819 -8.94 25.48 -19.61
N VAL A 820 -7.80 25.48 -18.93
CA VAL A 820 -7.26 26.73 -18.39
C VAL A 820 -6.82 27.65 -19.52
N HIS A 821 -6.22 27.08 -20.57
CA HIS A 821 -5.85 27.87 -21.74
C HIS A 821 -7.09 28.56 -22.32
N VAL A 822 -8.17 27.79 -22.49
CA VAL A 822 -9.38 28.36 -23.07
C VAL A 822 -10.00 29.39 -22.15
N ALA A 823 -9.95 29.15 -20.83
CA ALA A 823 -10.49 30.12 -19.89
C ALA A 823 -9.71 31.42 -19.92
N LEU A 824 -8.38 31.33 -20.01
CA LEU A 824 -7.56 32.54 -20.13
C LEU A 824 -7.90 33.29 -21.40
N TRP A 825 -8.08 32.57 -22.51
CA TRP A 825 -8.47 33.23 -23.74
C TRP A 825 -9.82 33.93 -23.58
N ILE A 826 -10.79 33.25 -22.96
CA ILE A 826 -12.11 33.83 -22.79
C ILE A 826 -12.03 35.11 -21.98
N ASN A 827 -11.25 35.09 -20.89
CA ASN A 827 -11.09 36.29 -20.08
C ASN A 827 -10.40 37.38 -20.86
N SER A 828 -9.42 37.03 -21.70
CA SER A 828 -8.73 38.03 -22.49
C SER A 828 -9.65 38.68 -23.51
N GLN A 829 -10.65 37.95 -24.02
CA GLN A 829 -11.52 38.53 -25.04
C GLN A 829 -12.25 39.76 -24.53
N GLY A 830 -12.76 39.71 -23.31
CA GLY A 830 -13.44 40.83 -22.70
C GLY A 830 -14.92 40.64 -22.43
N GLY A 831 -15.43 39.42 -22.49
CA GLY A 831 -16.81 39.13 -22.18
C GLY A 831 -16.98 38.73 -20.73
N ARG A 832 -18.02 37.93 -20.46
CA ARG A 832 -18.23 37.42 -19.12
C ARG A 832 -17.01 36.63 -18.66
N LYS A 833 -16.29 37.16 -17.67
CA LYS A 833 -15.11 36.48 -17.19
C LYS A 833 -15.49 35.15 -16.54
N VAL A 834 -14.66 34.15 -16.74
CA VAL A 834 -14.92 32.80 -16.23
C VAL A 834 -14.16 32.64 -14.92
N LYS A 835 -14.90 32.49 -13.83
CA LYS A 835 -14.35 32.27 -12.51
C LYS A 835 -14.51 30.80 -12.12
N ALA A 836 -14.18 30.47 -10.89
CA ALA A 836 -14.30 29.09 -10.43
C ALA A 836 -15.76 28.65 -10.44
N GLY A 837 -15.97 27.37 -10.72
CA GLY A 837 -17.30 26.81 -10.85
C GLY A 837 -17.86 26.84 -12.26
N ASP A 838 -17.18 27.50 -13.19
CA ASP A 838 -17.65 27.60 -14.56
C ASP A 838 -17.15 26.42 -15.38
N THR A 839 -17.96 26.02 -16.35
CA THR A 839 -17.64 24.91 -17.23
C THR A 839 -17.08 25.44 -18.55
N ILE A 840 -15.85 25.05 -18.87
CA ILE A 840 -15.19 25.44 -20.11
C ILE A 840 -15.36 24.31 -21.11
N SER A 841 -15.86 24.64 -22.29
CA SER A 841 -16.01 23.70 -23.39
C SER A 841 -14.96 24.01 -24.45
N TYR A 842 -14.25 22.97 -24.90
CA TYR A 842 -13.17 23.17 -25.84
C TYR A 842 -13.04 21.96 -26.75
N VAL A 843 -12.41 22.20 -27.90
CA VAL A 843 -12.09 21.16 -28.86
C VAL A 843 -10.62 21.32 -29.24
N ILE A 844 -9.88 20.22 -29.22
CA ILE A 844 -8.48 20.24 -29.60
C ILE A 844 -8.40 20.31 -31.12
N CYS A 845 -7.77 21.36 -31.65
CA CYS A 845 -7.72 21.62 -33.06
C CYS A 845 -6.28 21.76 -33.53
N GLN A 846 -6.04 21.34 -34.77
CA GLN A 846 -4.73 21.50 -35.39
C GLN A 846 -4.69 22.83 -36.13
N ASP A 847 -3.69 23.66 -35.80
CA ASP A 847 -3.59 25.00 -36.35
C ASP A 847 -2.21 25.28 -36.95
N GLY A 848 -1.35 24.28 -37.05
CA GLY A 848 -0.01 24.49 -37.56
C GLY A 848 0.82 25.33 -36.61
N SER A 849 1.05 24.82 -35.40
CA SER A 849 1.80 25.54 -34.39
C SER A 849 2.92 24.73 -33.75
N ASN A 850 2.97 23.42 -33.98
CA ASN A 850 4.00 22.57 -33.36
C ASN A 850 3.98 22.74 -31.84
N LEU A 851 2.79 22.87 -31.28
CA LEU A 851 2.59 23.05 -29.85
C LEU A 851 1.77 21.90 -29.29
N SER A 852 2.03 21.57 -28.03
CA SER A 852 1.36 20.46 -27.37
C SER A 852 -0.15 20.60 -27.47
N ALA A 853 -0.87 19.49 -27.34
CA ALA A 853 -2.32 19.52 -27.47
C ALA A 853 -2.96 20.47 -26.46
N SER A 854 -2.31 20.66 -25.31
CA SER A 854 -2.86 21.56 -24.31
C SER A 854 -2.93 22.99 -24.83
N GLN A 855 -1.91 23.42 -25.56
CA GLN A 855 -1.90 24.78 -26.10
C GLN A 855 -2.84 24.93 -27.28
N ARG A 856 -3.08 23.85 -28.03
CA ARG A 856 -3.98 23.89 -29.18
C ARG A 856 -5.41 23.54 -28.80
N ALA A 857 -5.94 24.22 -27.79
CA ALA A 857 -7.30 24.03 -27.32
C ALA A 857 -8.09 25.30 -27.63
N TYR A 858 -9.20 25.13 -28.34
CA TYR A 858 -9.98 26.26 -28.83
C TYR A 858 -11.46 26.06 -28.53
N ALA A 859 -12.13 27.17 -28.28
CA ALA A 859 -13.59 27.13 -28.14
C ALA A 859 -14.23 26.79 -29.48
N GLN A 860 -15.42 26.20 -29.42
CA GLN A 860 -16.07 25.72 -30.63
C GLN A 860 -16.36 26.87 -31.59
N GLU A 861 -16.82 28.02 -31.07
CA GLU A 861 -17.09 29.16 -31.93
C GLU A 861 -15.82 29.62 -32.64
N GLN A 862 -14.69 29.62 -31.93
CA GLN A 862 -13.43 29.99 -32.56
C GLN A 862 -13.09 29.03 -33.70
N LEU A 863 -13.34 27.74 -33.49
CA LEU A 863 -13.10 26.76 -34.54
C LEU A 863 -13.98 27.05 -35.75
N GLN A 864 -15.24 27.41 -35.52
CA GLN A 864 -16.15 27.68 -36.64
C GLN A 864 -15.82 29.01 -37.32
N LYS A 865 -15.16 29.94 -36.63
CA LYS A 865 -14.93 31.27 -37.18
C LYS A 865 -13.58 31.40 -37.89
N GLN A 866 -12.50 30.89 -37.27
CA GLN A 866 -11.16 31.24 -37.75
C GLN A 866 -10.94 30.77 -39.19
N GLU A 867 -11.37 29.57 -39.52
CA GLU A 867 -11.21 28.92 -40.81
C GLU A 867 -9.80 28.37 -40.99
N ASN A 868 -8.88 28.63 -40.07
CA ASN A 868 -7.57 27.99 -40.07
C ASN A 868 -7.49 26.85 -39.06
N LEU A 869 -8.61 26.50 -38.44
CA LEU A 869 -8.65 25.51 -37.37
C LEU A 869 -9.33 24.24 -37.87
N SER A 870 -8.72 23.09 -37.58
CA SER A 870 -9.28 21.79 -37.91
C SER A 870 -9.18 20.89 -36.70
N ILE A 871 -10.16 19.99 -36.55
CA ILE A 871 -10.19 19.10 -35.39
C ILE A 871 -9.00 18.15 -35.46
N ASP A 872 -8.28 18.03 -34.36
CA ASP A 872 -7.12 17.15 -34.25
C ASP A 872 -7.64 15.73 -34.09
N THR A 873 -7.86 15.06 -35.22
CA THR A 873 -8.41 13.71 -35.18
C THR A 873 -7.46 12.74 -34.49
N GLN A 874 -6.15 12.89 -34.73
CA GLN A 874 -5.19 12.01 -34.10
C GLN A 874 -5.29 12.10 -32.58
N TYR A 875 -5.42 13.31 -32.04
CA TYR A 875 -5.60 13.47 -30.61
C TYR A 875 -6.89 12.79 -30.15
N TYR A 876 -7.99 13.02 -30.86
CA TYR A 876 -9.26 12.50 -30.42
C TYR A 876 -9.33 10.98 -30.51
N LEU A 877 -8.45 10.36 -31.29
CA LEU A 877 -8.38 8.91 -31.36
C LEU A 877 -7.34 8.30 -30.42
N SER A 878 -6.27 9.02 -30.12
CA SER A 878 -5.20 8.48 -29.28
C SER A 878 -5.39 8.79 -27.81
N GLN A 879 -5.98 9.94 -27.48
CA GLN A 879 -6.06 10.40 -26.10
C GLN A 879 -7.48 10.41 -25.55
N GLN A 880 -8.49 10.20 -26.38
CA GLN A 880 -9.88 10.19 -25.93
C GLN A 880 -10.54 8.84 -26.10
N VAL A 881 -10.48 8.25 -27.30
CA VAL A 881 -11.15 6.99 -27.54
C VAL A 881 -10.29 5.82 -27.08
N HIS A 882 -9.00 5.85 -27.41
CA HIS A 882 -8.14 4.72 -27.11
C HIS A 882 -8.09 4.40 -25.62
N PRO A 883 -7.93 5.36 -24.71
CA PRO A 883 -7.92 5.01 -23.29
C PRO A 883 -9.23 4.41 -22.81
N VAL A 884 -10.35 5.06 -23.17
CA VAL A 884 -11.66 4.60 -22.72
C VAL A 884 -11.95 3.20 -23.24
N VAL A 885 -11.42 2.85 -24.39
CA VAL A 885 -11.67 1.53 -24.96
C VAL A 885 -10.69 0.49 -24.43
N ALA A 886 -9.42 0.86 -24.26
CA ALA A 886 -8.42 -0.09 -23.81
C ALA A 886 -8.57 -0.43 -22.34
N ARG A 887 -9.16 0.49 -21.55
CA ARG A 887 -9.38 0.17 -20.15
C ARG A 887 -10.36 -0.98 -19.98
N ILE A 888 -11.12 -1.32 -21.02
CA ILE A 888 -12.05 -2.44 -20.97
C ILE A 888 -11.62 -3.58 -21.87
N CYS A 889 -10.86 -3.32 -22.94
CA CYS A 889 -10.50 -4.35 -23.90
C CYS A 889 -9.14 -4.97 -23.64
N GLU A 890 -8.20 -4.23 -23.06
CA GLU A 890 -6.88 -4.79 -22.79
C GLU A 890 -6.95 -6.07 -21.95
N PRO A 891 -7.81 -6.19 -20.93
CA PRO A 891 -7.85 -7.43 -20.17
C PRO A 891 -8.10 -8.66 -21.01
N ILE A 892 -8.84 -8.53 -22.11
CA ILE A 892 -9.10 -9.68 -22.97
C ILE A 892 -7.78 -10.20 -23.53
N ASP A 893 -7.54 -11.49 -23.37
CA ASP A 893 -6.33 -12.09 -23.90
C ASP A 893 -6.34 -12.07 -25.41
N GLY A 894 -5.26 -11.57 -26.01
CA GLY A 894 -5.17 -11.40 -27.43
C GLY A 894 -5.41 -9.99 -27.91
N ILE A 895 -5.87 -9.09 -27.05
CA ILE A 895 -6.07 -7.69 -27.36
C ILE A 895 -5.15 -6.87 -26.49
N ASP A 896 -4.39 -5.97 -27.10
CA ASP A 896 -3.50 -5.06 -26.39
C ASP A 896 -3.77 -3.64 -26.87
N SER A 897 -3.09 -2.68 -26.24
CA SER A 897 -3.24 -1.28 -26.63
C SER A 897 -2.82 -1.07 -28.08
N ALA A 898 -1.75 -1.75 -28.50
CA ALA A 898 -1.29 -1.62 -29.88
C ALA A 898 -2.34 -2.09 -30.87
N LEU A 899 -3.02 -3.20 -30.57
CA LEU A 899 -4.04 -3.70 -31.47
C LEU A 899 -5.21 -2.73 -31.57
N ILE A 900 -5.62 -2.16 -30.44
CA ILE A 900 -6.72 -1.19 -30.45
C ILE A 900 -6.32 0.05 -31.25
N ALA A 901 -5.08 0.51 -31.07
CA ALA A 901 -4.60 1.64 -31.85
C ALA A 901 -4.61 1.33 -33.34
N MET A 902 -4.17 0.12 -33.71
CA MET A 902 -4.18 -0.28 -35.11
C MET A 902 -5.60 -0.27 -35.66
N TRP A 903 -6.55 -0.81 -34.90
CA TRP A 903 -7.93 -0.85 -35.36
C TRP A 903 -8.48 0.56 -35.51
N LEU A 904 -8.14 1.46 -34.59
CA LEU A 904 -8.60 2.85 -34.71
C LEU A 904 -7.95 3.57 -35.88
N GLY A 905 -6.83 3.06 -36.40
CA GLY A 905 -6.13 3.69 -37.49
C GLY A 905 -4.90 4.46 -37.10
N LEU A 906 -4.40 4.30 -35.88
CA LEU A 906 -3.24 5.03 -35.41
C LEU A 906 -1.98 4.21 -35.68
N ASP A 907 -0.85 4.64 -35.12
CA ASP A 907 0.41 3.93 -35.28
C ASP A 907 0.67 3.10 -34.03
N PRO A 908 0.67 1.77 -34.12
CA PRO A 908 0.91 0.96 -32.91
C PRO A 908 2.27 1.21 -32.28
N SER A 909 3.24 1.74 -33.02
CA SER A 909 4.56 1.98 -32.46
C SER A 909 4.51 2.88 -31.24
N GLN A 910 3.56 3.83 -31.22
CA GLN A 910 3.48 4.79 -30.13
C GLN A 910 2.78 4.25 -28.89
N PHE A 911 2.22 3.04 -28.96
CA PHE A 911 1.48 2.47 -27.84
C PHE A 911 2.15 1.23 -27.26
N ARG A 912 3.16 0.67 -27.91
CA ARG A 912 3.84 -0.50 -27.39
C ARG A 912 4.58 -0.18 -26.10
N ASP A 920 1.65 -10.95 -15.34
CA ASP A 920 1.38 -11.90 -14.27
C ASP A 920 2.64 -12.68 -13.92
N GLU A 921 2.91 -12.82 -12.62
CA GLU A 921 4.09 -13.55 -12.18
C GLU A 921 3.92 -15.06 -12.38
N GLU A 922 2.70 -15.57 -12.24
CA GLU A 922 2.50 -17.01 -12.37
C GLU A 922 2.86 -17.48 -13.78
N ASN A 923 2.39 -16.76 -14.80
CA ASN A 923 2.69 -17.16 -16.17
C ASN A 923 4.18 -17.07 -16.46
N ASP A 924 4.85 -16.04 -15.92
CA ASP A 924 6.28 -15.90 -16.13
C ASP A 924 7.02 -17.11 -15.55
N ALA A 925 6.63 -17.57 -14.37
CA ALA A 925 7.23 -18.75 -13.79
C ALA A 925 6.99 -19.98 -14.67
N LEU A 926 5.77 -20.10 -15.19
CA LEU A 926 5.42 -21.25 -16.02
C LEU A 926 6.25 -21.28 -17.30
N LEU A 927 6.79 -20.15 -17.73
CA LEU A 927 7.58 -20.07 -18.96
C LEU A 927 9.06 -19.87 -18.69
N GLY A 928 9.49 -19.93 -17.44
CA GLY A 928 10.91 -19.80 -17.12
C GLY A 928 11.16 -18.92 -15.91
N GLY A 929 10.33 -17.91 -15.71
CA GLY A 929 10.47 -17.02 -14.59
C GLY A 929 11.42 -15.87 -14.90
N PRO A 930 11.41 -14.85 -14.04
CA PRO A 930 12.30 -13.70 -14.28
C PRO A 930 13.77 -14.04 -14.24
N SER A 931 14.16 -15.16 -13.64
CA SER A 931 15.56 -15.50 -13.46
C SER A 931 16.16 -16.26 -14.64
N GLN A 932 15.35 -16.70 -15.60
CA GLN A 932 15.82 -17.50 -16.71
C GLN A 932 15.52 -16.84 -18.05
N LEU A 933 15.70 -15.53 -18.10
CA LEU A 933 15.48 -14.78 -19.34
C LEU A 933 16.78 -14.70 -20.14
N THR A 934 16.64 -14.64 -21.46
CA THR A 934 17.79 -14.39 -22.31
C THR A 934 18.24 -12.94 -22.17
N ASP A 935 19.49 -12.68 -22.57
CA ASP A 935 20.03 -11.34 -22.45
C ASP A 935 19.22 -10.34 -23.25
N GLU A 936 18.78 -10.73 -24.46
CA GLU A 936 18.01 -9.81 -25.29
C GLU A 936 16.71 -9.42 -24.62
N GLU A 937 16.01 -10.38 -24.01
CA GLU A 937 14.75 -10.08 -23.34
C GLU A 937 14.98 -9.38 -22.00
N LYS A 938 16.10 -9.66 -21.33
CA LYS A 938 16.37 -9.05 -20.04
C LYS A 938 16.67 -7.56 -20.19
N TYR A 939 17.26 -7.14 -21.31
CA TYR A 939 17.73 -5.78 -21.49
C TYR A 939 17.03 -5.08 -22.65
N ARG A 940 15.82 -5.50 -22.99
CA ARG A 940 15.16 -4.95 -24.17
C ARG A 940 14.59 -3.57 -23.93
N ASP A 941 14.38 -3.18 -22.68
CA ASP A 941 13.87 -1.85 -22.34
C ASP A 941 14.96 -0.91 -21.84
N CYS A 942 16.23 -1.31 -21.95
CA CYS A 942 17.33 -0.51 -21.45
C CYS A 942 17.92 0.33 -22.58
N GLU A 943 18.28 1.57 -22.25
CA GLU A 943 18.96 2.42 -23.21
C GLU A 943 20.36 1.89 -23.50
N ARG A 944 20.76 1.97 -24.77
CA ARG A 944 22.06 1.49 -25.18
C ARG A 944 23.08 2.61 -25.03
N PHE A 945 24.35 2.24 -25.01
CA PHE A 945 25.41 3.21 -24.72
C PHE A 945 25.72 4.04 -25.96
N LYS A 946 25.46 5.34 -25.88
CA LYS A 946 25.69 6.26 -26.99
C LYS A 946 26.98 7.01 -26.73
N PHE A 947 27.91 6.95 -27.68
CA PHE A 947 29.17 7.68 -27.59
C PHE A 947 29.43 8.39 -28.91
N PHE A 948 29.64 9.69 -28.85
CA PHE A 948 29.92 10.49 -30.05
C PHE A 948 31.41 10.49 -30.33
N CYS A 949 31.77 10.12 -31.56
CA CYS A 949 33.17 10.08 -31.93
C CYS A 949 33.78 11.47 -31.81
N PRO A 950 34.90 11.64 -31.10
CA PRO A 950 35.52 12.96 -31.04
C PRO A 950 35.93 13.50 -32.40
N LYS A 951 36.33 12.62 -33.32
CA LYS A 951 36.84 13.07 -34.61
C LYS A 951 35.72 13.43 -35.56
N CYS A 952 34.86 12.47 -35.90
CA CYS A 952 33.81 12.70 -36.87
C CYS A 952 32.50 13.18 -36.25
N GLY A 953 32.28 12.92 -34.96
CA GLY A 953 31.07 13.36 -34.30
C GLY A 953 29.86 12.49 -34.56
N THR A 954 30.02 11.32 -35.16
CA THR A 954 28.90 10.43 -35.40
C THR A 954 28.61 9.60 -34.18
N GLU A 955 27.32 9.39 -33.90
CA GLU A 955 26.91 8.59 -32.75
C GLU A 955 27.26 7.13 -32.96
N ASN A 956 27.76 6.49 -31.90
CA ASN A 956 28.02 5.07 -31.88
C ASN A 956 27.12 4.46 -30.82
N ILE A 957 26.30 3.49 -31.22
CA ILE A 957 25.40 2.78 -30.33
C ILE A 957 26.06 1.46 -29.98
N TYR A 958 26.25 1.23 -28.68
CA TYR A 958 26.85 0.00 -28.18
C TYR A 958 25.81 -0.77 -27.39
N ASP A 959 25.60 -2.03 -27.78
CA ASP A 959 24.66 -2.92 -27.12
C ASP A 959 25.27 -4.28 -26.83
N ASN A 960 26.52 -4.51 -27.22
CA ASN A 960 27.20 -5.78 -26.98
C ASN A 960 28.69 -5.51 -26.92
N VAL A 961 29.42 -6.46 -26.33
CA VAL A 961 30.87 -6.32 -26.24
C VAL A 961 31.50 -6.42 -27.63
N PHE A 962 30.96 -7.29 -28.49
CA PHE A 962 31.57 -7.60 -29.77
C PHE A 962 30.62 -7.26 -30.91
N ASP A 963 31.21 -6.85 -32.03
CA ASP A 963 30.48 -6.48 -33.23
C ASP A 963 31.03 -7.25 -34.42
N GLY A 964 30.13 -7.74 -35.26
CA GLY A 964 30.51 -8.50 -36.43
C GLY A 964 30.36 -10.00 -36.22
N SER A 965 30.65 -10.73 -37.30
CA SER A 965 30.53 -12.19 -37.30
C SER A 965 31.79 -12.81 -37.88
N GLY A 966 32.11 -14.00 -37.40
CA GLY A 966 33.26 -14.72 -37.92
C GLY A 966 34.57 -14.02 -37.57
N LEU A 967 35.56 -14.20 -38.46
CA LEU A 967 36.86 -13.59 -38.26
C LEU A 967 36.82 -12.07 -38.38
N GLN A 968 35.72 -11.50 -38.86
CA GLN A 968 35.55 -10.06 -38.94
C GLN A 968 35.03 -9.46 -37.63
N ILE A 969 34.92 -10.26 -36.58
CA ILE A 969 34.39 -9.80 -35.30
C ILE A 969 35.51 -9.16 -34.49
N GLU A 970 35.23 -7.99 -33.93
CA GLU A 970 36.16 -7.27 -33.09
C GLU A 970 35.37 -6.56 -32.00
N PRO A 971 36.03 -6.15 -30.92
CA PRO A 971 35.32 -5.40 -29.88
C PRO A 971 34.71 -4.13 -30.44
N GLY A 972 33.55 -3.77 -29.91
CA GLY A 972 32.80 -2.65 -30.47
C GLY A 972 33.58 -1.35 -30.46
N LEU A 973 34.37 -1.12 -29.42
CA LEU A 973 35.10 0.12 -29.25
C LEU A 973 36.42 0.14 -30.00
N LYS A 974 36.60 -0.73 -31.00
CA LYS A 974 37.83 -0.76 -31.78
C LYS A 974 37.76 0.15 -33.01
N ARG A 975 36.62 0.20 -33.67
CA ARG A 975 36.46 1.00 -34.89
C ARG A 975 35.18 1.81 -34.83
N CYS A 976 35.22 2.99 -35.43
CA CYS A 976 34.07 3.87 -35.47
C CYS A 976 33.00 3.31 -36.41
N SER A 977 31.75 3.69 -36.16
CA SER A 977 30.64 3.23 -36.99
C SER A 977 30.66 3.84 -38.38
N LYS A 978 31.42 4.91 -38.59
CA LYS A 978 31.48 5.57 -39.89
C LYS A 978 32.63 4.98 -40.70
N PRO A 979 32.37 4.34 -41.84
CA PRO A 979 33.49 3.75 -42.61
C PRO A 979 34.56 4.75 -42.98
N GLU A 980 34.17 5.98 -43.34
CA GLU A 980 35.15 7.00 -43.68
C GLU A 980 35.97 7.47 -42.48
N CYS A 981 35.54 7.14 -41.26
CA CYS A 981 36.22 7.57 -40.05
C CYS A 981 37.19 6.47 -39.60
N ASP A 982 38.46 6.82 -39.44
CA ASP A 982 39.47 5.89 -38.97
C ASP A 982 39.70 5.97 -37.47
N ALA A 983 38.99 6.85 -36.77
CA ALA A 983 39.22 7.02 -35.34
C ALA A 983 38.77 5.77 -34.58
N SER A 984 39.59 5.35 -33.62
CA SER A 984 39.27 4.22 -32.77
C SER A 984 38.77 4.73 -31.43
N PRO A 985 37.54 4.44 -31.02
CA PRO A 985 37.08 4.90 -29.70
C PRO A 985 37.95 4.38 -28.56
N LEU A 986 38.63 3.25 -28.74
CA LEU A 986 39.52 2.75 -27.70
C LEU A 986 40.65 3.72 -27.42
N ASP A 987 40.95 4.63 -28.34
CA ASP A 987 41.96 5.65 -28.07
C ASP A 987 41.46 6.66 -27.05
N TYR A 988 40.19 7.05 -27.15
CA TYR A 988 39.59 8.01 -26.23
C TYR A 988 38.80 7.28 -25.14
N VAL A 989 39.50 6.41 -24.40
CA VAL A 989 38.85 5.67 -23.33
C VAL A 989 38.59 6.54 -22.11
N ILE A 990 39.35 7.62 -21.91
CA ILE A 990 39.03 8.56 -20.85
C ILE A 990 37.68 9.21 -21.12
N GLN A 991 37.43 9.59 -22.36
CA GLN A 991 36.13 10.16 -22.72
C GLN A 991 35.01 9.14 -22.54
N VAL A 992 35.27 7.88 -22.89
CA VAL A 992 34.26 6.84 -22.70
C VAL A 992 33.96 6.67 -21.23
N HIS A 993 34.99 6.68 -20.39
CA HIS A 993 34.81 6.60 -18.94
C HIS A 993 33.95 7.76 -18.42
N ASN A 994 34.27 8.97 -18.87
CA ASN A 994 33.53 10.14 -18.42
C ASN A 994 32.07 10.07 -18.86
N LYS A 995 31.83 9.67 -20.12
CA LYS A 995 30.46 9.55 -20.60
C LYS A 995 29.70 8.47 -19.83
N LEU A 996 30.38 7.38 -19.50
CA LEU A 996 29.74 6.33 -18.70
C LEU A 996 29.33 6.86 -17.34
N LEU A 997 30.21 7.60 -16.69
CA LEU A 997 29.86 8.17 -15.38
C LEU A 997 28.71 9.15 -15.50
N LEU A 998 28.71 9.97 -16.54
CA LEU A 998 27.60 10.91 -16.74
C LEU A 998 26.29 10.18 -16.97
N ASP A 999 26.32 9.09 -17.74
CA ASP A 999 25.11 8.31 -17.98
C ASP A 999 24.61 7.68 -16.69
N ILE A 1000 25.51 7.15 -15.87
CA ILE A 1000 25.11 6.57 -14.60
C ILE A 1000 24.47 7.63 -13.71
N ARG A 1001 25.06 8.83 -13.69
CA ARG A 1001 24.46 9.93 -12.93
C ARG A 1001 23.07 10.25 -13.46
N ARG A 1002 22.91 10.27 -14.77
CA ARG A 1002 21.61 10.56 -15.37
C ARG A 1002 20.57 9.54 -14.93
N TYR A 1003 20.92 8.26 -14.95
CA TYR A 1003 19.96 7.23 -14.57
C TYR A 1003 19.64 7.29 -13.08
N ILE A 1004 20.65 7.54 -12.24
CA ILE A 1004 20.38 7.67 -10.80
C ILE A 1004 19.47 8.85 -10.54
N LYS A 1005 19.70 9.97 -11.23
CA LYS A 1005 18.82 11.12 -11.08
C LYS A 1005 17.40 10.80 -11.52
N LYS A 1006 17.26 10.06 -12.64
CA LYS A 1006 15.94 9.66 -13.09
C LYS A 1006 15.24 8.82 -12.03
N TYR A 1007 15.96 7.87 -11.42
CA TYR A 1007 15.34 7.04 -10.40
C TYR A 1007 14.91 7.86 -9.19
N TYR A 1008 15.79 8.75 -8.71
CA TYR A 1008 15.49 9.50 -7.51
C TYR A 1008 14.56 10.68 -7.76
N SER A 1009 14.20 10.95 -9.01
CA SER A 1009 13.18 11.96 -9.27
C SER A 1009 11.85 11.55 -8.64
N GLY A 1010 11.60 10.25 -8.52
CA GLY A 1010 10.40 9.77 -7.85
C GLY A 1010 9.12 10.15 -8.55
N TRP A 1011 9.08 9.98 -9.86
CA TRP A 1011 7.86 10.28 -10.61
C TRP A 1011 6.90 9.11 -10.52
N LEU A 1012 5.63 9.42 -10.23
CA LEU A 1012 4.58 8.43 -10.09
C LEU A 1012 3.49 8.69 -11.10
N VAL A 1013 2.96 7.62 -11.69
CA VAL A 1013 1.87 7.71 -12.66
C VAL A 1013 0.73 6.83 -12.19
N CYS A 1014 -0.49 7.31 -12.34
CA CYS A 1014 -1.66 6.51 -12.00
C CYS A 1014 -1.80 5.35 -12.97
N GLU A 1015 -2.10 4.17 -12.44
CA GLU A 1015 -2.26 3.00 -13.28
C GLU A 1015 -3.55 3.02 -14.08
N GLU A 1016 -4.51 3.87 -13.71
CA GLU A 1016 -5.75 3.97 -14.44
C GLU A 1016 -5.54 4.71 -15.76
N LYS A 1017 -5.99 4.09 -16.87
CA LYS A 1017 -5.80 4.70 -18.18
C LYS A 1017 -6.55 6.02 -18.28
N THR A 1018 -7.73 6.10 -17.67
CA THR A 1018 -8.58 7.27 -17.76
C THR A 1018 -8.16 8.39 -16.81
N CYS A 1019 -7.16 8.17 -15.96
CA CYS A 1019 -6.63 9.20 -15.09
C CYS A 1019 -5.20 9.58 -15.46
N GLN A 1020 -4.29 8.61 -15.45
CA GLN A 1020 -2.89 8.85 -15.84
C GLN A 1020 -2.33 10.11 -15.20
N ASN A 1021 -2.63 10.30 -13.91
CA ASN A 1021 -2.11 11.44 -13.19
C ASN A 1021 -0.63 11.23 -12.89
N ARG A 1022 0.17 12.25 -13.19
CA ARG A 1022 1.62 12.19 -13.03
C ARG A 1022 2.03 13.20 -11.96
N THR A 1023 2.60 12.70 -10.87
CA THR A 1023 2.99 13.54 -9.75
C THR A 1023 4.34 13.09 -9.20
N ARG A 1024 5.07 14.05 -8.64
CA ARG A 1024 6.31 13.78 -7.91
C ARG A 1024 6.05 13.49 -6.44
N ARG A 1025 4.91 13.92 -5.90
CA ARG A 1025 4.62 13.83 -4.48
C ARG A 1025 4.04 12.45 -4.16
N LEU A 1026 4.65 11.78 -3.19
CA LEU A 1026 4.13 10.51 -2.69
C LEU A 1026 3.16 10.79 -1.56
N PRO A 1027 1.88 10.44 -1.68
CA PRO A 1027 0.94 10.68 -0.59
C PRO A 1027 1.01 9.60 0.47
N LEU A 1028 0.76 10.01 1.71
CA LEU A 1028 0.76 9.07 2.83
C LEU A 1028 -0.46 8.17 2.83
N SER A 1029 -1.45 8.43 1.98
CA SER A 1029 -2.66 7.62 1.92
C SER A 1029 -2.37 6.40 1.03
N PHE A 1030 -2.39 5.22 1.63
CA PHE A 1030 -2.04 3.99 0.96
C PHE A 1030 -3.20 3.01 1.00
N SER A 1031 -3.41 2.29 -0.09
CA SER A 1031 -4.25 1.11 -0.10
C SER A 1031 -3.38 -0.11 0.13
N ARG A 1032 -3.98 -1.29 0.05
CA ARG A 1032 -3.20 -2.51 0.17
C ARG A 1032 -2.19 -2.65 -0.96
N ASN A 1033 -2.43 -2.00 -2.10
CA ASN A 1033 -1.58 -2.13 -3.27
C ASN A 1033 -0.52 -1.04 -3.37
N GLY A 1034 -0.66 0.05 -2.62
CA GLY A 1034 0.30 1.11 -2.67
C GLY A 1034 -0.34 2.47 -2.54
N PRO A 1035 0.39 3.53 -2.88
CA PRO A 1035 -0.17 4.88 -2.73
C PRO A 1035 -1.42 5.07 -3.56
N ILE A 1036 -2.40 5.75 -2.97
CA ILE A 1036 -3.68 6.01 -3.62
C ILE A 1036 -3.56 7.32 -4.39
N CYS A 1037 -3.88 7.28 -5.69
CA CYS A 1037 -3.81 8.48 -6.50
C CYS A 1037 -4.80 9.52 -5.99
N GLN A 1038 -4.30 10.73 -5.75
CA GLN A 1038 -5.12 11.79 -5.18
C GLN A 1038 -5.93 12.54 -6.21
N ALA A 1039 -5.76 12.22 -7.50
CA ALA A 1039 -6.59 12.83 -8.53
C ALA A 1039 -7.94 12.11 -8.64
N CYS A 1040 -7.92 10.78 -8.64
CA CYS A 1040 -9.14 9.98 -8.74
C CYS A 1040 -9.50 9.27 -7.46
N SER A 1041 -8.55 9.05 -6.55
CA SER A 1041 -8.79 8.41 -5.26
C SER A 1041 -9.24 6.96 -5.39
N LYS A 1042 -8.98 6.34 -6.52
CA LYS A 1042 -9.46 4.98 -6.76
C LYS A 1042 -8.45 4.07 -7.44
N ALA A 1043 -7.22 4.53 -7.68
CA ALA A 1043 -6.21 3.75 -8.37
C ALA A 1043 -4.87 3.97 -7.72
N THR A 1044 -3.93 3.07 -8.01
CA THR A 1044 -2.62 3.08 -7.38
C THR A 1044 -1.61 3.83 -8.23
N LEU A 1045 -0.70 4.52 -7.55
CA LEU A 1045 0.40 5.22 -8.20
C LEU A 1045 1.58 4.27 -8.33
N ARG A 1046 2.10 4.14 -9.56
CA ARG A 1046 3.24 3.28 -9.84
C ARG A 1046 4.44 4.13 -10.22
N SER A 1047 5.62 3.68 -9.82
CA SER A 1047 6.83 4.41 -10.14
C SER A 1047 7.09 4.37 -11.64
N GLU A 1048 7.43 5.53 -12.20
CA GLU A 1048 7.74 5.60 -13.63
C GLU A 1048 9.07 4.92 -13.93
N TYR A 1049 10.04 5.01 -13.02
CA TYR A 1049 11.34 4.40 -13.16
C TYR A 1049 11.64 3.61 -11.89
N PRO A 1050 11.13 2.38 -11.78
CA PRO A 1050 11.29 1.62 -10.55
C PRO A 1050 12.74 1.21 -10.32
N GLU A 1051 12.98 0.67 -9.12
CA GLU A 1051 14.34 0.25 -8.77
C GLU A 1051 14.84 -0.83 -9.72
N LYS A 1052 13.95 -1.73 -10.13
CA LYS A 1052 14.34 -2.78 -11.06
C LYS A 1052 14.84 -2.19 -12.38
N ALA A 1053 14.22 -1.10 -12.84
CA ALA A 1053 14.65 -0.48 -14.08
C ALA A 1053 16.09 0.01 -13.97
N LEU A 1054 16.41 0.72 -12.89
CA LEU A 1054 17.78 1.21 -12.71
C LEU A 1054 18.76 0.07 -12.55
N TYR A 1055 18.37 -0.96 -11.80
CA TYR A 1055 19.25 -2.12 -11.62
C TYR A 1055 19.53 -2.79 -12.96
N THR A 1056 18.51 -2.95 -13.79
CA THR A 1056 18.68 -3.58 -15.08
C THR A 1056 19.51 -2.70 -16.01
N GLN A 1057 19.36 -1.39 -15.92
CA GLN A 1057 20.18 -0.50 -16.74
C GLN A 1057 21.66 -0.62 -16.37
N LEU A 1058 21.96 -0.63 -15.07
CA LEU A 1058 23.35 -0.80 -14.65
C LEU A 1058 23.87 -2.17 -15.03
N CYS A 1059 23.04 -3.20 -14.90
CA CYS A 1059 23.44 -4.54 -15.31
C CYS A 1059 23.72 -4.59 -16.80
N PHE A 1060 22.94 -3.86 -17.61
CA PHE A 1060 23.17 -3.83 -19.04
C PHE A 1060 24.48 -3.12 -19.37
N TYR A 1061 24.76 -2.00 -18.69
CA TYR A 1061 26.03 -1.33 -18.92
C TYR A 1061 27.20 -2.21 -18.53
N ARG A 1062 27.03 -3.03 -17.48
CA ARG A 1062 28.05 -4.03 -17.17
C ARG A 1062 28.14 -5.09 -18.26
N PHE A 1063 26.99 -5.49 -18.81
CA PHE A 1063 26.95 -6.52 -19.84
C PHE A 1063 27.70 -6.10 -21.09
N ILE A 1064 27.52 -4.84 -21.51
CA ILE A 1064 28.15 -4.37 -22.74
C ILE A 1064 29.64 -4.16 -22.59
N PHE A 1065 30.21 -4.44 -21.41
CA PHE A 1065 31.66 -4.38 -21.21
C PHE A 1065 32.20 -5.66 -20.58
N ASP A 1066 31.42 -6.74 -20.56
CA ASP A 1066 31.83 -8.00 -19.94
C ASP A 1066 32.49 -8.87 -21.00
N TRP A 1067 33.82 -8.79 -21.06
CA TRP A 1067 34.57 -9.57 -22.04
C TRP A 1067 34.39 -11.06 -21.80
N ASP A 1068 34.60 -11.51 -20.56
CA ASP A 1068 34.55 -12.94 -20.27
C ASP A 1068 33.17 -13.52 -20.53
N TYR A 1069 32.12 -12.83 -20.08
CA TYR A 1069 30.77 -13.33 -20.32
C TYR A 1069 30.45 -13.41 -21.80
N ALA A 1070 30.83 -12.38 -22.55
CA ALA A 1070 30.57 -12.38 -23.99
C ALA A 1070 31.28 -13.54 -24.67
N LEU A 1071 32.53 -13.80 -24.28
CA LEU A 1071 33.27 -14.89 -24.90
C LEU A 1071 32.59 -16.22 -24.65
N GLU A 1072 32.11 -16.45 -23.42
CA GLU A 1072 31.52 -17.75 -23.08
C GLU A 1072 30.14 -17.92 -23.69
N LYS A 1073 29.26 -16.93 -23.53
CA LYS A 1073 27.85 -17.09 -23.91
C LYS A 1073 27.57 -16.53 -25.31
N VAL A 1074 27.81 -15.24 -25.51
CA VAL A 1074 27.37 -14.59 -26.75
C VAL A 1074 28.15 -15.13 -27.95
N VAL A 1075 29.46 -15.22 -27.83
CA VAL A 1075 30.31 -15.49 -28.97
C VAL A 1075 30.23 -16.97 -29.34
N SER A 1076 30.43 -17.25 -30.63
CA SER A 1076 30.42 -18.62 -31.13
C SER A 1076 31.77 -19.29 -30.88
N GLU A 1077 32.00 -20.44 -31.50
CA GLU A 1077 33.23 -21.18 -31.29
C GLU A 1077 34.39 -20.59 -32.09
N GLN A 1078 34.23 -20.46 -33.40
CA GLN A 1078 35.28 -19.88 -34.22
C GLN A 1078 35.53 -18.42 -33.83
N GLU A 1079 34.46 -17.68 -33.57
CA GLU A 1079 34.61 -16.30 -33.12
C GLU A 1079 35.33 -16.24 -31.78
N ARG A 1080 35.01 -17.16 -30.86
CA ARG A 1080 35.72 -17.20 -29.59
C ARG A 1080 37.19 -17.47 -29.79
N GLY A 1081 37.52 -18.41 -30.69
CA GLY A 1081 38.92 -18.67 -30.97
C GLY A 1081 39.63 -17.46 -31.54
N HIS A 1082 38.98 -16.75 -32.46
CA HIS A 1082 39.59 -15.57 -33.07
C HIS A 1082 39.75 -14.45 -32.05
N LEU A 1083 38.87 -14.38 -31.05
CA LEU A 1083 38.93 -13.31 -30.07
C LEU A 1083 39.78 -13.66 -28.84
N LYS A 1084 40.15 -14.92 -28.68
CA LYS A 1084 40.93 -15.36 -27.51
C LYS A 1084 42.42 -15.40 -27.80
N LYS A 1085 42.91 -14.52 -28.65
CA LYS A 1085 44.32 -14.43 -29.00
C LYS A 1085 44.88 -13.06 -28.61
N LYS A 1086 46.15 -12.84 -28.92
CA LYS A 1086 46.72 -11.51 -28.83
C LYS A 1086 46.12 -10.65 -29.93
N LEU A 1087 46.57 -9.39 -29.99
CA LEU A 1087 46.01 -8.32 -30.82
C LEU A 1087 44.72 -7.79 -30.19
N PHE A 1088 44.21 -8.40 -29.12
CA PHE A 1088 43.06 -7.91 -28.41
C PHE A 1088 43.29 -7.77 -26.92
N GLN A 1089 44.52 -8.05 -26.44
CA GLN A 1089 44.77 -7.96 -25.01
C GLN A 1089 44.58 -6.55 -24.49
N GLU A 1090 45.08 -5.55 -25.22
CA GLU A 1090 44.89 -4.17 -24.80
C GLU A 1090 43.41 -3.82 -24.75
N SER A 1091 42.65 -4.23 -25.78
CA SER A 1091 41.21 -4.01 -25.75
C SER A 1091 40.58 -4.73 -24.58
N GLU A 1092 41.04 -5.94 -24.27
CA GLU A 1092 40.52 -6.66 -23.12
C GLU A 1092 40.77 -5.90 -21.83
N ASN A 1093 41.98 -5.36 -21.68
CA ASN A 1093 42.30 -4.60 -20.47
C ASN A 1093 41.44 -3.35 -20.35
N GLN A 1094 41.25 -2.64 -21.46
CA GLN A 1094 40.42 -1.43 -21.41
C GLN A 1094 38.98 -1.77 -21.10
N TYR A 1095 38.46 -2.86 -21.67
CA TYR A 1095 37.10 -3.27 -21.36
C TYR A 1095 36.97 -3.68 -19.91
N LYS A 1096 37.98 -4.35 -19.36
CA LYS A 1096 37.95 -4.70 -17.95
C LYS A 1096 37.92 -3.45 -17.08
N LYS A 1097 38.74 -2.44 -17.42
CA LYS A 1097 38.73 -1.19 -16.67
C LYS A 1097 37.36 -0.52 -16.76
N LEU A 1098 36.75 -0.53 -17.94
CA LEU A 1098 35.44 0.12 -18.10
C LEU A 1098 34.36 -0.63 -17.33
N LYS A 1099 34.43 -1.96 -17.30
CA LYS A 1099 33.48 -2.74 -16.51
C LYS A 1099 33.68 -2.51 -15.03
N SER A 1100 34.91 -2.22 -14.60
CA SER A 1100 35.17 -1.93 -13.20
C SER A 1100 34.33 -0.76 -12.71
N THR A 1101 34.09 0.24 -13.55
CA THR A 1101 33.29 1.40 -13.14
C THR A 1101 31.85 0.99 -12.81
N VAL A 1102 31.23 0.24 -13.72
CA VAL A 1102 29.85 -0.18 -13.49
C VAL A 1102 29.79 -1.14 -12.31
N ASP A 1103 30.81 -1.99 -12.15
CA ASP A 1103 30.85 -2.87 -10.99
C ASP A 1103 30.93 -2.06 -9.70
N GLN A 1104 31.75 -1.01 -9.69
CA GLN A 1104 31.84 -0.17 -8.51
C GLN A 1104 30.50 0.47 -8.19
N VAL A 1105 29.81 0.99 -9.20
CA VAL A 1105 28.52 1.62 -8.97
C VAL A 1105 27.53 0.59 -8.42
N LEU A 1106 27.49 -0.59 -9.03
CA LEU A 1106 26.53 -1.60 -8.59
C LEU A 1106 26.84 -2.11 -7.19
N SER A 1107 28.12 -2.09 -6.79
CA SER A 1107 28.48 -2.50 -5.44
C SER A 1107 27.86 -1.59 -4.38
N ARG A 1108 27.47 -0.37 -4.75
CA ARG A 1108 26.87 0.58 -3.83
C ARG A 1108 25.35 0.59 -3.93
N SER A 1109 24.76 -0.38 -4.62
CA SER A 1109 23.32 -0.46 -4.81
C SER A 1109 22.73 -1.49 -3.86
N GLY A 1110 21.65 -1.11 -3.17
CA GLY A 1110 20.98 -2.04 -2.29
C GLY A 1110 20.11 -3.06 -2.99
N TYR A 1111 19.74 -2.78 -4.25
CA TYR A 1111 18.92 -3.71 -5.01
C TYR A 1111 19.70 -4.95 -5.42
N SER A 1112 21.02 -4.86 -5.54
CA SER A 1112 21.85 -5.96 -6.00
C SER A 1112 22.35 -6.85 -4.87
N GLU A 1113 21.99 -6.56 -3.62
CA GLU A 1113 22.43 -7.32 -2.47
C GLU A 1113 21.25 -7.86 -1.70
N VAL A 1114 21.34 -9.12 -1.29
CA VAL A 1114 20.33 -9.76 -0.45
C VAL A 1114 20.99 -10.09 0.88
N ASN A 1115 20.45 -9.55 1.96
CA ASN A 1115 20.96 -9.79 3.31
C ASN A 1115 20.29 -11.05 3.84
N LEU A 1116 21.02 -12.17 3.81
CA LEU A 1116 20.45 -13.43 4.26
C LEU A 1116 20.22 -13.45 5.77
N SER A 1117 20.93 -12.60 6.53
CA SER A 1117 20.67 -12.51 7.96
C SER A 1117 19.25 -12.03 8.22
N LYS A 1118 18.78 -11.05 7.44
CA LYS A 1118 17.44 -10.53 7.65
C LYS A 1118 16.37 -11.54 7.26
N LEU A 1119 16.65 -12.40 6.27
CA LEU A 1119 15.67 -13.38 5.83
C LEU A 1119 15.54 -14.52 6.84
N PHE A 1120 16.63 -15.21 7.13
CA PHE A 1120 16.63 -16.32 8.06
C PHE A 1120 17.08 -15.83 9.42
N GLN A 1121 16.26 -16.03 10.43
CA GLN A 1121 16.55 -15.57 11.79
C GLN A 1121 16.35 -16.70 12.80
N GLN B 162 40.82 35.82 -18.20
CA GLN B 162 41.15 37.18 -18.60
C GLN B 162 40.43 38.19 -17.70
N LYS B 163 39.11 38.10 -17.66
CA LYS B 163 38.34 39.02 -16.83
C LYS B 163 38.67 38.84 -15.35
N TYR B 164 38.79 37.59 -14.90
CA TYR B 164 39.06 37.35 -13.49
C TYR B 164 40.43 37.88 -13.08
N GLY B 165 41.44 37.66 -13.92
CA GLY B 165 42.79 38.03 -13.56
C GLY B 165 43.02 39.52 -13.45
N SER B 166 42.20 40.33 -14.13
CA SER B 166 42.36 41.77 -14.16
C SER B 166 41.35 42.49 -13.28
N ARG B 167 40.73 41.80 -12.34
CA ARG B 167 39.74 42.42 -11.47
C ARG B 167 40.41 43.46 -10.57
N THR B 168 39.63 44.47 -10.18
CA THR B 168 40.14 45.60 -9.43
C THR B 168 39.61 45.67 -8.00
N ASN B 169 38.56 44.93 -7.67
CA ASN B 169 37.95 44.95 -6.34
C ASN B 169 38.47 43.83 -5.46
N ARG B 170 39.73 43.44 -5.64
CA ARG B 170 40.31 42.38 -4.82
C ARG B 170 40.30 42.77 -3.35
N GLY B 171 39.86 41.84 -2.50
CA GLY B 171 39.90 42.03 -1.07
C GLY B 171 38.83 42.95 -0.51
N GLU B 172 37.93 43.44 -1.34
CA GLU B 172 36.90 44.36 -0.86
C GLU B 172 35.95 43.64 0.09
N VAL B 173 35.64 44.29 1.21
CA VAL B 173 34.70 43.75 2.18
C VAL B 173 33.31 44.16 1.71
N VAL B 174 32.57 43.20 1.14
CA VAL B 174 31.25 43.53 0.61
C VAL B 174 30.17 43.49 1.69
N THR B 175 30.41 42.80 2.80
CA THR B 175 29.42 42.79 3.89
C THR B 175 30.14 42.61 5.21
N THR B 176 29.59 43.21 6.26
CA THR B 176 30.20 43.17 7.58
C THR B 176 29.13 42.95 8.64
N TYR B 177 29.52 42.33 9.75
CA TYR B 177 28.64 42.13 10.88
C TYR B 177 29.49 41.98 12.14
N GLY B 178 28.98 42.52 13.25
CA GLY B 178 29.62 42.33 14.53
C GLY B 178 30.68 43.39 14.84
N GLU B 179 31.56 43.01 15.75
CA GLU B 179 32.60 43.92 16.21
C GLU B 179 33.52 44.31 15.06
N LEU B 180 33.81 45.60 14.95
CA LEU B 180 34.74 46.06 13.91
C LEU B 180 36.13 45.55 14.20
N GLN B 181 36.81 45.09 13.15
CA GLN B 181 38.16 44.56 13.26
C GLN B 181 39.08 45.34 12.32
N GLY B 182 40.38 45.10 12.48
CA GLY B 182 41.35 45.78 11.65
C GLY B 182 41.27 45.35 10.19
N THR B 183 41.97 46.10 9.35
CA THR B 183 41.98 45.81 7.93
C THR B 183 42.61 44.46 7.63
N THR B 184 43.40 43.92 8.55
CA THR B 184 44.04 42.62 8.38
C THR B 184 43.57 41.66 9.45
N TRP B 185 43.29 40.43 9.05
CA TRP B 185 42.85 39.37 9.94
C TRP B 185 43.95 38.34 10.11
N ASN B 186 44.17 37.92 11.34
CA ASN B 186 45.17 36.91 11.66
C ASN B 186 44.56 35.84 12.55
N GLY B 187 45.03 34.61 12.36
CA GLY B 187 44.56 33.48 13.13
C GLY B 187 45.70 32.76 13.82
N GLY B 188 45.32 31.74 14.59
CA GLY B 188 46.26 30.96 15.37
C GLY B 188 46.92 29.82 14.62
N SER B 189 46.68 29.69 13.31
CA SER B 189 47.26 28.61 12.52
C SER B 189 46.80 27.25 13.04
N GLY B 190 45.60 27.19 13.62
CA GLY B 190 45.10 25.94 14.14
C GLY B 190 45.94 25.37 15.26
N SER B 191 46.49 26.23 16.12
CA SER B 191 47.34 25.75 17.21
C SER B 191 46.50 25.25 18.38
N ASN B 192 45.78 26.13 19.03
CA ASN B 192 44.86 25.76 20.10
C ASN B 192 43.44 25.62 19.54
N THR B 193 43.27 24.64 18.65
CA THR B 193 42.01 24.41 17.96
C THR B 193 41.61 22.94 18.09
N ASN B 194 40.34 22.70 18.39
CA ASN B 194 39.79 21.35 18.51
C ASN B 194 38.54 21.28 17.65
N VAL B 195 38.63 20.58 16.52
CA VAL B 195 37.55 20.47 15.56
C VAL B 195 37.04 19.03 15.57
N GLU B 196 35.73 18.86 15.74
CA GLU B 196 35.15 17.53 15.71
C GLU B 196 33.73 17.63 15.16
N LEU B 197 33.08 16.49 15.02
CA LEU B 197 31.67 16.45 14.67
C LEU B 197 30.84 16.52 15.95
N PHE B 198 29.75 17.30 15.90
CA PHE B 198 28.94 17.51 17.08
C PHE B 198 28.46 16.19 17.63
N THR B 199 28.84 15.89 18.87
CA THR B 199 28.50 14.61 19.51
C THR B 199 27.08 14.71 20.04
N SER B 200 26.13 14.18 19.28
CA SER B 200 24.73 14.13 19.65
C SER B 200 24.32 12.68 19.84
N LEU B 201 23.03 12.48 20.10
CA LEU B 201 22.51 11.12 20.27
C LEU B 201 22.66 10.31 18.99
N ASP B 202 22.36 10.91 17.84
CA ASP B 202 22.41 10.19 16.58
C ASP B 202 23.84 10.11 16.06
N GLU B 203 24.19 8.95 15.52
CA GLU B 203 25.51 8.77 14.94
C GLU B 203 25.62 9.57 13.64
N PRO B 204 26.81 10.08 13.32
CA PRO B 204 26.95 10.88 12.10
C PRO B 204 27.19 10.01 10.87
N LEU B 205 26.97 10.63 9.71
CA LEU B 205 27.23 9.97 8.43
C LEU B 205 28.71 10.12 8.11
N THR B 206 29.44 9.01 8.16
CA THR B 206 30.88 9.03 7.94
C THR B 206 31.35 8.04 6.88
N LYS B 207 30.44 7.27 6.28
CA LYS B 207 30.83 6.29 5.27
C LYS B 207 29.66 6.10 4.31
N MET B 208 29.98 5.55 3.15
CA MET B 208 28.96 5.34 2.12
C MET B 208 27.89 4.38 2.61
N TYR B 209 26.64 4.65 2.24
CA TYR B 209 25.52 3.77 2.51
C TYR B 209 24.90 3.32 1.19
N LYS B 210 24.55 2.05 1.12
CA LYS B 210 23.94 1.51 -0.09
C LYS B 210 22.64 2.24 -0.39
N PHE B 211 22.47 2.63 -1.65
CA PHE B 211 21.32 3.43 -2.06
C PHE B 211 20.81 2.88 -3.38
N MET B 212 19.91 3.61 -4.02
CA MET B 212 19.20 3.23 -5.24
C MET B 212 18.12 2.18 -4.99
N PHE B 213 17.75 1.94 -3.73
CA PHE B 213 16.71 0.97 -3.41
C PHE B 213 15.82 1.59 -2.33
N GLN B 214 14.77 2.29 -2.77
CA GLN B 214 13.82 2.93 -1.88
C GLN B 214 12.45 2.29 -2.10
N LYS B 215 11.88 1.73 -1.05
CA LYS B 215 10.52 1.24 -1.09
C LYS B 215 9.56 2.37 -0.75
N LEU B 216 8.48 2.47 -1.52
CA LEU B 216 7.50 3.53 -1.26
C LEU B 216 6.98 3.47 0.18
N MET B 217 6.87 2.26 0.73
CA MET B 217 6.45 2.12 2.12
C MET B 217 7.43 2.79 3.06
N ASP B 218 8.73 2.64 2.79
CA ASP B 218 9.74 3.26 3.64
C ASP B 218 9.66 4.78 3.58
N ILE B 219 9.47 5.34 2.38
CA ILE B 219 9.33 6.78 2.25
C ILE B 219 8.11 7.25 3.03
N ARG B 220 6.99 6.53 2.88
CA ARG B 220 5.79 6.87 3.63
C ARG B 220 6.06 6.88 5.13
N GLU B 221 6.72 5.83 5.63
CA GLU B 221 7.00 5.75 7.06
C GLU B 221 7.88 6.89 7.52
N VAL B 222 8.91 7.22 6.74
CA VAL B 222 9.83 8.29 7.14
C VAL B 222 9.11 9.62 7.21
N VAL B 223 8.33 9.94 6.18
CA VAL B 223 7.60 11.21 6.18
C VAL B 223 6.62 11.27 7.35
N SER B 224 5.89 10.17 7.57
CA SER B 224 4.92 10.15 8.65
C SER B 224 5.57 10.33 10.01
N ILE B 225 6.71 9.66 10.25
CA ILE B 225 7.36 9.79 11.54
C ILE B 225 7.96 11.17 11.71
N LYS B 226 8.44 11.78 10.63
CA LYS B 226 8.90 13.15 10.71
C LYS B 226 7.78 14.05 11.21
N ILE B 227 6.61 13.97 10.56
CA ILE B 227 5.48 14.78 10.98
C ILE B 227 5.12 14.48 12.43
N GLU B 228 5.08 13.19 12.78
CA GLU B 228 4.66 12.80 14.13
C GLU B 228 5.61 13.32 15.19
N GLU B 229 6.91 13.22 14.96
CA GLU B 229 7.89 13.64 15.96
C GLU B 229 7.86 15.15 16.14
N LEU B 230 7.87 15.90 15.04
CA LEU B 230 7.80 17.35 15.18
C LEU B 230 6.50 17.77 15.84
N GLY B 231 5.38 17.12 15.48
CA GLY B 231 4.11 17.45 16.09
C GLY B 231 4.07 17.12 17.57
N ALA B 232 4.72 16.02 17.97
CA ALA B 232 4.78 15.68 19.39
C ALA B 232 5.55 16.74 20.17
N SER B 233 6.70 17.15 19.64
CA SER B 233 7.46 18.20 20.32
C SER B 233 6.64 19.49 20.41
N LEU B 234 5.98 19.87 19.32
CA LEU B 234 5.21 21.11 19.33
C LEU B 234 4.00 21.00 20.24
N LYS B 235 3.38 19.83 20.31
CA LYS B 235 2.23 19.63 21.20
C LYS B 235 2.65 19.75 22.66
N ASP B 236 3.80 19.16 23.01
CA ASP B 236 4.31 19.33 24.37
C ASP B 236 4.63 20.79 24.66
N HIS B 237 5.23 21.48 23.70
CA HIS B 237 5.62 22.87 23.92
C HIS B 237 4.41 23.78 24.08
N PHE B 238 3.38 23.58 23.26
CA PHE B 238 2.21 24.43 23.25
C PHE B 238 1.11 23.95 24.19
N GLN B 239 1.29 22.81 24.85
CA GLN B 239 0.27 22.23 25.71
C GLN B 239 -1.05 22.06 24.96
N ILE B 240 -0.95 21.57 23.74
CA ILE B 240 -2.14 21.24 22.95
C ILE B 240 -2.73 19.94 23.49
N ASP B 241 -4.05 19.91 23.62
CA ASP B 241 -4.71 18.76 24.24
C ASP B 241 -4.79 17.57 23.28
N GLU B 242 -5.46 17.75 22.15
CA GLU B 242 -5.69 16.65 21.22
C GLU B 242 -5.62 17.15 19.80
N PHE B 243 -5.01 16.35 18.94
CA PHE B 243 -5.04 16.58 17.50
C PHE B 243 -6.23 15.87 16.87
N THR B 244 -6.76 16.45 15.80
CA THR B 244 -7.93 15.92 15.12
C THR B 244 -7.55 15.55 13.69
N SER B 245 -8.26 14.54 13.17
CA SER B 245 -8.01 14.11 11.80
C SER B 245 -8.29 15.26 10.83
N VAL B 246 -7.37 15.46 9.89
CA VAL B 246 -7.49 16.56 8.95
C VAL B 246 -8.70 16.38 8.05
N SER B 247 -8.96 15.14 7.63
CA SER B 247 -9.98 14.91 6.61
C SER B 247 -11.39 15.04 7.16
N LEU B 248 -11.60 14.72 8.44
CA LEU B 248 -12.95 14.69 8.98
C LEU B 248 -13.55 16.10 8.98
N PRO B 249 -14.87 16.21 8.82
CA PRO B 249 -15.51 17.53 8.94
C PRO B 249 -15.40 18.06 10.35
N ALA B 250 -15.40 19.39 10.47
CA ALA B 250 -15.28 20.04 11.77
C ALA B 250 -16.12 21.31 11.74
N GLN B 251 -17.26 21.28 12.44
CA GLN B 251 -18.10 22.47 12.54
C GLN B 251 -17.53 23.48 13.54
N GLU B 252 -16.89 23.00 14.60
CA GLU B 252 -16.21 23.86 15.56
C GLU B 252 -14.71 23.83 15.32
N THR B 253 -14.01 24.72 16.00
CA THR B 253 -12.57 24.86 15.79
C THR B 253 -11.83 23.66 16.36
N VAL B 254 -10.94 23.09 15.56
CA VAL B 254 -10.12 21.96 15.96
C VAL B 254 -8.67 22.25 15.60
N THR B 255 -7.76 21.63 16.35
CA THR B 255 -6.34 21.72 16.10
C THR B 255 -5.89 20.51 15.29
N VAL B 256 -5.20 20.76 14.19
CA VAL B 256 -4.80 19.72 13.26
C VAL B 256 -3.30 19.84 12.98
N LEU B 257 -2.63 18.70 13.00
CA LEU B 257 -1.22 18.60 12.67
C LEU B 257 -1.07 18.02 11.28
N GLY B 258 -0.18 18.59 10.48
CA GLY B 258 0.02 18.08 9.14
C GLY B 258 1.26 18.65 8.51
N GLN B 259 1.39 18.40 7.21
CA GLN B 259 2.47 18.97 6.41
C GLN B 259 1.86 19.64 5.18
N ILE B 260 2.47 20.74 4.75
CA ILE B 260 1.96 21.53 3.65
C ILE B 260 2.40 20.89 2.32
N GLY B 261 1.60 21.11 1.29
CA GLY B 261 1.94 20.63 -0.03
C GLY B 261 1.15 21.37 -1.07
N CYS B 262 1.48 21.11 -2.33
CA CYS B 262 0.83 21.72 -3.48
C CYS B 262 -0.06 20.68 -4.16
N ASP B 263 -1.27 21.09 -4.53
CA ASP B 263 -2.21 20.17 -5.14
C ASP B 263 -1.82 19.76 -6.55
N SER B 264 -0.82 20.41 -7.14
CA SER B 264 -0.39 20.13 -8.50
C SER B 264 1.13 20.17 -8.55
N ASN B 265 1.69 19.91 -9.73
CA ASN B 265 3.13 19.80 -9.90
C ASN B 265 3.82 21.15 -10.02
N GLY B 266 3.08 22.23 -10.26
CA GLY B 266 3.69 23.53 -10.41
C GLY B 266 4.22 24.08 -9.11
N LYS B 267 4.39 25.40 -9.03
CA LYS B 267 4.87 26.04 -7.81
C LYS B 267 3.70 26.41 -6.91
N LEU B 268 3.91 26.28 -5.61
CA LEU B 268 2.84 26.50 -4.65
C LEU B 268 2.35 27.93 -4.70
N ASN B 269 1.03 28.10 -4.61
CA ASN B 269 0.41 29.41 -4.46
C ASN B 269 -0.71 29.29 -3.45
N SER B 270 -1.24 30.44 -3.03
CA SER B 270 -2.19 30.48 -1.93
C SER B 270 -3.46 29.70 -2.23
N LYS B 271 -3.75 29.44 -3.51
CA LYS B 271 -4.96 28.72 -3.90
C LYS B 271 -4.71 27.26 -4.22
N SER B 272 -3.48 26.77 -4.00
CA SER B 272 -3.12 25.40 -4.32
C SER B 272 -2.51 24.69 -3.12
N VAL B 273 -2.89 25.10 -1.92
CA VAL B 273 -2.30 24.57 -0.69
C VAL B 273 -3.14 23.40 -0.21
N ILE B 274 -2.49 22.30 0.14
CA ILE B 274 -3.15 21.15 0.75
C ILE B 274 -2.38 20.77 2.00
N LEU B 275 -3.11 20.24 2.98
CA LEU B 275 -2.55 19.77 4.24
C LEU B 275 -2.70 18.26 4.29
N GLU B 276 -1.58 17.56 4.45
CA GLU B 276 -1.56 16.10 4.53
C GLU B 276 -1.23 15.70 5.95
N GLY B 277 -2.11 14.90 6.56
CA GLY B 277 -1.91 14.48 7.92
C GLY B 277 -1.03 13.24 8.02
N ASP B 278 -0.62 12.94 9.25
CA ASP B 278 0.20 11.78 9.50
C ASP B 278 -0.66 10.52 9.62
N ARG B 279 0.01 9.37 9.66
CA ARG B 279 -0.70 8.10 9.74
C ARG B 279 -1.40 7.94 11.09
N GLU B 280 -0.83 8.49 12.16
CA GLU B 280 -1.38 8.27 13.48
C GLU B 280 -2.72 8.97 13.67
N HIS B 281 -2.83 10.22 13.21
CA HIS B 281 -4.00 11.03 13.48
C HIS B 281 -4.94 11.21 12.31
N SER B 282 -4.47 10.95 11.08
CA SER B 282 -5.29 11.22 9.89
C SER B 282 -5.28 10.10 8.86
N ALA B 283 -4.60 8.99 9.12
CA ALA B 283 -4.50 7.90 8.15
C ALA B 283 -3.87 8.36 6.84
N GLY B 284 -3.04 9.41 6.91
CA GLY B 284 -2.37 9.92 5.73
C GLY B 284 -3.26 10.70 4.78
N MET B 285 -4.47 11.07 5.20
CA MET B 285 -5.40 11.74 4.31
C MET B 285 -5.00 13.20 4.11
N GLN B 286 -5.35 13.73 2.95
CA GLN B 286 -5.12 15.13 2.60
C GLN B 286 -6.41 15.93 2.68
N VAL B 287 -6.25 17.24 2.68
CA VAL B 287 -7.40 18.15 2.63
C VAL B 287 -6.97 19.46 2.00
N PRO B 288 -7.76 20.05 1.09
CA PRO B 288 -7.46 21.39 0.62
C PRO B 288 -7.54 22.42 1.74
N VAL B 289 -6.75 23.48 1.62
CA VAL B 289 -6.67 24.53 2.62
C VAL B 289 -7.10 25.84 2.00
N ASP B 290 -7.91 26.60 2.73
CA ASP B 290 -8.40 27.91 2.31
C ASP B 290 -7.79 28.96 3.23
N LEU B 291 -6.89 29.78 2.67
CA LEU B 291 -6.13 30.74 3.46
C LEU B 291 -6.78 32.12 3.52
N SER B 292 -8.11 32.19 3.39
CA SER B 292 -8.78 33.49 3.39
C SER B 292 -8.88 34.09 4.78
N GLU B 293 -9.00 33.26 5.81
CA GLU B 293 -9.17 33.72 7.19
C GLU B 293 -7.86 33.82 7.95
N LEU B 294 -6.73 33.49 7.33
CA LEU B 294 -5.43 33.61 7.96
C LEU B 294 -4.83 34.96 7.59
N LYS B 295 -4.58 35.79 8.61
CA LYS B 295 -4.08 37.14 8.35
C LYS B 295 -2.61 37.14 7.98
N ASP B 296 -1.81 36.27 8.61
CA ASP B 296 -0.38 36.22 8.36
C ASP B 296 0.07 34.77 8.30
N TYR B 297 0.87 34.44 7.30
CA TYR B 297 1.34 33.07 7.13
C TYR B 297 2.60 33.06 6.27
N SER B 298 3.34 31.96 6.38
CA SER B 298 4.50 31.71 5.52
C SER B 298 4.64 30.19 5.41
N LEU B 299 4.32 29.65 4.24
CA LEU B 299 4.20 28.21 4.05
C LEU B 299 5.05 27.75 2.88
N PHE B 300 5.71 26.61 3.05
CA PHE B 300 6.43 25.95 1.96
C PHE B 300 6.12 24.47 1.99
N PRO B 301 6.20 23.79 0.84
CA PRO B 301 5.92 22.35 0.81
C PRO B 301 6.83 21.57 1.74
N GLY B 302 6.28 20.56 2.39
CA GLY B 302 7.02 19.77 3.35
C GLY B 302 7.11 20.37 4.73
N GLN B 303 6.44 21.49 4.97
CA GLN B 303 6.50 22.17 6.26
C GLN B 303 5.50 21.53 7.21
N VAL B 304 5.99 21.05 8.36
CA VAL B 304 5.13 20.48 9.39
C VAL B 304 4.53 21.62 10.19
N VAL B 305 3.20 21.68 10.23
CA VAL B 305 2.47 22.78 10.83
C VAL B 305 1.38 22.24 11.74
N ILE B 306 1.01 23.08 12.72
CA ILE B 306 -0.17 22.89 13.54
C ILE B 306 -1.07 24.09 13.33
N MET B 307 -2.33 23.84 13.01
CA MET B 307 -3.28 24.90 12.71
C MET B 307 -4.58 24.67 13.46
N GLU B 308 -5.15 25.76 13.97
CA GLU B 308 -6.52 25.76 14.47
C GLU B 308 -7.44 26.25 13.36
N GLY B 309 -8.46 25.46 13.05
CA GLY B 309 -9.37 25.81 11.97
C GLY B 309 -10.61 24.96 12.00
N THR B 310 -11.49 25.23 11.03
CA THR B 310 -12.77 24.54 10.92
C THR B 310 -12.94 24.02 9.50
N ASN B 311 -13.65 22.90 9.38
CA ASN B 311 -13.95 22.25 8.11
C ASN B 311 -15.46 21.97 8.07
N SER B 312 -16.24 22.98 7.67
CA SER B 312 -17.69 22.86 7.75
C SER B 312 -18.25 21.98 6.64
N THR B 313 -17.67 22.03 5.45
CA THR B 313 -18.12 21.24 4.32
C THR B 313 -17.45 19.87 4.25
N GLY B 314 -16.50 19.59 5.14
CA GLY B 314 -15.77 18.34 5.08
C GLY B 314 -14.87 18.21 3.88
N ARG B 315 -14.70 19.27 3.11
CA ARG B 315 -13.96 19.22 1.86
C ARG B 315 -12.90 20.32 1.75
N ARG B 316 -12.93 21.31 2.62
CA ARG B 316 -11.99 22.42 2.55
C ARG B 316 -11.71 22.89 3.97
N PHE B 317 -10.45 22.77 4.40
CA PHE B 317 -10.06 23.22 5.72
C PHE B 317 -9.78 24.72 5.69
N VAL B 318 -10.31 25.44 6.67
CA VAL B 318 -10.12 26.88 6.76
C VAL B 318 -9.33 27.20 8.03
N PRO B 319 -8.02 27.40 7.93
CA PRO B 319 -7.26 27.75 9.13
C PRO B 319 -7.64 29.11 9.68
N THR B 320 -7.66 29.21 11.00
CA THR B 320 -7.80 30.49 11.70
C THR B 320 -6.57 30.85 12.51
N LYS B 321 -5.76 29.88 12.91
CA LYS B 321 -4.49 30.15 13.56
C LYS B 321 -3.43 29.21 13.03
N LEU B 322 -2.26 29.75 12.72
CA LEU B 322 -1.09 28.98 12.32
C LEU B 322 -0.04 29.11 13.42
N TYR B 323 0.19 28.02 14.14
CA TYR B 323 1.16 28.05 15.22
C TYR B 323 2.56 28.35 14.70
N GLU B 324 3.30 29.15 15.46
CA GLU B 324 4.65 29.50 15.06
C GLU B 324 5.60 28.32 15.25
N GLY B 325 6.75 28.41 14.60
CA GLY B 325 7.76 27.40 14.78
C GLY B 325 8.49 27.53 16.10
N VAL B 326 9.08 26.43 16.53
CA VAL B 326 9.84 26.39 17.78
C VAL B 326 11.24 25.88 17.49
N PRO B 327 12.25 26.75 17.46
CA PRO B 327 13.62 26.27 17.20
C PRO B 327 14.16 25.49 18.39
N LEU B 328 15.13 24.64 18.10
CA LEU B 328 15.78 23.88 19.16
C LEU B 328 16.61 24.82 20.03
N PRO B 329 16.84 24.46 21.29
CA PRO B 329 17.70 25.28 22.14
C PRO B 329 19.13 25.28 21.63
N PHE B 330 19.83 26.38 21.90
CA PHE B 330 21.24 26.47 21.54
C PHE B 330 22.06 25.51 22.39
N HIS B 331 23.33 25.39 22.05
CA HIS B 331 24.24 24.51 22.77
C HIS B 331 24.80 25.20 23.99
N GLN B 332 24.86 24.47 25.11
CA GLN B 332 25.46 24.97 26.33
C GLN B 332 26.89 24.46 26.41
N PRO B 333 27.89 25.25 26.02
CA PRO B 333 29.25 24.74 25.96
C PRO B 333 29.80 24.39 27.34
N SER B 334 30.67 23.39 27.36
CA SER B 334 31.38 23.04 28.58
C SER B 334 32.49 24.06 28.85
N LYS B 335 32.98 24.07 30.08
CA LYS B 335 34.06 24.97 30.45
C LYS B 335 35.41 24.54 29.90
N GLU B 336 35.50 23.35 29.30
CA GLU B 336 36.78 22.87 28.80
C GLU B 336 37.43 23.87 27.85
N PHE B 337 36.63 24.63 27.10
CA PHE B 337 37.13 25.59 26.12
C PHE B 337 36.97 27.03 26.59
N GLU B 338 36.84 27.25 27.91
CA GLU B 338 36.67 28.61 28.40
C GLU B 338 37.92 29.44 28.18
N GLU B 339 39.11 28.84 28.28
CA GLU B 339 40.35 29.57 28.17
C GLU B 339 40.93 29.59 26.76
N CYS B 340 40.27 28.94 25.79
CA CYS B 340 40.78 28.92 24.43
C CYS B 340 40.58 30.29 23.79
N PRO B 341 41.47 30.70 22.89
CA PRO B 341 41.32 32.00 22.23
C PRO B 341 40.25 31.94 21.14
N GLN B 342 39.94 33.13 20.60
CA GLN B 342 39.03 33.20 19.48
C GLN B 342 39.63 32.51 18.26
N GLN B 343 38.77 31.84 17.50
CA GLN B 343 39.20 31.06 16.35
C GLN B 343 38.72 31.74 15.07
N MET B 344 39.57 31.71 14.04
CA MET B 344 39.27 32.30 12.75
C MET B 344 38.87 31.23 11.76
N VAL B 345 37.76 31.45 11.06
CA VAL B 345 37.24 30.49 10.09
C VAL B 345 37.04 31.21 8.77
N ILE B 346 37.63 30.67 7.71
CA ILE B 346 37.43 31.14 6.34
C ILE B 346 36.61 30.11 5.61
N THR B 347 35.46 30.51 5.09
CA THR B 347 34.55 29.60 4.40
C THR B 347 34.36 30.06 2.96
N ALA B 348 34.48 29.10 2.03
CA ALA B 348 34.26 29.36 0.62
C ALA B 348 33.48 28.20 0.01
N CYS B 349 32.73 28.51 -1.05
CA CYS B 349 31.89 27.53 -1.72
C CYS B 349 32.22 27.53 -3.21
N GLY B 350 32.04 26.36 -3.83
CA GLY B 350 32.30 26.20 -5.24
C GLY B 350 31.24 26.86 -6.09
N PRO B 351 31.47 26.93 -7.40
CA PRO B 351 32.63 26.42 -8.16
C PRO B 351 33.92 27.18 -7.86
N PHE B 352 35.06 26.50 -7.97
CA PHE B 352 36.35 27.08 -7.66
C PHE B 352 37.15 27.48 -8.90
N THR B 353 36.70 27.09 -10.08
CA THR B 353 37.34 27.46 -11.33
C THR B 353 36.37 28.23 -12.20
N THR B 354 36.92 29.04 -13.10
CA THR B 354 36.09 29.84 -13.99
C THR B 354 35.33 28.94 -14.95
N SER B 355 34.26 29.49 -15.52
CA SER B 355 33.39 28.69 -16.38
C SER B 355 34.13 28.14 -17.59
N ASP B 356 35.12 28.86 -18.09
CA ASP B 356 35.82 28.49 -19.32
C ASP B 356 37.23 27.96 -19.06
N THR B 357 37.57 27.64 -17.82
CA THR B 357 38.90 27.14 -17.49
C THR B 357 38.77 26.00 -16.48
N ILE B 358 39.82 25.20 -16.39
CA ILE B 358 39.87 24.07 -15.48
C ILE B 358 41.14 24.15 -14.65
N THR B 359 41.68 25.37 -14.50
CA THR B 359 42.96 25.58 -13.85
C THR B 359 42.85 25.95 -12.37
N TYR B 360 41.66 26.29 -11.89
CA TYR B 360 41.45 26.62 -10.48
C TYR B 360 42.28 27.84 -10.06
N ASP B 361 42.04 28.95 -10.76
CA ASP B 361 42.73 30.19 -10.40
C ASP B 361 42.16 30.79 -9.12
N ALA B 362 40.83 30.80 -9.00
CA ALA B 362 40.21 31.33 -7.79
C ALA B 362 40.62 30.51 -6.57
N LEU B 363 40.74 29.20 -6.74
CA LEU B 363 41.21 28.36 -5.64
C LEU B 363 42.62 28.73 -5.23
N LYS B 364 43.48 29.01 -6.21
CA LYS B 364 44.85 29.42 -5.89
C LYS B 364 44.86 30.73 -5.13
N ASP B 365 44.03 31.69 -5.55
CA ASP B 365 43.94 32.95 -4.82
C ASP B 365 43.46 32.74 -3.39
N LEU B 366 42.46 31.87 -3.21
CA LEU B 366 41.96 31.60 -1.87
C LEU B 366 43.00 30.92 -1.00
N ILE B 367 43.78 30.00 -1.59
CA ILE B 367 44.85 29.35 -0.83
C ILE B 367 45.91 30.36 -0.43
N ASP B 368 46.22 31.31 -1.32
CA ASP B 368 47.14 32.38 -0.96
C ASP B 368 46.59 33.21 0.20
N ILE B 369 45.29 33.51 0.16
CA ILE B 369 44.68 34.24 1.26
C ILE B 369 44.79 33.46 2.55
N VAL B 370 44.57 32.15 2.48
CA VAL B 370 44.64 31.31 3.68
C VAL B 370 46.05 31.34 4.26
N ASN B 371 47.06 31.15 3.41
CA ASN B 371 48.43 31.17 3.90
C ASN B 371 48.82 32.53 4.43
N ARG B 372 48.25 33.60 3.86
CA ARG B 372 48.56 34.94 4.33
C ARG B 372 47.94 35.20 5.71
N ASP B 373 46.68 34.85 5.88
CA ASP B 373 45.96 35.16 7.11
C ASP B 373 46.07 34.07 8.17
N ARG B 374 46.46 32.86 7.79
CA ARG B 374 46.62 31.76 8.73
C ARG B 374 45.37 31.59 9.58
N PRO B 375 44.24 31.24 8.99
CA PRO B 375 43.04 30.97 9.77
C PRO B 375 43.16 29.65 10.54
N ASP B 376 42.28 29.49 11.52
CA ASP B 376 42.26 28.26 12.30
C ASP B 376 41.47 27.16 11.61
N ILE B 377 40.42 27.50 10.87
CA ILE B 377 39.67 26.51 10.11
C ILE B 377 39.35 27.10 8.73
N CYS B 378 39.43 26.25 7.71
CA CYS B 378 39.03 26.60 6.35
C CYS B 378 37.96 25.61 5.91
N ILE B 379 36.74 26.10 5.72
CA ILE B 379 35.61 25.28 5.33
C ILE B 379 35.38 25.47 3.84
N LEU B 380 35.65 24.42 3.06
CA LEU B 380 35.48 24.44 1.62
C LEU B 380 34.29 23.56 1.26
N LEU B 381 33.29 24.16 0.62
CA LEU B 381 32.09 23.47 0.20
C LEU B 381 32.11 23.27 -1.31
N GLY B 382 31.56 22.14 -1.76
CA GLY B 382 31.61 21.79 -3.15
C GLY B 382 30.70 22.68 -3.98
N PRO B 383 30.68 22.44 -5.30
CA PRO B 383 31.42 21.41 -6.03
C PRO B 383 32.89 21.70 -6.23
N PHE B 384 33.71 20.66 -6.30
CA PHE B 384 35.13 20.79 -6.62
C PHE B 384 35.42 20.43 -8.07
N LEU B 385 34.58 19.59 -8.67
CA LEU B 385 34.59 19.33 -10.11
C LEU B 385 33.13 19.43 -10.54
N ASP B 386 32.72 20.63 -10.92
CA ASP B 386 31.30 20.89 -11.17
C ASP B 386 30.79 20.07 -12.34
N ALA B 387 29.59 19.52 -12.19
CA ALA B 387 28.98 18.76 -13.26
C ALA B 387 28.43 19.66 -14.37
N LYS B 388 28.09 20.90 -14.03
CA LYS B 388 27.55 21.85 -14.99
C LYS B 388 28.62 22.64 -15.72
N HIS B 389 29.89 22.44 -15.38
CA HIS B 389 30.97 23.09 -16.11
C HIS B 389 30.88 22.74 -17.59
N GLU B 390 31.00 23.75 -18.45
CA GLU B 390 30.78 23.53 -19.87
C GLU B 390 31.75 22.48 -20.41
N GLN B 391 32.97 22.46 -19.90
CA GLN B 391 33.94 21.46 -20.36
C GLN B 391 33.52 20.05 -19.96
N ILE B 392 32.93 19.91 -18.76
CA ILE B 392 32.55 18.58 -18.28
C ILE B 392 31.39 18.02 -19.09
N GLU B 393 30.36 18.83 -19.34
CA GLU B 393 29.16 18.32 -19.97
C GLU B 393 29.41 17.89 -21.41
N ASN B 394 30.20 18.66 -22.15
CA ASN B 394 30.44 18.38 -23.57
C ASN B 394 31.57 17.40 -23.80
N LEU B 395 32.16 16.84 -22.73
CA LEU B 395 33.19 15.82 -22.85
C LEU B 395 34.39 16.32 -23.64
N GLN B 396 35.02 17.37 -23.11
CA GLN B 396 36.26 17.90 -23.65
C GLN B 396 37.45 17.61 -22.74
N LEU B 397 37.23 16.98 -21.60
CA LEU B 397 38.31 16.70 -20.67
C LEU B 397 39.12 15.51 -21.14
N THR B 398 40.44 15.64 -21.11
CA THR B 398 41.34 14.58 -21.53
C THR B 398 41.78 13.69 -20.38
N VAL B 399 41.33 13.97 -19.16
CA VAL B 399 41.68 13.16 -17.99
C VAL B 399 40.39 12.81 -17.25
N THR B 400 40.44 11.72 -16.50
CA THR B 400 39.27 11.24 -15.80
C THR B 400 38.85 12.25 -14.72
N PHE B 401 37.58 12.19 -14.35
CA PHE B 401 37.06 13.09 -13.31
C PHE B 401 37.82 12.88 -12.00
N GLU B 402 38.08 11.63 -11.63
CA GLU B 402 38.79 11.37 -10.39
C GLU B 402 40.16 12.02 -10.39
N ASP B 403 40.84 12.04 -11.53
CA ASP B 403 42.16 12.65 -11.60
C ASP B 403 42.09 14.15 -11.37
N VAL B 404 41.12 14.83 -11.99
CA VAL B 404 40.97 16.26 -11.78
C VAL B 404 40.67 16.55 -10.31
N PHE B 405 39.76 15.78 -9.72
CA PHE B 405 39.43 16.00 -8.31
C PHE B 405 40.63 15.73 -7.41
N LYS B 406 41.41 14.71 -7.72
CA LYS B 406 42.60 14.40 -6.93
C LYS B 406 43.60 15.55 -7.02
N ARG B 407 43.79 16.10 -8.23
CA ARG B 407 44.67 17.24 -8.38
C ARG B 407 44.17 18.43 -7.57
N CYS B 408 42.87 18.69 -7.59
CA CYS B 408 42.31 19.81 -6.82
C CYS B 408 42.54 19.62 -5.33
N LEU B 409 42.26 18.41 -4.83
CA LEU B 409 42.43 18.17 -3.39
C LEU B 409 43.89 18.25 -2.98
N LYS B 410 44.79 17.72 -3.82
CA LYS B 410 46.21 17.85 -3.53
C LYS B 410 46.63 19.32 -3.49
N MET B 411 46.16 20.11 -4.46
CA MET B 411 46.45 21.53 -4.45
C MET B 411 45.99 22.16 -3.14
N ILE B 412 44.75 21.88 -2.74
CA ILE B 412 44.21 22.48 -1.52
C ILE B 412 45.04 22.08 -0.30
N ILE B 413 45.29 20.79 -0.14
CA ILE B 413 45.91 20.30 1.09
C ILE B 413 47.37 20.72 1.16
N GLU B 414 48.12 20.48 0.08
CA GLU B 414 49.54 20.83 0.09
C GLU B 414 49.74 22.34 0.17
N GLY B 415 48.92 23.11 -0.54
CA GLY B 415 49.08 24.56 -0.53
C GLY B 415 48.79 25.19 0.82
N THR B 416 47.99 24.54 1.65
CA THR B 416 47.66 25.05 2.97
C THR B 416 48.62 24.56 4.05
N ARG B 417 49.65 23.81 3.68
CA ARG B 417 50.62 23.33 4.67
C ARG B 417 51.24 24.46 5.47
N PRO B 418 51.70 25.56 4.87
CA PRO B 418 52.28 26.64 5.67
C PRO B 418 51.33 27.21 6.70
N SER B 419 50.04 27.28 6.39
CA SER B 419 49.08 27.86 7.31
C SER B 419 48.77 26.94 8.49
N GLY B 420 48.96 25.63 8.32
CA GLY B 420 48.60 24.70 9.37
C GLY B 420 47.15 24.76 9.77
N CYS B 421 46.26 24.94 8.78
CA CYS B 421 44.86 25.19 9.05
C CYS B 421 44.02 23.93 8.85
N HIS B 422 43.16 23.66 9.82
CA HIS B 422 42.25 22.52 9.71
C HIS B 422 41.30 22.73 8.54
N LEU B 423 41.35 21.82 7.58
CA LEU B 423 40.50 21.90 6.38
C LEU B 423 39.28 21.02 6.58
N VAL B 424 38.11 21.59 6.33
CA VAL B 424 36.83 20.88 6.41
C VAL B 424 36.24 20.88 5.00
N ILE B 425 36.23 19.72 4.36
CA ILE B 425 35.79 19.57 2.98
C ILE B 425 34.39 18.99 2.99
N VAL B 426 33.45 19.69 2.37
CA VAL B 426 32.05 19.28 2.31
C VAL B 426 31.71 18.96 0.86
N PRO B 427 31.22 17.78 0.54
CA PRO B 427 30.88 17.46 -0.87
C PRO B 427 29.62 18.18 -1.30
N SER B 428 29.41 18.21 -2.61
CA SER B 428 28.25 18.84 -3.21
C SER B 428 27.57 17.87 -4.17
N LEU B 429 26.26 18.05 -4.33
CA LEU B 429 25.52 17.23 -5.27
C LEU B 429 25.96 17.47 -6.71
N ARG B 430 26.66 18.57 -6.96
CA ARG B 430 27.18 18.86 -8.29
C ARG B 430 28.56 18.26 -8.54
N ASP B 431 29.10 17.53 -7.57
CA ASP B 431 30.39 16.86 -7.76
C ASP B 431 30.19 15.70 -8.72
N VAL B 432 30.70 15.85 -9.95
CA VAL B 432 30.47 14.85 -10.98
C VAL B 432 31.14 13.52 -10.65
N HIS B 433 32.12 13.52 -9.75
CA HIS B 433 32.89 12.32 -9.44
C HIS B 433 32.39 11.57 -8.22
N HIS B 434 31.42 12.09 -7.49
CA HIS B 434 30.97 11.51 -6.23
C HIS B 434 29.58 10.93 -6.38
N ASP B 435 29.17 10.18 -5.35
CA ASP B 435 27.88 9.52 -5.36
C ASP B 435 26.76 10.55 -5.35
N PRO B 436 25.84 10.54 -6.32
CA PRO B 436 24.76 11.55 -6.35
C PRO B 436 23.56 11.17 -5.49
N VAL B 437 23.70 11.40 -4.18
CA VAL B 437 22.65 11.07 -3.23
C VAL B 437 22.76 12.00 -2.03
N TYR B 438 21.62 12.36 -1.46
CA TYR B 438 21.55 13.22 -0.30
C TYR B 438 20.82 12.50 0.82
N PRO B 439 21.32 12.53 2.06
CA PRO B 439 22.57 13.15 2.55
C PRO B 439 23.82 12.57 1.91
N GLN B 440 24.74 13.42 1.49
CA GLN B 440 25.92 12.96 0.76
C GLN B 440 26.97 12.42 1.72
N PRO B 441 27.49 11.22 1.50
CA PRO B 441 28.58 10.73 2.34
C PRO B 441 29.84 11.53 2.11
N PRO B 442 30.81 11.46 3.02
CA PRO B 442 32.06 12.20 2.82
C PRO B 442 32.87 11.64 1.66
N PHE B 443 33.77 12.48 1.15
CA PHE B 443 34.72 12.01 0.15
C PHE B 443 35.60 10.92 0.73
N SER B 444 35.89 9.90 -0.08
CA SER B 444 36.71 8.80 0.36
C SER B 444 37.73 8.34 -0.68
N CYS B 445 37.93 9.11 -1.76
CA CYS B 445 38.85 8.73 -2.81
C CYS B 445 40.25 9.31 -2.63
N PHE B 446 40.48 10.09 -1.56
CA PHE B 446 41.76 10.74 -1.34
C PHE B 446 42.26 10.36 0.04
N GLU B 447 43.53 9.96 0.11
CA GLU B 447 44.18 9.63 1.38
C GLU B 447 45.22 10.70 1.70
N PRO B 448 44.98 11.59 2.66
CA PRO B 448 45.99 12.61 2.97
C PRO B 448 47.27 11.98 3.48
N ALA B 449 48.39 12.66 3.20
CA ALA B 449 49.68 12.20 3.70
C ALA B 449 49.66 12.14 5.22
N LYS B 450 50.64 11.44 5.78
CA LYS B 450 50.71 11.29 7.22
C LYS B 450 50.85 12.62 7.94
N GLU B 451 51.35 13.65 7.25
CA GLU B 451 51.55 14.96 7.86
C GLU B 451 50.31 15.84 7.76
N ASP B 452 49.24 15.39 7.11
CA ASP B 452 48.03 16.18 6.97
C ASP B 452 46.79 15.41 7.42
N LYS B 453 46.94 14.22 8.00
CA LYS B 453 45.78 13.44 8.40
C LYS B 453 44.97 14.16 9.48
N GLU B 454 45.66 14.74 10.46
CA GLU B 454 44.98 15.42 11.56
C GLU B 454 44.41 16.77 11.16
N ARG B 455 44.75 17.27 9.98
CA ARG B 455 44.32 18.60 9.54
C ARG B 455 43.12 18.57 8.61
N VAL B 456 42.94 17.48 7.85
CA VAL B 456 41.89 17.39 6.84
C VAL B 456 40.72 16.61 7.44
N HIS B 457 39.52 17.16 7.30
CA HIS B 457 38.29 16.53 7.78
C HIS B 457 37.32 16.42 6.61
N PHE B 458 37.14 15.20 6.11
CA PHE B 458 36.15 14.94 5.07
C PHE B 458 34.82 14.66 5.76
N VAL B 459 33.93 15.64 5.72
CA VAL B 459 32.66 15.56 6.41
C VAL B 459 31.54 15.35 5.39
N ALA B 460 30.34 15.07 5.89
CA ALA B 460 29.19 14.79 5.07
C ALA B 460 28.33 16.04 4.89
N ASP B 461 27.52 16.03 3.83
CA ASP B 461 26.56 17.08 3.59
C ASP B 461 25.19 16.61 4.04
N PRO B 462 24.56 17.24 5.04
CA PRO B 462 24.98 18.40 5.83
C PRO B 462 25.95 18.01 6.94
N CYS B 463 26.59 18.98 7.59
CA CYS B 463 27.50 18.70 8.69
C CYS B 463 27.23 19.66 9.85
N THR B 464 27.32 19.12 11.05
CA THR B 464 27.31 19.92 12.29
C THR B 464 28.67 19.73 12.95
N LEU B 465 29.45 20.81 12.97
CA LEU B 465 30.81 20.80 13.45
C LEU B 465 30.88 21.49 14.81
N SER B 466 31.75 21.00 15.68
CA SER B 466 32.05 21.64 16.96
C SER B 466 33.49 22.14 16.91
N VAL B 467 33.66 23.44 17.12
CA VAL B 467 34.95 24.10 17.06
C VAL B 467 35.14 24.81 18.40
N ASN B 468 35.86 24.17 19.32
CA ASN B 468 36.07 24.73 20.65
C ASN B 468 34.74 25.09 21.31
N GLY B 469 33.75 24.22 21.13
CA GLY B 469 32.44 24.41 21.71
C GLY B 469 31.47 25.18 20.85
N VAL B 470 31.95 25.87 19.83
CA VAL B 470 31.06 26.61 18.93
C VAL B 470 30.50 25.63 17.90
N VAL B 471 29.17 25.60 17.78
CA VAL B 471 28.51 24.69 16.85
C VAL B 471 28.26 25.44 15.55
N ILE B 472 28.85 24.93 14.46
CA ILE B 472 28.69 25.48 13.13
C ILE B 472 27.93 24.47 12.28
N GLY B 473 26.78 24.87 11.77
CA GLY B 473 26.07 24.07 10.79
C GLY B 473 26.44 24.49 9.38
N MET B 474 26.56 23.51 8.49
CA MET B 474 26.92 23.82 7.11
C MET B 474 26.27 22.82 6.17
N THR B 475 25.90 23.31 4.99
CA THR B 475 25.37 22.46 3.94
C THR B 475 25.78 23.04 2.59
N SER B 476 26.19 22.16 1.67
CA SER B 476 26.49 22.60 0.31
C SER B 476 25.22 22.85 -0.49
N THR B 477 24.11 22.20 -0.12
CA THR B 477 22.89 22.33 -0.87
C THR B 477 22.37 23.77 -0.82
N ASP B 478 21.86 24.25 -1.95
CA ASP B 478 21.31 25.59 -2.07
C ASP B 478 19.90 25.57 -1.50
N LEU B 479 19.82 25.61 -0.17
CA LEU B 479 18.52 25.56 0.51
C LEU B 479 17.66 26.76 0.18
N LEU B 480 18.26 27.96 0.19
CA LEU B 480 17.47 29.17 -0.02
C LEU B 480 16.89 29.22 -1.42
N PHE B 481 17.67 28.84 -2.43
CA PHE B 481 17.14 28.81 -3.79
C PHE B 481 16.05 27.76 -3.93
N HIS B 482 16.24 26.58 -3.32
CA HIS B 482 15.24 25.54 -3.41
C HIS B 482 13.92 25.96 -2.76
N MET B 483 14.00 26.59 -1.59
CA MET B 483 12.81 26.96 -0.85
C MET B 483 12.25 28.32 -1.27
N GLY B 484 13.10 29.21 -1.76
CA GLY B 484 12.60 30.48 -2.26
C GLY B 484 11.65 30.32 -3.42
N ALA B 485 11.85 29.28 -4.23
CA ALA B 485 10.99 29.01 -5.36
C ALA B 485 9.62 28.48 -4.96
N GLU B 486 9.43 28.11 -3.70
CA GLU B 486 8.19 27.48 -3.25
C GLU B 486 7.53 28.16 -2.06
N GLU B 487 8.23 29.01 -1.33
CA GLU B 487 7.64 29.64 -0.15
C GLU B 487 6.62 30.70 -0.57
N ILE B 488 5.46 30.67 0.07
CA ILE B 488 4.40 31.66 -0.14
C ILE B 488 4.16 32.37 1.18
N SER B 489 4.03 33.69 1.13
CA SER B 489 3.87 34.50 2.33
C SER B 489 2.71 35.47 2.14
N SER B 490 2.12 35.87 3.27
CA SER B 490 1.01 36.81 3.22
C SER B 490 1.47 38.21 2.83
N SER B 491 2.66 38.61 3.27
CA SER B 491 3.20 39.93 2.96
C SER B 491 4.69 39.83 2.70
N ASP B 496 12.01 40.14 5.73
CA ASP B 496 12.95 39.69 4.71
C ASP B 496 12.68 38.23 4.36
N ARG B 497 12.55 37.96 3.07
CA ARG B 497 12.20 36.61 2.62
C ARG B 497 13.27 35.60 3.03
N PHE B 498 14.54 35.96 2.86
CA PHE B 498 15.62 35.04 3.24
C PHE B 498 15.59 34.76 4.73
N SER B 499 15.32 35.79 5.54
CA SER B 499 15.21 35.59 6.99
C SER B 499 14.06 34.64 7.31
N ARG B 500 12.93 34.78 6.63
CA ARG B 500 11.81 33.89 6.83
C ARG B 500 12.19 32.45 6.49
N ILE B 501 12.88 32.26 5.37
CA ILE B 501 13.25 30.91 4.97
C ILE B 501 14.25 30.31 5.96
N LEU B 502 15.21 31.11 6.42
CA LEU B 502 16.18 30.61 7.39
C LEU B 502 15.51 30.24 8.70
N ARG B 503 14.56 31.06 9.16
CA ARG B 503 13.82 30.71 10.36
C ARG B 503 13.01 29.44 10.14
N HIS B 504 12.47 29.25 8.94
CA HIS B 504 11.76 28.01 8.64
C HIS B 504 12.69 26.81 8.77
N ILE B 505 13.90 26.93 8.22
CA ILE B 505 14.86 25.82 8.33
C ILE B 505 15.19 25.53 9.77
N LEU B 506 15.43 26.59 10.57
CA LEU B 506 15.80 26.38 11.96
C LEU B 506 14.65 25.78 12.76
N THR B 507 13.41 26.22 12.49
CA THR B 507 12.26 25.74 13.25
C THR B 507 11.86 24.32 12.85
N GLN B 508 12.04 23.95 11.58
CA GLN B 508 11.74 22.59 11.17
C GLN B 508 12.79 21.61 11.66
N ARG B 509 13.96 22.09 12.09
CA ARG B 509 14.99 21.26 12.69
C ARG B 509 15.54 20.24 11.71
N SER B 510 15.51 20.55 10.42
CA SER B 510 16.10 19.70 9.39
C SER B 510 16.92 20.55 8.44
N TYR B 511 18.02 19.98 7.97
CA TYR B 511 18.85 20.66 6.99
C TYR B 511 18.23 20.64 5.60
N TYR B 512 17.13 19.92 5.40
CA TYR B 512 16.40 19.94 4.13
C TYR B 512 14.94 19.60 4.40
N PRO B 513 14.14 20.59 4.78
CA PRO B 513 12.71 20.35 5.07
C PRO B 513 11.79 20.37 3.87
N LEU B 514 12.29 20.59 2.65
CA LEU B 514 11.44 20.73 1.49
C LEU B 514 11.00 19.36 0.97
N TYR B 515 9.69 19.20 0.79
CA TYR B 515 9.14 17.96 0.24
C TYR B 515 7.95 18.27 -0.66
N PRO B 516 7.98 17.86 -1.93
CA PRO B 516 9.04 17.12 -2.63
C PRO B 516 10.27 17.98 -2.82
N PRO B 517 11.45 17.38 -2.95
CA PRO B 517 12.67 18.18 -3.10
C PRO B 517 12.71 18.94 -4.41
N ASN B 518 13.77 19.70 -4.63
CA ASN B 518 13.97 20.31 -5.93
C ASN B 518 14.37 19.24 -6.94
N GLU B 519 14.31 19.62 -8.22
CA GLU B 519 14.61 18.67 -9.29
C GLU B 519 16.08 18.31 -9.37
N GLU B 520 16.96 19.00 -8.63
CA GLU B 520 18.39 18.86 -8.78
C GLU B 520 19.05 18.09 -7.64
N ILE B 521 18.28 17.49 -6.74
CA ILE B 521 18.82 16.80 -5.58
C ILE B 521 18.19 15.42 -5.48
N ASN B 522 19.02 14.40 -5.27
CA ASN B 522 18.58 13.03 -5.07
C ASN B 522 18.56 12.74 -3.57
N ILE B 523 17.39 12.39 -3.04
CA ILE B 523 17.21 12.24 -1.61
C ILE B 523 16.92 10.77 -1.31
N ASP B 524 17.79 10.17 -0.49
CA ASP B 524 17.53 8.87 0.12
C ASP B 524 16.87 9.13 1.46
N TYR B 525 15.60 8.75 1.59
CA TYR B 525 14.79 9.22 2.70
C TYR B 525 15.13 8.56 4.02
N GLU B 526 15.61 7.32 4.01
CA GLU B 526 16.10 6.73 5.25
C GLU B 526 17.33 7.48 5.75
N ALA B 527 18.27 7.76 4.85
CA ALA B 527 19.45 8.54 5.22
C ALA B 527 19.05 9.96 5.60
N LEU B 528 18.06 10.53 4.92
CA LEU B 528 17.57 11.85 5.29
C LEU B 528 17.02 11.85 6.70
N TYR B 529 16.25 10.82 7.06
CA TYR B 529 15.73 10.72 8.41
C TYR B 529 16.85 10.59 9.42
N SER B 530 17.88 9.81 9.09
CA SER B 530 18.93 9.51 10.06
C SER B 530 19.91 10.67 10.25
N TYR B 531 20.18 11.45 9.21
CA TYR B 531 21.33 12.35 9.22
C TYR B 531 21.01 13.83 9.06
N THR B 532 19.89 14.19 8.43
CA THR B 532 19.55 15.60 8.27
C THR B 532 19.12 16.30 9.55
N PRO B 533 18.54 15.61 10.54
CA PRO B 533 18.03 16.32 11.72
C PRO B 533 19.09 17.21 12.35
N MET B 534 18.69 18.43 12.68
CA MET B 534 19.57 19.37 13.36
C MET B 534 19.67 19.00 14.83
N PRO B 535 20.87 18.71 15.36
CA PRO B 535 20.95 18.38 16.78
C PRO B 535 20.54 19.54 17.68
N VAL B 536 21.14 20.70 17.48
CA VAL B 536 20.78 21.92 18.19
C VAL B 536 20.66 23.04 17.16
N THR B 537 20.36 24.24 17.64
CA THR B 537 20.38 25.41 16.77
C THR B 537 21.82 25.91 16.67
N PRO B 538 22.44 25.89 15.49
CA PRO B 538 23.87 26.19 15.43
C PRO B 538 24.16 27.65 15.72
N ASP B 539 25.34 27.89 16.29
CA ASP B 539 25.78 29.25 16.52
C ASP B 539 26.04 29.97 15.20
N VAL B 540 26.62 29.27 14.24
CA VAL B 540 26.84 29.78 12.89
C VAL B 540 26.28 28.77 11.91
N PHE B 541 25.63 29.25 10.86
CA PHE B 541 25.01 28.38 9.85
C PHE B 541 25.50 28.83 8.48
N ILE B 542 26.38 28.03 7.88
CA ILE B 542 26.92 28.34 6.56
C ILE B 542 25.98 27.78 5.50
N VAL B 543 25.40 28.67 4.70
CA VAL B 543 24.43 28.29 3.68
C VAL B 543 24.77 28.97 2.36
N PRO B 544 25.75 28.47 1.61
CA PRO B 544 26.06 29.08 0.32
C PRO B 544 24.88 28.99 -0.63
N SER B 545 24.73 30.02 -1.46
CA SER B 545 23.59 30.10 -2.36
C SER B 545 23.98 30.88 -3.60
N GLU B 546 23.29 30.57 -4.71
CA GLU B 546 23.39 31.39 -5.91
C GLU B 546 22.84 32.79 -5.67
N LEU B 547 21.96 32.96 -4.69
CA LEU B 547 21.46 34.26 -4.31
C LEU B 547 22.61 35.11 -3.76
N ARG B 548 22.30 36.36 -3.44
CA ARG B 548 23.33 37.28 -3.00
C ARG B 548 23.89 36.89 -1.64
N TYR B 549 25.15 37.21 -1.42
CA TYR B 549 25.81 36.95 -0.15
C TYR B 549 25.12 37.73 0.96
N PHE B 550 25.22 37.22 2.18
CA PHE B 550 24.64 37.95 3.31
C PHE B 550 25.19 37.41 4.62
N ILE B 551 25.02 38.20 5.67
CA ILE B 551 25.25 37.78 7.05
C ILE B 551 24.04 38.25 7.84
N LYS B 552 23.18 37.30 8.22
CA LYS B 552 21.93 37.61 8.90
C LYS B 552 21.94 37.01 10.30
N ASP B 553 21.16 37.61 11.19
CA ASP B 553 20.97 37.10 12.54
C ASP B 553 19.52 36.63 12.64
N VAL B 554 19.33 35.31 12.56
CA VAL B 554 18.00 34.71 12.59
C VAL B 554 17.87 33.97 13.92
N THR B 555 17.05 34.52 14.82
CA THR B 555 16.77 33.90 16.11
C THR B 555 18.06 33.57 16.85
N GLY B 556 19.02 34.48 16.79
CA GLY B 556 20.27 34.32 17.48
C GLY B 556 21.32 33.47 16.80
N CYS B 557 21.04 32.99 15.59
CA CYS B 557 22.00 32.21 14.81
C CYS B 557 22.51 33.06 13.67
N ILE B 558 23.82 33.09 13.48
CA ILE B 558 24.45 33.90 12.45
C ILE B 558 24.50 33.06 11.18
N CYS B 559 23.59 33.33 10.26
CA CYS B 559 23.52 32.65 8.98
C CYS B 559 24.36 33.41 7.96
N ILE B 560 25.37 32.74 7.42
CA ILE B 560 26.32 33.36 6.50
C ILE B 560 26.17 32.69 5.13
N ASN B 561 25.90 33.50 4.12
CA ASN B 561 25.98 33.07 2.74
C ASN B 561 27.18 33.79 2.12
N PRO B 562 28.32 33.11 1.96
CA PRO B 562 29.48 33.73 1.33
C PRO B 562 29.41 33.79 -0.19
N GLY B 563 28.25 33.51 -0.78
CA GLY B 563 28.19 33.39 -2.21
C GLY B 563 29.01 32.21 -2.67
N ARG B 564 29.46 32.28 -3.91
CA ARG B 564 30.33 31.27 -4.50
C ARG B 564 31.63 31.93 -4.94
N LEU B 565 32.73 31.20 -4.78
CA LEU B 565 34.04 31.78 -5.04
C LEU B 565 34.14 32.33 -6.46
N THR B 566 33.47 31.69 -7.41
CA THR B 566 33.45 32.14 -8.80
C THR B 566 32.01 32.26 -9.27
N LYS B 567 31.68 33.38 -9.89
CA LYS B 567 30.34 33.65 -10.42
C LYS B 567 30.47 33.75 -11.94
N GLY B 568 30.38 32.62 -12.61
CA GLY B 568 30.54 32.59 -14.06
C GLY B 568 31.95 32.88 -14.49
N LEU B 569 32.13 33.94 -15.28
CA LEU B 569 33.45 34.34 -15.73
C LEU B 569 34.18 35.25 -14.75
N VAL B 570 33.46 35.81 -13.77
CA VAL B 570 34.01 36.79 -12.86
C VAL B 570 34.24 36.14 -11.50
N GLY B 571 35.18 36.69 -10.75
CA GLY B 571 35.45 36.18 -9.42
C GLY B 571 34.32 36.45 -8.46
N GLY B 572 34.23 35.61 -7.43
CA GLY B 572 33.16 35.69 -6.47
C GLY B 572 33.60 36.20 -5.12
N THR B 573 33.18 35.52 -4.05
CA THR B 573 33.42 36.00 -2.70
C THR B 573 33.59 34.81 -1.76
N TYR B 574 34.21 35.09 -0.62
CA TYR B 574 34.29 34.15 0.49
C TYR B 574 33.90 34.89 1.77
N ALA B 575 33.94 34.19 2.90
CA ALA B 575 33.60 34.81 4.17
C ALA B 575 34.64 34.44 5.22
N ARG B 576 34.83 35.33 6.17
CA ARG B 576 35.72 35.09 7.30
C ARG B 576 35.02 35.55 8.57
N PHE B 577 35.04 34.71 9.60
CA PHE B 577 34.40 35.07 10.86
C PHE B 577 35.23 34.56 12.04
N LEU B 578 34.99 35.19 13.19
CA LEU B 578 35.69 34.86 14.43
C LEU B 578 34.68 34.30 15.41
N VAL B 579 35.00 33.15 16.00
CA VAL B 579 34.10 32.45 16.90
C VAL B 579 34.84 32.16 18.20
N LYS B 580 34.18 32.45 19.33
CA LYS B 580 34.69 32.09 20.64
C LYS B 580 33.52 31.64 21.50
N SER B 581 33.69 30.51 22.18
CA SER B 581 32.62 29.95 23.00
C SER B 581 32.45 30.76 24.29
N GLY B 582 31.22 31.15 24.58
CA GLY B 582 30.93 31.90 25.79
C GLY B 582 31.17 33.38 25.70
N ALA B 583 31.47 33.91 24.51
CA ALA B 583 31.68 35.35 24.38
C ALA B 583 30.42 36.10 24.74
N MET B 584 30.56 37.13 25.57
CA MET B 584 29.44 37.95 26.01
C MET B 584 28.28 37.09 26.49
N ARG B 590 24.34 36.40 24.16
CA ARG B 590 24.95 35.36 23.33
C ARG B 590 25.59 35.98 22.09
N SER B 591 26.91 36.09 22.10
CA SER B 591 27.69 36.69 21.02
C SER B 591 28.82 35.75 20.62
N THR B 592 28.48 34.48 20.40
CA THR B 592 29.48 33.49 20.04
C THR B 592 30.20 33.85 18.74
N CYS B 593 29.59 34.67 17.89
CA CYS B 593 30.23 35.16 16.68
C CYS B 593 30.67 36.59 16.93
N ILE B 594 31.98 36.78 17.13
CA ILE B 594 32.51 38.11 17.43
C ILE B 594 32.36 39.02 16.23
N SER B 595 32.77 38.55 15.05
CA SER B 595 32.75 39.35 13.85
C SER B 595 32.65 38.44 12.64
N ALA B 596 32.13 38.99 11.54
CA ALA B 596 31.97 38.24 10.31
C ALA B 596 32.01 39.20 9.14
N GLN B 597 32.55 38.74 8.02
CA GLN B 597 32.70 39.59 6.85
C GLN B 597 32.64 38.75 5.59
N VAL B 598 31.84 39.20 4.63
CA VAL B 598 31.87 38.67 3.28
C VAL B 598 32.80 39.56 2.46
N VAL B 599 33.86 38.94 1.92
CA VAL B 599 34.96 39.63 1.27
C VAL B 599 35.09 39.09 -0.14
N ARG B 600 35.67 39.90 -1.02
CA ARG B 600 35.87 39.52 -2.41
C ARG B 600 37.20 38.80 -2.58
N VAL B 601 37.24 37.92 -3.57
CA VAL B 601 38.44 37.14 -3.86
C VAL B 601 39.35 37.91 -4.81
N THR C 16 40.96 -22.81 0.87
CA THR C 16 40.79 -21.62 1.69
C THR C 16 41.55 -20.45 1.10
N GLY C 17 41.06 -19.91 -0.01
CA GLY C 17 41.75 -18.82 -0.70
C GLY C 17 41.69 -17.49 0.03
N ASP C 18 40.53 -16.82 -0.01
CA ASP C 18 40.42 -15.45 0.46
C ASP C 18 39.50 -15.32 1.66
N ARG C 19 38.27 -15.81 1.59
CA ARG C 19 37.25 -15.57 2.61
C ARG C 19 36.54 -16.85 2.99
N LYS C 20 37.31 -17.91 3.27
CA LYS C 20 36.78 -19.21 3.61
C LYS C 20 36.94 -19.47 5.11
N GLY C 21 36.46 -20.63 5.54
CA GLY C 21 36.57 -20.99 6.95
C GLY C 21 36.17 -22.43 7.16
N ASP C 22 36.03 -22.79 8.43
CA ASP C 22 35.60 -24.12 8.83
C ASP C 22 34.08 -24.25 8.89
N LEU C 23 33.36 -23.36 8.22
CA LEU C 23 31.89 -23.37 8.27
C LEU C 23 31.30 -24.60 7.60
N TYR C 24 32.04 -25.27 6.73
CA TYR C 24 31.53 -26.41 5.96
C TYR C 24 32.48 -27.58 6.10
N PRO C 25 32.50 -28.24 7.27
CA PRO C 25 33.43 -29.36 7.46
C PRO C 25 33.15 -30.54 6.55
N SER C 26 31.92 -31.06 6.56
CA SER C 26 31.56 -32.27 5.84
C SER C 26 30.58 -31.96 4.72
N SER C 27 30.51 -32.89 3.77
CA SER C 27 29.60 -32.72 2.64
C SER C 27 28.15 -32.75 3.11
N LEU C 28 27.73 -33.85 3.70
CA LEU C 28 26.37 -33.94 4.23
C LEU C 28 26.22 -33.03 5.44
N GLN C 29 25.04 -32.45 5.58
CA GLN C 29 24.72 -31.65 6.76
C GLN C 29 23.22 -31.73 7.01
N PHE C 30 22.84 -31.41 8.24
CA PHE C 30 21.45 -31.39 8.64
C PHE C 30 20.80 -30.04 8.36
N TYR C 31 21.54 -29.07 7.85
CA TYR C 31 21.02 -27.74 7.57
C TYR C 31 20.39 -27.14 8.81
N GLN C 32 21.22 -26.99 9.85
CA GLN C 32 20.74 -26.51 11.14
C GLN C 32 20.92 -25.00 11.30
N HIS C 33 22.07 -24.47 10.88
CA HIS C 33 22.39 -23.06 11.09
C HIS C 33 22.13 -22.28 9.81
N PRO C 34 21.24 -21.29 9.82
CA PRO C 34 20.99 -20.53 8.59
C PRO C 34 22.24 -19.77 8.17
N PRO C 35 22.39 -19.51 6.87
CA PRO C 35 23.52 -18.69 6.42
C PRO C 35 23.37 -17.24 6.86
N THR C 36 24.51 -16.58 7.02
CA THR C 36 24.55 -15.20 7.48
C THR C 36 25.19 -14.25 6.47
N GLU C 37 25.59 -14.73 5.30
CA GLU C 37 26.32 -13.93 4.35
C GLU C 37 25.39 -12.97 3.62
N ASN C 38 26.01 -12.03 2.90
CA ASN C 38 25.32 -11.13 1.98
C ASN C 38 25.64 -11.59 0.56
N ILE C 39 24.65 -12.11 -0.13
CA ILE C 39 24.82 -12.61 -1.49
C ILE C 39 24.11 -11.66 -2.45
N SER C 40 24.39 -11.85 -3.74
CA SER C 40 23.78 -11.03 -4.77
C SER C 40 22.45 -11.63 -5.20
N LEU C 41 21.62 -10.79 -5.83
CA LEU C 41 20.33 -11.24 -6.32
C LEU C 41 20.51 -12.31 -7.40
N ILE C 42 21.52 -12.15 -8.25
CA ILE C 42 21.80 -13.14 -9.29
C ILE C 42 22.17 -14.48 -8.65
N GLU C 43 23.02 -14.45 -7.64
CA GLU C 43 23.39 -15.68 -6.95
C GLU C 43 22.17 -16.32 -6.29
N PHE C 44 21.34 -15.50 -5.65
CA PHE C 44 20.11 -16.00 -5.03
C PHE C 44 19.26 -16.76 -6.05
N GLU C 45 18.98 -16.12 -7.19
CA GLU C 45 18.13 -16.74 -8.19
C GLU C 45 18.76 -18.01 -8.76
N THR C 46 20.06 -17.95 -9.05
CA THR C 46 20.74 -19.10 -9.63
C THR C 46 20.69 -20.29 -8.68
N PHE C 47 20.98 -20.06 -7.40
CA PHE C 47 20.97 -21.14 -6.42
C PHE C 47 19.56 -21.73 -6.28
N ALA C 48 18.56 -20.85 -6.18
CA ALA C 48 17.19 -21.34 -6.05
C ALA C 48 16.82 -22.23 -7.22
N ILE C 49 17.06 -21.77 -8.44
CA ILE C 49 16.65 -22.54 -9.61
C ILE C 49 17.44 -23.84 -9.68
N GLU C 50 18.74 -23.80 -9.39
CA GLU C 50 19.55 -25.01 -9.48
C GLU C 50 19.07 -26.08 -8.51
N ARG C 51 18.79 -25.69 -7.27
CA ARG C 51 18.31 -26.69 -6.32
C ARG C 51 16.89 -27.15 -6.67
N LEU C 52 16.08 -26.29 -7.26
CA LEU C 52 14.77 -26.74 -7.73
C LEU C 52 14.93 -27.81 -8.81
N LYS C 53 15.86 -27.60 -9.73
CA LYS C 53 16.14 -28.62 -10.74
C LYS C 53 16.58 -29.92 -10.09
N LEU C 54 17.47 -29.83 -9.10
CA LEU C 54 17.96 -31.04 -8.44
C LEU C 54 16.82 -31.80 -7.78
N LEU C 55 15.94 -31.09 -7.06
CA LEU C 55 14.86 -31.77 -6.35
C LEU C 55 13.84 -32.34 -7.32
N LYS C 56 13.54 -31.65 -8.41
CA LYS C 56 12.63 -32.19 -9.40
C LYS C 56 13.22 -33.44 -10.05
N ALA C 57 14.53 -33.42 -10.32
CA ALA C 57 15.18 -34.63 -10.85
C ALA C 57 15.08 -35.77 -9.85
N VAL C 58 15.27 -35.48 -8.57
CA VAL C 58 15.15 -36.52 -7.54
C VAL C 58 13.76 -37.12 -7.57
N GLU C 59 12.73 -36.26 -7.63
CA GLU C 59 11.36 -36.75 -7.63
C GLU C 59 11.08 -37.62 -8.86
N ASN C 60 11.51 -37.16 -10.04
CA ASN C 60 11.26 -37.92 -11.25
C ASN C 60 11.95 -39.27 -11.20
N LEU C 61 13.21 -39.31 -10.75
CA LEU C 61 13.91 -40.57 -10.67
C LEU C 61 13.29 -41.50 -9.63
N GLY C 62 12.79 -40.95 -8.53
CA GLY C 62 12.11 -41.77 -7.55
C GLY C 62 10.84 -42.39 -8.11
N VAL C 63 10.09 -41.62 -8.90
CA VAL C 63 8.89 -42.17 -9.52
C VAL C 63 9.25 -43.24 -10.54
N SER C 64 10.27 -42.98 -11.36
CA SER C 64 10.57 -43.87 -12.47
C SER C 64 11.26 -45.16 -12.02
N TYR C 65 12.19 -45.06 -11.07
CA TYR C 65 13.04 -46.19 -10.70
C TYR C 65 12.91 -46.48 -9.21
N VAL C 66 13.38 -47.66 -8.82
CA VAL C 66 13.46 -48.04 -7.42
C VAL C 66 14.71 -47.41 -6.82
N LYS C 67 14.55 -46.80 -5.64
CA LYS C 67 15.61 -45.95 -5.11
C LYS C 67 16.89 -46.72 -4.81
N ASN C 68 16.81 -48.03 -4.60
CA ASN C 68 18.02 -48.84 -4.44
C ASN C 68 18.62 -49.26 -5.78
N SER C 69 17.92 -49.01 -6.88
CA SER C 69 18.39 -49.48 -8.18
C SER C 69 19.68 -48.75 -8.57
N GLU C 70 20.47 -49.42 -9.42
CA GLU C 70 21.70 -48.80 -9.92
C GLU C 70 21.40 -47.69 -10.92
N GLU C 71 20.31 -47.83 -11.68
CA GLU C 71 19.93 -46.76 -12.59
C GLU C 71 19.64 -45.47 -11.83
N TYR C 72 18.93 -45.58 -10.70
CA TYR C 72 18.66 -44.42 -9.87
C TYR C 72 19.96 -43.75 -9.44
N SER C 73 20.92 -44.54 -8.97
CA SER C 73 22.19 -43.98 -8.50
C SER C 73 22.94 -43.30 -9.65
N LYS C 74 23.00 -43.97 -10.80
CA LYS C 74 23.73 -43.41 -11.93
C LYS C 74 23.12 -42.09 -12.38
N LYS C 75 21.79 -42.07 -12.54
CA LYS C 75 21.14 -40.85 -13.01
C LYS C 75 21.24 -39.73 -11.98
N LEU C 76 21.13 -40.06 -10.70
CA LEU C 76 21.25 -39.02 -9.67
C LEU C 76 22.66 -38.47 -9.62
N GLU C 77 23.67 -39.32 -9.76
CA GLU C 77 25.05 -38.82 -9.83
C GLU C 77 25.24 -37.93 -11.05
N LEU C 78 24.66 -38.32 -12.19
CA LEU C 78 24.78 -37.50 -13.38
C LEU C 78 24.15 -36.13 -13.16
N GLU C 79 22.97 -36.09 -12.55
CA GLU C 79 22.31 -34.82 -12.28
C GLU C 79 23.12 -33.97 -11.31
N LEU C 80 23.66 -34.59 -10.25
CA LEU C 80 24.45 -33.83 -9.29
C LEU C 80 25.69 -33.27 -9.94
N ARG C 81 26.33 -34.03 -10.82
CA ARG C 81 27.50 -33.52 -11.54
C ARG C 81 27.12 -32.37 -12.47
N LYS C 82 25.98 -32.50 -13.16
CA LYS C 82 25.58 -31.48 -14.11
C LYS C 82 25.31 -30.14 -13.42
N LEU C 83 24.66 -30.18 -12.26
CA LEU C 83 24.33 -28.96 -11.52
C LEU C 83 25.40 -28.59 -10.51
N LYS C 84 26.45 -29.39 -10.37
CA LYS C 84 27.59 -29.07 -9.51
C LYS C 84 27.16 -28.91 -8.05
N PHE C 85 26.64 -30.01 -7.50
CA PHE C 85 26.30 -30.10 -6.09
C PHE C 85 27.18 -31.13 -5.39
N PRO C 86 27.41 -30.98 -4.08
CA PRO C 86 28.25 -31.96 -3.38
C PRO C 86 27.58 -33.32 -3.33
N TYR C 87 28.27 -34.35 -3.83
CA TYR C 87 27.80 -35.72 -3.73
C TYR C 87 28.87 -36.71 -3.29
N ARG C 88 30.15 -36.42 -3.45
CA ARG C 88 31.22 -37.32 -3.06
C ARG C 88 32.02 -36.71 -1.91
N PRO C 89 32.59 -37.56 -1.02
CA PRO C 89 33.38 -37.03 0.09
C PRO C 89 34.76 -36.53 -0.35
N ILE C 94 40.02 -29.35 2.09
CA ILE C 94 38.95 -28.47 1.66
C ILE C 94 39.44 -27.55 0.57
N SER C 95 39.38 -28.01 -0.67
CA SER C 95 39.74 -27.17 -1.80
C SER C 95 38.70 -26.07 -1.98
N ASP C 96 39.16 -24.90 -2.44
CA ASP C 96 38.26 -23.76 -2.59
C ASP C 96 37.03 -24.14 -3.40
N ASP C 97 37.23 -24.76 -4.55
CA ASP C 97 36.09 -25.18 -5.37
C ASP C 97 35.12 -26.02 -4.55
N VAL C 98 35.63 -27.02 -3.84
CA VAL C 98 34.76 -27.84 -2.99
C VAL C 98 33.99 -26.94 -2.03
N TYR C 99 34.70 -26.04 -1.35
CA TYR C 99 34.03 -25.12 -0.44
C TYR C 99 32.87 -24.45 -1.15
N ASP C 100 33.13 -23.89 -2.34
CA ASP C 100 32.08 -23.21 -3.08
C ASP C 100 30.86 -24.10 -3.21
N LEU C 101 31.06 -25.33 -3.68
CA LEU C 101 29.92 -26.22 -3.86
C LEU C 101 29.13 -26.34 -2.57
N ARG C 102 29.81 -26.59 -1.46
CA ARG C 102 29.12 -26.77 -0.20
C ARG C 102 28.33 -25.52 0.14
N ARG C 103 28.94 -24.34 -0.03
CA ARG C 103 28.23 -23.11 0.23
C ARG C 103 26.95 -23.07 -0.60
N LYS C 104 27.06 -23.36 -1.89
CA LYS C 104 25.89 -23.44 -2.74
C LYS C 104 24.84 -24.24 -2.00
N ASP C 105 25.17 -25.49 -1.71
CA ASP C 105 24.19 -26.39 -1.11
C ASP C 105 23.53 -25.74 0.09
N HIS C 106 24.35 -25.13 0.96
CA HIS C 106 23.83 -24.65 2.23
C HIS C 106 22.85 -23.50 2.00
N ILE C 107 23.19 -22.58 1.11
CA ILE C 107 22.32 -21.42 0.90
C ILE C 107 21.07 -21.84 0.12
N SER C 108 21.26 -22.54 -0.99
CA SER C 108 20.15 -22.98 -1.80
C SER C 108 19.10 -23.68 -0.96
N HIS C 109 19.54 -24.58 -0.08
CA HIS C 109 18.56 -25.31 0.73
C HIS C 109 17.64 -24.33 1.44
N PHE C 110 18.21 -23.36 2.17
CA PHE C 110 17.37 -22.46 2.93
C PHE C 110 16.50 -21.62 2.00
N ILE C 111 17.03 -21.24 0.84
CA ILE C 111 16.19 -20.49 -0.09
C ILE C 111 14.96 -21.30 -0.41
N LEU C 112 15.16 -22.59 -0.72
CA LEU C 112 14.03 -23.44 -1.05
C LEU C 112 13.09 -23.59 0.13
N ARG C 113 13.64 -23.59 1.35
CA ARG C 113 12.78 -23.57 2.52
C ARG C 113 11.84 -22.39 2.45
N LEU C 114 12.39 -21.21 2.19
CA LEU C 114 11.55 -20.04 2.05
C LEU C 114 10.51 -20.23 0.95
N ALA C 115 10.87 -20.98 -0.10
CA ALA C 115 9.92 -21.25 -1.17
C ALA C 115 8.88 -22.31 -0.79
N TYR C 116 9.23 -23.24 0.09
CA TYR C 116 8.41 -24.42 0.28
C TYR C 116 7.89 -24.55 1.71
N CYS C 117 7.37 -23.46 2.26
CA CYS C 117 6.79 -23.47 3.59
C CYS C 117 5.41 -22.86 3.66
N GLN C 118 4.87 -22.40 2.53
CA GLN C 118 3.59 -21.70 2.56
C GLN C 118 2.41 -22.63 2.75
N SER C 119 2.45 -23.82 2.15
CA SER C 119 1.33 -24.75 2.18
C SER C 119 1.81 -26.13 2.60
N GLU C 120 1.00 -26.81 3.40
CA GLU C 120 1.36 -28.13 3.91
C GLU C 120 1.79 -29.05 2.77
N ASP C 121 0.97 -29.13 1.72
CA ASP C 121 1.36 -29.91 0.55
C ASP C 121 2.81 -29.63 0.18
N LEU C 122 3.11 -28.37 -0.14
CA LEU C 122 4.45 -28.00 -0.53
C LEU C 122 5.45 -28.51 0.49
N ARG C 123 5.18 -28.26 1.77
CA ARG C 123 6.12 -28.67 2.80
C ARG C 123 6.43 -30.15 2.64
N ARG C 124 5.39 -30.97 2.59
CA ARG C 124 5.59 -32.41 2.47
C ARG C 124 6.47 -32.71 1.26
N TRP C 125 6.13 -32.12 0.12
CA TRP C 125 6.89 -32.40 -1.09
C TRP C 125 8.36 -32.13 -0.82
N PHE C 126 8.66 -30.94 -0.30
CA PHE C 126 10.02 -30.55 -0.03
C PHE C 126 10.67 -31.61 0.82
N ILE C 127 10.02 -31.94 1.93
CA ILE C 127 10.63 -32.87 2.88
C ILE C 127 10.98 -34.15 2.15
N GLN C 128 10.03 -34.68 1.39
CA GLN C 128 10.27 -35.95 0.75
C GLN C 128 11.53 -35.87 -0.08
N GLN C 129 11.58 -34.86 -0.97
CA GLN C 129 12.72 -34.77 -1.86
C GLN C 129 14.00 -34.67 -1.07
N GLU C 130 14.00 -33.82 -0.03
CA GLU C 130 15.21 -33.62 0.74
C GLU C 130 15.66 -34.93 1.32
N MET C 131 14.72 -35.67 1.92
CA MET C 131 15.08 -36.93 2.53
C MET C 131 15.72 -37.83 1.49
N ASP C 132 15.10 -37.92 0.32
CA ASP C 132 15.65 -38.80 -0.70
C ASP C 132 17.09 -38.41 -0.96
N LEU C 133 17.32 -37.13 -1.21
CA LEU C 133 18.67 -36.68 -1.53
C LEU C 133 19.62 -37.09 -0.41
N PHE C 134 19.21 -36.83 0.83
CA PHE C 134 20.08 -37.09 1.96
C PHE C 134 20.44 -38.57 1.97
N LYS C 135 19.44 -39.42 1.78
CA LYS C 135 19.70 -40.86 1.78
C LYS C 135 20.74 -41.18 0.73
N PHE C 136 20.53 -40.67 -0.48
CA PHE C 136 21.46 -40.97 -1.55
C PHE C 136 22.87 -40.61 -1.10
N ARG C 137 23.02 -39.40 -0.53
CA ARG C 137 24.35 -38.94 -0.18
C ARG C 137 24.95 -39.84 0.89
N PHE C 138 24.14 -40.24 1.86
CA PHE C 138 24.61 -41.15 2.89
C PHE C 138 25.14 -42.43 2.27
N GLY C 139 24.43 -42.96 1.27
CA GLY C 139 24.84 -44.18 0.63
C GLY C 139 26.20 -44.08 -0.02
N LEU C 140 26.68 -42.87 -0.28
CA LEU C 140 27.97 -42.65 -0.92
C LEU C 140 29.07 -42.32 0.08
N LEU C 141 28.80 -42.44 1.37
CA LEU C 141 29.78 -42.10 2.40
C LEU C 141 30.58 -43.33 2.79
N THR C 142 31.91 -43.21 2.73
CA THR C 142 32.78 -44.26 3.24
C THR C 142 32.68 -44.33 4.76
N LYS C 143 32.94 -45.51 5.31
CA LYS C 143 32.75 -45.71 6.74
C LYS C 143 33.46 -44.63 7.55
N GLU C 144 34.72 -44.38 7.24
CA GLU C 144 35.44 -43.31 7.91
C GLU C 144 34.63 -42.02 7.87
N SER C 145 34.35 -41.55 6.65
CA SER C 145 33.55 -40.33 6.49
C SER C 145 32.27 -40.43 7.29
N VAL C 146 31.60 -41.59 7.25
CA VAL C 146 30.34 -41.73 7.96
C VAL C 146 30.54 -41.38 9.42
N GLN C 147 31.55 -42.00 10.04
CA GLN C 147 31.81 -41.73 11.45
C GLN C 147 32.09 -40.25 11.64
N GLU C 148 32.89 -39.66 10.75
CA GLU C 148 33.18 -38.24 10.88
C GLU C 148 31.87 -37.48 11.00
N PHE C 149 30.95 -37.75 10.08
CA PHE C 149 29.66 -37.07 10.10
C PHE C 149 28.98 -37.30 11.44
N LEU C 150 28.89 -38.56 11.85
CA LEU C 150 28.17 -38.88 13.08
C LEU C 150 28.78 -38.17 14.27
N LYS C 151 30.04 -37.76 14.16
CA LYS C 151 30.67 -37.03 15.25
C LYS C 151 30.35 -35.54 15.16
N LEU C 152 30.47 -34.97 13.95
CA LEU C 152 30.34 -33.52 13.81
C LEU C 152 28.96 -33.05 14.24
N ASN C 153 27.95 -33.90 14.13
CA ASN C 153 26.59 -33.54 14.49
C ASN C 153 26.17 -34.11 15.84
N ASP C 154 27.10 -34.66 16.61
CA ASP C 154 26.82 -35.19 17.93
C ASP C 154 25.74 -36.28 17.86
N LEU C 155 26.09 -37.36 17.17
CA LEU C 155 25.19 -38.50 17.03
C LEU C 155 25.85 -39.76 17.58
N HIS C 217 24.91 -51.33 9.47
CA HIS C 217 25.13 -50.18 8.62
C HIS C 217 23.87 -49.78 7.88
N LYS C 218 23.28 -50.74 7.16
CA LYS C 218 22.11 -50.47 6.35
C LYS C 218 21.02 -49.78 7.16
N ASP C 219 20.84 -50.21 8.41
CA ASP C 219 19.78 -49.66 9.25
C ASP C 219 20.11 -48.27 9.78
N ILE C 220 21.39 -47.95 9.97
CA ILE C 220 21.75 -46.70 10.63
C ILE C 220 21.18 -45.51 9.87
N VAL C 221 21.27 -45.56 8.53
CA VAL C 221 20.76 -44.46 7.72
C VAL C 221 19.33 -44.16 8.12
N SER C 222 18.52 -45.19 8.34
CA SER C 222 17.13 -44.97 8.70
C SER C 222 17.03 -44.05 9.89
N ILE C 223 17.74 -44.39 10.98
CA ILE C 223 17.68 -43.56 12.18
C ILE C 223 18.10 -42.15 11.83
N VAL C 224 19.21 -42.02 11.11
CA VAL C 224 19.69 -40.68 10.79
C VAL C 224 18.57 -39.91 10.10
N LEU C 225 17.94 -40.55 9.13
CA LEU C 225 16.90 -39.89 8.36
C LEU C 225 15.77 -39.48 9.27
N ASN C 226 15.38 -40.34 10.20
CA ASN C 226 14.32 -39.99 11.11
C ASN C 226 14.66 -38.67 11.77
N ASP C 227 15.86 -38.60 12.35
CA ASP C 227 16.26 -37.37 13.02
C ASP C 227 16.12 -36.20 12.05
N PHE C 228 16.71 -36.36 10.86
CA PHE C 228 16.71 -35.29 9.90
C PHE C 228 15.28 -34.81 9.70
N ARG C 229 14.38 -35.74 9.46
CA ARG C 229 13.00 -35.38 9.14
C ARG C 229 12.41 -34.58 10.28
N ALA C 230 12.56 -35.07 11.51
CA ALA C 230 12.04 -34.30 12.63
C ALA C 230 12.51 -32.86 12.48
N LYS C 231 13.83 -32.70 12.46
CA LYS C 231 14.39 -31.35 12.43
C LYS C 231 13.75 -30.56 11.31
N LEU C 232 13.72 -31.14 10.11
CA LEU C 232 13.31 -30.39 8.94
C LEU C 232 11.88 -29.92 9.10
N SER C 233 11.00 -30.80 9.58
CA SER C 233 9.62 -30.39 9.78
C SER C 233 9.57 -29.20 10.71
N LYS C 234 10.26 -29.30 11.85
CA LYS C 234 10.27 -28.18 12.77
C LYS C 234 10.68 -26.92 12.04
N ALA C 235 11.78 -27.01 11.28
CA ALA C 235 12.30 -25.84 10.61
C ALA C 235 11.26 -25.24 9.69
N LEU C 236 10.58 -26.10 8.93
CA LEU C 236 9.60 -25.59 7.99
C LEU C 236 8.50 -24.85 8.74
N ALA C 237 8.05 -25.41 9.85
CA ALA C 237 7.05 -24.71 10.65
C ALA C 237 7.56 -23.32 10.98
N LEU C 238 8.79 -23.24 11.50
CA LEU C 238 9.33 -21.95 11.88
C LEU C 238 9.34 -21.01 10.69
N SER C 239 9.70 -21.53 9.52
CA SER C 239 9.77 -20.69 8.33
C SER C 239 8.40 -20.13 8.00
N ALA C 240 7.38 -20.98 8.08
CA ALA C 240 6.03 -20.52 7.82
C ALA C 240 5.61 -19.46 8.82
N ARG C 241 6.18 -19.51 10.02
CA ARG C 241 5.88 -18.49 11.02
C ARG C 241 6.57 -17.16 10.73
N SER C 242 7.64 -17.17 9.93
CA SER C 242 8.42 -15.97 9.64
C SER C 242 8.24 -15.51 8.20
N LEU C 243 7.08 -15.76 7.62
CA LEU C 243 6.81 -15.44 6.23
C LEU C 243 6.53 -13.95 6.02
N PRO C 244 5.79 -13.29 6.93
CA PRO C 244 5.47 -11.87 6.69
C PRO C 244 6.68 -10.99 6.49
N VAL C 245 7.83 -11.34 7.10
CA VAL C 245 9.02 -10.52 6.94
C VAL C 245 9.58 -10.57 5.53
N VAL C 246 9.25 -11.61 4.76
CA VAL C 246 9.85 -11.82 3.45
C VAL C 246 8.94 -11.30 2.35
N GLN C 247 7.62 -11.36 2.57
CA GLN C 247 6.68 -10.94 1.56
C GLN C 247 6.88 -9.47 1.17
N SER C 248 7.39 -8.66 2.09
CA SER C 248 7.62 -7.26 1.81
C SER C 248 8.77 -7.02 0.83
N ASP C 249 9.58 -8.03 0.55
CA ASP C 249 10.71 -7.89 -0.37
C ASP C 249 10.24 -8.27 -1.77
N GLU C 250 9.75 -7.28 -2.52
CA GLU C 250 9.22 -7.54 -3.84
C GLU C 250 10.20 -8.33 -4.70
N ARG C 251 11.49 -8.01 -4.59
CA ARG C 251 12.50 -8.70 -5.40
C ARG C 251 12.35 -10.21 -5.31
N LEU C 252 12.11 -10.72 -4.11
CA LEU C 252 12.06 -12.16 -3.88
C LEU C 252 10.65 -12.71 -3.88
N GLN C 253 9.64 -11.90 -4.15
CA GLN C 253 8.26 -12.40 -4.09
C GLN C 253 7.93 -13.19 -5.35
N PRO C 254 8.20 -12.66 -6.55
CA PRO C 254 7.89 -13.45 -7.75
C PRO C 254 8.54 -14.81 -7.76
N LEU C 255 9.75 -14.93 -7.23
CA LEU C 255 10.44 -16.22 -7.23
C LEU C 255 9.83 -17.16 -6.20
N LEU C 256 9.90 -16.79 -4.93
CA LEU C 256 9.53 -17.71 -3.85
C LEU C 256 8.06 -18.11 -3.94
N ASN C 257 7.18 -17.16 -4.25
CA ASN C 257 5.76 -17.46 -4.34
C ASN C 257 5.44 -18.40 -5.49
N HIS C 258 6.34 -18.56 -6.46
CA HIS C 258 6.03 -19.32 -7.66
C HIS C 258 7.13 -20.31 -8.05
N LEU C 259 8.12 -20.53 -7.18
CA LEU C 259 9.20 -21.45 -7.53
C LEU C 259 8.65 -22.83 -7.85
N SER C 260 7.70 -23.31 -7.06
CA SER C 260 7.15 -24.64 -7.29
C SER C 260 6.57 -24.78 -8.69
N HIS C 261 6.15 -23.67 -9.29
CA HIS C 261 5.59 -23.66 -10.64
C HIS C 261 6.54 -22.99 -11.63
N SER C 262 7.83 -23.24 -11.49
CA SER C 262 8.84 -22.62 -12.33
C SER C 262 9.33 -23.62 -13.37
N TYR C 263 9.28 -23.23 -14.65
CA TYR C 263 9.78 -24.07 -15.72
C TYR C 263 11.30 -24.10 -15.69
N ILE C 264 11.88 -25.30 -15.78
CA ILE C 264 13.30 -25.50 -15.56
C ILE C 264 13.96 -26.13 -16.78
N GLY C 265 13.41 -25.89 -17.95
CA GLY C 265 13.95 -26.42 -19.19
C GLY C 265 14.72 -25.39 -19.98
N GLN C 266 14.76 -25.59 -21.29
CA GLN C 266 15.47 -24.69 -22.19
C GLN C 266 14.50 -23.71 -22.84
N ASP C 267 15.07 -22.68 -23.47
CA ASP C 267 14.29 -21.61 -24.07
C ASP C 267 14.04 -21.89 -25.54
N PHE C 268 12.83 -21.56 -26.00
CA PHE C 268 12.46 -21.72 -27.40
C PHE C 268 11.94 -20.44 -28.04
N SER C 269 11.91 -19.33 -27.30
CA SER C 269 11.43 -18.08 -27.88
C SER C 269 12.32 -17.62 -29.02
N SER C 270 13.64 -17.70 -28.83
CA SER C 270 14.60 -17.30 -29.85
C SER C 270 14.92 -18.52 -30.71
N GLN C 271 14.42 -18.54 -31.95
CA GLN C 271 14.63 -19.69 -32.81
C GLN C 271 16.12 -19.90 -33.10
N SER C 272 16.83 -18.83 -33.41
CA SER C 272 18.25 -18.93 -33.78
C SER C 272 18.39 -19.89 -34.97
N ASN C 273 18.68 -21.16 -34.69
CA ASN C 273 18.82 -22.18 -35.73
C ASN C 273 17.84 -23.30 -35.42
N THR C 274 16.61 -23.16 -35.93
CA THR C 274 15.59 -24.19 -35.78
C THR C 274 15.41 -25.04 -37.01
N GLY C 275 16.18 -24.80 -38.07
CA GLY C 275 16.04 -25.52 -39.31
C GLY C 275 14.92 -24.97 -40.17
N LYS C 276 14.78 -25.54 -41.36
CA LYS C 276 13.76 -25.15 -42.32
C LYS C 276 12.73 -26.27 -42.43
N ILE C 277 11.47 -25.92 -42.21
CA ILE C 277 10.37 -26.87 -42.25
C ILE C 277 9.40 -26.44 -43.34
N SER C 278 9.11 -27.35 -44.26
CA SER C 278 8.09 -27.12 -45.27
C SER C 278 6.72 -27.52 -44.74
N LEU C 279 5.69 -26.78 -45.16
CA LEU C 279 4.35 -27.06 -44.66
C LEU C 279 3.93 -28.49 -44.95
N GLU C 280 4.34 -29.02 -46.10
CA GLU C 280 3.97 -30.39 -46.46
C GLU C 280 4.44 -31.38 -45.41
N GLN C 281 5.52 -31.07 -44.69
CA GLN C 281 6.02 -31.99 -43.68
C GLN C 281 5.12 -32.06 -42.46
N ILE C 282 4.37 -30.99 -42.18
CA ILE C 282 3.70 -30.88 -40.89
C ILE C 282 2.83 -32.09 -40.63
N ASP C 283 1.99 -32.46 -41.59
CA ASP C 283 1.11 -33.60 -41.41
C ASP C 283 1.89 -34.83 -40.98
N GLY C 284 2.98 -35.13 -41.70
CA GLY C 284 3.78 -36.28 -41.34
C GLY C 284 4.27 -36.21 -39.91
N PHE C 285 4.73 -35.02 -39.49
CA PHE C 285 5.18 -34.87 -38.11
C PHE C 285 4.08 -35.29 -37.14
N ALA C 286 2.84 -34.89 -37.41
CA ALA C 286 1.76 -35.20 -36.49
C ALA C 286 1.61 -36.70 -36.28
N ALA C 287 2.11 -37.52 -37.20
CA ALA C 287 2.03 -38.96 -37.01
C ALA C 287 2.83 -39.40 -35.78
N LYS C 288 4.07 -38.92 -35.67
CA LYS C 288 4.97 -39.45 -34.65
C LYS C 288 5.76 -38.40 -33.87
N SER C 289 5.97 -37.20 -34.41
CA SER C 289 6.85 -36.24 -33.76
C SER C 289 6.09 -35.26 -32.87
N PHE C 290 4.82 -35.01 -33.16
CA PHE C 290 4.04 -34.10 -32.33
C PHE C 290 3.58 -34.81 -31.07
N PRO C 291 3.81 -34.24 -29.89
CA PRO C 291 3.20 -34.81 -28.69
C PRO C 291 1.69 -34.69 -28.75
N LEU C 292 1.02 -35.55 -27.98
CA LEU C 292 -0.43 -35.64 -28.09
C LEU C 292 -1.09 -34.27 -27.97
N CYS C 293 -0.64 -33.45 -27.02
CA CYS C 293 -1.25 -32.14 -26.82
C CYS C 293 -1.35 -31.38 -28.14
N MET C 294 -0.26 -31.37 -28.91
CA MET C 294 -0.29 -30.69 -30.20
C MET C 294 -1.03 -31.51 -31.24
N ARG C 295 -0.84 -32.83 -31.24
CA ARG C 295 -1.45 -33.67 -32.25
C ARG C 295 -2.96 -33.46 -32.27
N GLN C 296 -3.59 -33.50 -31.10
CA GLN C 296 -5.02 -33.26 -31.00
C GLN C 296 -5.38 -31.97 -31.69
N LEU C 297 -4.69 -30.88 -31.37
CA LEU C 297 -5.03 -29.61 -31.98
C LEU C 297 -4.92 -29.71 -33.48
N HIS C 298 -3.86 -30.32 -33.98
CA HIS C 298 -3.70 -30.47 -35.42
C HIS C 298 -4.94 -31.16 -35.99
N LYS C 299 -5.35 -32.25 -35.37
CA LYS C 299 -6.51 -32.98 -35.86
C LYS C 299 -7.71 -32.07 -35.92
N SER C 300 -7.94 -31.30 -34.85
CA SER C 300 -9.09 -30.42 -34.84
C SER C 300 -8.99 -29.43 -35.99
N LEU C 301 -7.80 -28.87 -36.19
CA LEU C 301 -7.64 -27.86 -37.23
C LEU C 301 -7.90 -28.46 -38.60
N ARG C 302 -7.64 -29.76 -38.76
CA ARG C 302 -7.85 -30.41 -40.04
C ARG C 302 -9.26 -30.96 -40.18
N GLU C 303 -10.04 -30.98 -39.09
CA GLU C 303 -11.42 -31.48 -39.13
C GLU C 303 -12.43 -30.34 -39.20
N ASN C 304 -12.39 -29.44 -38.23
CA ASN C 304 -13.30 -28.30 -38.18
C ASN C 304 -12.76 -27.07 -38.89
N HIS C 305 -11.52 -27.09 -39.35
CA HIS C 305 -10.91 -25.96 -40.06
C HIS C 305 -10.98 -24.69 -39.21
N HIS C 306 -10.77 -24.83 -37.90
CA HIS C 306 -10.81 -23.70 -37.00
C HIS C 306 -10.36 -24.15 -35.62
N LEU C 307 -9.72 -23.23 -34.90
CA LEU C 307 -9.33 -23.45 -33.52
C LEU C 307 -9.69 -22.22 -32.71
N ARG C 308 -10.07 -22.45 -31.45
CA ARG C 308 -10.38 -21.34 -30.56
C ARG C 308 -9.09 -20.70 -30.03
N HIS C 309 -9.25 -19.51 -29.44
CA HIS C 309 -8.10 -18.71 -29.03
C HIS C 309 -7.03 -19.56 -28.36
N GLY C 310 -7.37 -20.20 -27.26
CA GLY C 310 -6.41 -21.04 -26.58
C GLY C 310 -5.63 -21.86 -27.58
N GLY C 311 -6.33 -22.76 -28.27
CA GLY C 311 -5.64 -23.61 -29.23
C GLY C 311 -4.83 -22.81 -30.22
N ARG C 312 -5.46 -21.79 -30.82
CA ARG C 312 -4.73 -20.98 -31.79
C ARG C 312 -3.35 -20.63 -31.24
N MET C 313 -3.31 -20.08 -30.03
CA MET C 313 -2.04 -19.74 -29.42
C MET C 313 -1.20 -21.00 -29.32
N GLN C 314 -1.64 -21.94 -28.49
CA GLN C 314 -0.80 -23.08 -28.18
C GLN C 314 -0.14 -23.56 -29.46
N TYR C 315 -0.97 -24.08 -30.36
CA TYR C 315 -0.47 -24.72 -31.56
C TYR C 315 0.45 -23.79 -32.35
N GLY C 316 -0.01 -22.56 -32.63
CA GLY C 316 0.81 -21.67 -33.43
C GLY C 316 2.19 -21.47 -32.82
N LEU C 317 2.23 -21.24 -31.51
CA LEU C 317 3.51 -21.04 -30.86
C LEU C 317 4.36 -22.30 -30.99
N PHE C 318 3.75 -23.47 -30.82
CA PHE C 318 4.47 -24.71 -31.05
C PHE C 318 5.09 -24.71 -32.43
N LEU C 319 4.32 -24.30 -33.43
CA LEU C 319 4.82 -24.28 -34.79
C LEU C 319 6.03 -23.37 -34.89
N LYS C 320 5.92 -22.18 -34.29
CA LYS C 320 7.05 -21.28 -34.26
C LYS C 320 8.27 -21.99 -33.68
N GLY C 321 8.05 -22.73 -32.59
CA GLY C 321 9.16 -23.41 -31.95
C GLY C 321 9.80 -24.44 -32.85
N ILE C 322 9.00 -25.11 -33.68
CA ILE C 322 9.58 -26.12 -34.59
C ILE C 322 10.15 -25.49 -35.85
N GLY C 323 10.05 -24.17 -36.01
CA GLY C 323 10.79 -23.48 -37.05
C GLY C 323 9.96 -22.84 -38.15
N LEU C 324 8.64 -22.95 -38.11
CA LEU C 324 7.84 -22.26 -39.11
C LEU C 324 8.11 -20.76 -39.04
N THR C 325 8.37 -20.16 -40.20
CA THR C 325 8.59 -18.72 -40.27
C THR C 325 7.25 -17.99 -40.34
N LEU C 326 7.31 -16.68 -40.03
CA LEU C 326 6.07 -15.91 -39.95
C LEU C 326 5.24 -16.08 -41.22
N GLU C 327 5.85 -15.81 -42.37
CA GLU C 327 5.14 -15.99 -43.63
C GLU C 327 4.52 -17.38 -43.71
N GLN C 328 5.33 -18.41 -43.43
CA GLN C 328 4.81 -19.77 -43.49
C GLN C 328 3.56 -19.89 -42.64
N ALA C 329 3.62 -19.43 -41.39
CA ALA C 329 2.47 -19.56 -40.51
C ALA C 329 1.27 -18.83 -41.10
N LEU C 330 1.50 -17.64 -41.63
CA LEU C 330 0.39 -16.89 -42.21
C LEU C 330 -0.27 -17.73 -43.29
N GLN C 331 0.53 -18.37 -44.14
CA GLN C 331 -0.03 -19.24 -45.15
C GLN C 331 -0.83 -20.36 -44.49
N PHE C 332 -0.22 -21.03 -43.53
CA PHE C 332 -0.80 -22.24 -42.96
C PHE C 332 -2.20 -21.89 -42.48
N TRP C 333 -2.23 -21.05 -41.44
CA TRP C 333 -3.50 -20.63 -40.88
C TRP C 333 -4.43 -20.11 -41.96
N ARG C 334 -3.92 -19.28 -42.87
CA ARG C 334 -4.79 -18.73 -43.88
C ARG C 334 -5.55 -19.87 -44.53
N LEU C 335 -4.82 -20.75 -45.19
CA LEU C 335 -5.48 -21.83 -45.91
C LEU C 335 -6.50 -22.49 -45.00
N GLU C 336 -6.08 -22.85 -43.79
CA GLU C 336 -6.95 -23.68 -42.97
C GLU C 336 -8.27 -22.98 -42.74
N PHE C 337 -8.21 -21.72 -42.31
CA PHE C 337 -9.44 -20.99 -42.03
C PHE C 337 -10.22 -20.74 -43.32
N THR C 338 -9.51 -20.46 -44.42
CA THR C 338 -10.18 -20.24 -45.68
C THR C 338 -10.99 -21.46 -46.05
N LYS C 339 -10.60 -22.61 -45.52
CA LYS C 339 -11.40 -23.82 -45.71
C LYS C 339 -12.54 -23.84 -44.70
N GLY C 340 -13.29 -22.74 -44.62
CA GLY C 340 -14.51 -22.72 -43.84
C GLY C 340 -14.78 -21.43 -43.08
N LYS C 341 -15.94 -20.83 -43.35
CA LYS C 341 -16.46 -19.69 -42.59
C LYS C 341 -15.47 -18.54 -42.47
N VAL C 342 -14.48 -18.47 -43.37
CA VAL C 342 -13.50 -17.39 -43.35
C VAL C 342 -13.03 -17.14 -44.78
N ASP C 343 -12.93 -15.87 -45.14
CA ASP C 343 -12.36 -15.45 -46.42
C ASP C 343 -11.09 -14.64 -46.16
N SER C 344 -10.32 -14.44 -47.22
CA SER C 344 -9.00 -13.81 -47.07
C SER C 344 -9.10 -12.51 -46.29
N GLU C 345 -10.01 -11.63 -46.69
CA GLU C 345 -10.14 -10.34 -46.01
C GLU C 345 -10.29 -10.55 -44.50
N LYS C 346 -11.16 -11.47 -44.11
CA LYS C 346 -11.35 -11.74 -42.69
C LYS C 346 -10.04 -12.12 -42.03
N PHE C 347 -9.31 -13.06 -42.63
CA PHE C 347 -8.04 -13.47 -42.05
C PHE C 347 -7.09 -12.29 -41.92
N ASP C 348 -7.20 -11.32 -42.82
CA ASP C 348 -6.33 -10.15 -42.75
C ASP C 348 -6.77 -9.19 -41.66
N LYS C 349 -8.07 -9.16 -41.37
CA LYS C 349 -8.59 -8.12 -40.48
C LYS C 349 -8.65 -8.56 -39.02
N VAL C 350 -8.99 -9.82 -38.76
CA VAL C 350 -9.24 -10.31 -37.42
C VAL C 350 -8.09 -11.15 -36.88
N TYR C 351 -7.62 -12.11 -37.67
CA TYR C 351 -6.71 -13.14 -37.19
C TYR C 351 -5.24 -12.85 -37.47
N ALA C 352 -4.92 -12.23 -38.60
CA ALA C 352 -3.51 -12.09 -38.99
C ALA C 352 -2.69 -11.46 -37.88
N TYR C 353 -3.18 -10.37 -37.30
CA TYR C 353 -2.43 -9.69 -36.25
C TYR C 353 -2.00 -10.68 -35.18
N SER C 354 -2.90 -11.56 -34.77
CA SER C 354 -2.55 -12.56 -33.77
C SER C 354 -1.24 -13.24 -34.15
N ILE C 355 -1.21 -13.88 -35.32
CA ILE C 355 -0.01 -14.57 -35.74
C ILE C 355 1.18 -13.63 -35.73
N ARG C 356 0.99 -12.41 -36.24
CA ARG C 356 2.11 -11.48 -36.28
C ARG C 356 2.69 -11.30 -34.89
N HIS C 357 1.83 -11.10 -33.90
CA HIS C 357 2.29 -10.93 -32.53
C HIS C 357 2.97 -12.19 -32.04
N ASN C 358 2.43 -13.35 -32.42
CA ASN C 358 3.07 -14.62 -32.06
C ASN C 358 4.50 -14.65 -32.54
N TYR C 359 4.79 -14.00 -33.67
CA TYR C 359 6.13 -13.98 -34.21
C TYR C 359 6.91 -12.72 -33.85
N GLY C 360 6.32 -11.82 -33.06
CA GLY C 360 7.01 -10.64 -32.62
C GLY C 360 7.73 -10.84 -31.31
N LYS C 361 8.30 -9.75 -30.80
CA LYS C 361 9.03 -9.74 -29.54
C LYS C 361 8.47 -8.69 -28.59
N GLU C 362 7.22 -8.32 -28.76
CA GLU C 362 6.54 -7.37 -27.89
C GLU C 362 5.26 -8.01 -27.37
N GLY C 363 5.01 -7.84 -26.08
CA GLY C 363 3.82 -8.40 -25.46
C GLY C 363 4.09 -8.78 -24.02
N LYS C 364 3.35 -9.78 -23.56
CA LYS C 364 3.39 -10.21 -22.16
C LYS C 364 4.22 -11.46 -21.95
N ARG C 365 5.02 -11.85 -22.95
CA ARG C 365 5.93 -13.00 -22.85
C ARG C 365 5.19 -14.33 -22.93
N THR C 366 3.86 -14.30 -22.87
CA THR C 366 3.04 -15.47 -23.16
C THR C 366 2.52 -15.44 -24.59
N ASP C 367 2.89 -14.44 -25.37
CA ASP C 367 2.44 -14.28 -26.74
C ASP C 367 3.46 -14.75 -27.77
N TYR C 368 4.75 -14.70 -27.44
CA TYR C 368 5.80 -15.11 -28.36
C TYR C 368 6.68 -16.22 -27.81
N THR C 369 6.33 -16.79 -26.66
CA THR C 369 7.10 -17.85 -26.04
C THR C 369 6.36 -19.17 -26.19
N PRO C 370 6.94 -20.18 -26.83
CA PRO C 370 6.27 -21.49 -26.89
C PRO C 370 5.94 -22.00 -25.49
N TYR C 371 4.74 -22.53 -25.36
CA TYR C 371 4.25 -22.96 -24.05
C TYR C 371 4.97 -24.23 -23.60
N SER C 372 5.32 -24.27 -22.32
CA SER C 372 5.96 -25.43 -21.74
C SER C 372 4.91 -26.39 -21.19
N CYS C 373 5.36 -27.62 -20.90
CA CYS C 373 4.44 -28.63 -20.38
C CYS C 373 3.67 -28.09 -19.19
N MET C 374 4.38 -27.50 -18.22
CA MET C 374 3.70 -26.96 -17.06
C MET C 374 2.70 -25.88 -17.47
N LYS C 375 3.10 -24.98 -18.37
CA LYS C 375 2.16 -23.98 -18.84
C LYS C 375 0.91 -24.63 -19.42
N VAL C 376 1.07 -25.77 -20.09
CA VAL C 376 -0.09 -26.41 -20.70
C VAL C 376 -0.92 -27.15 -19.67
N ILE C 377 -0.31 -27.56 -18.56
CA ILE C 377 -1.01 -28.41 -17.59
C ILE C 377 -1.70 -27.58 -16.52
N LEU C 378 -1.04 -26.54 -16.03
CA LEU C 378 -1.50 -25.78 -14.86
C LEU C 378 -2.12 -24.45 -15.22
N SER C 379 -2.33 -24.16 -16.51
CA SER C 379 -2.92 -22.90 -16.92
C SER C 379 -3.85 -23.12 -18.09
N ASN C 380 -4.93 -22.35 -18.13
CA ASN C 380 -5.90 -22.37 -19.22
C ASN C 380 -6.46 -23.78 -19.42
N PRO C 381 -7.22 -24.31 -18.47
CA PRO C 381 -7.84 -25.61 -18.66
C PRO C 381 -8.92 -25.54 -19.72
N PRO C 382 -8.93 -26.47 -20.68
CA PRO C 382 -9.94 -26.40 -21.75
C PRO C 382 -11.35 -26.63 -21.24
N SER C 383 -12.29 -25.97 -21.88
CA SER C 383 -13.71 -26.19 -21.64
C SER C 383 -14.26 -27.08 -22.75
N GLN C 384 -15.55 -27.38 -22.66
CA GLN C 384 -16.18 -28.18 -23.70
C GLN C 384 -16.06 -27.46 -25.04
N GLY C 385 -15.60 -28.19 -26.05
CA GLY C 385 -15.34 -27.62 -27.36
C GLY C 385 -13.98 -26.98 -27.52
N ASP C 386 -13.12 -27.04 -26.50
CA ASP C 386 -11.76 -26.55 -26.57
C ASP C 386 -10.81 -27.74 -26.64
N TYR C 387 -9.93 -27.74 -27.62
CA TYR C 387 -9.06 -28.88 -27.90
C TYR C 387 -7.61 -28.59 -27.54
N HIS C 388 -7.37 -27.69 -26.61
CA HIS C 388 -6.03 -27.42 -26.11
C HIS C 388 -5.84 -28.09 -24.75
N GLY C 389 -4.66 -27.92 -24.17
CA GLY C 389 -4.33 -28.51 -22.90
C GLY C 389 -3.53 -29.78 -23.05
N CYS C 390 -3.25 -30.41 -21.91
CA CYS C 390 -2.53 -31.67 -21.88
C CYS C 390 -3.52 -32.82 -21.84
N PRO C 391 -3.54 -33.71 -22.83
CA PRO C 391 -4.45 -34.86 -22.77
C PRO C 391 -4.25 -35.71 -21.54
N PHE C 392 -3.00 -35.87 -21.08
CA PHE C 392 -2.74 -36.70 -19.91
C PHE C 392 -3.34 -36.12 -18.63
N ARG C 393 -3.73 -34.85 -18.64
CA ARG C 393 -4.32 -34.19 -17.48
C ARG C 393 -5.77 -33.83 -17.69
N HIS C 394 -6.11 -33.22 -18.83
CA HIS C 394 -7.40 -32.60 -19.02
C HIS C 394 -8.40 -33.51 -19.71
N SER C 395 -8.05 -34.76 -19.95
CA SER C 395 -8.95 -35.72 -20.56
C SER C 395 -9.31 -36.79 -19.54
N ASP C 396 -10.57 -37.23 -19.57
CA ASP C 396 -11.01 -38.25 -18.64
C ASP C 396 -10.14 -39.50 -18.80
N PRO C 397 -9.74 -40.15 -17.72
CA PRO C 397 -8.88 -41.34 -17.86
C PRO C 397 -9.40 -42.33 -18.88
N GLU C 398 -10.65 -42.77 -18.75
CA GLU C 398 -11.19 -43.75 -19.69
C GLU C 398 -11.04 -43.27 -21.13
N LEU C 399 -11.47 -42.05 -21.41
CA LEU C 399 -11.30 -41.49 -22.74
C LEU C 399 -9.86 -41.60 -23.18
N LEU C 400 -8.92 -41.19 -22.31
CA LEU C 400 -7.52 -41.27 -22.67
C LEU C 400 -7.15 -42.69 -23.06
N LYS C 401 -7.59 -43.67 -22.27
CA LYS C 401 -7.30 -45.06 -22.60
C LYS C 401 -7.79 -45.37 -24.00
N GLN C 402 -9.04 -45.00 -24.30
CA GLN C 402 -9.57 -45.25 -25.62
C GLN C 402 -8.65 -44.65 -26.68
N LYS C 403 -8.23 -43.40 -26.44
CA LYS C 403 -7.37 -42.73 -27.40
C LYS C 403 -6.11 -43.55 -27.64
N LEU C 404 -5.50 -44.02 -26.56
CA LEU C 404 -4.27 -44.79 -26.70
C LEU C 404 -4.54 -46.06 -27.48
N GLN C 405 -5.69 -46.68 -27.25
CA GLN C 405 -6.03 -47.87 -28.01
C GLN C 405 -6.13 -47.54 -29.49
N SER C 406 -6.67 -46.37 -29.82
CA SER C 406 -6.74 -45.96 -31.22
C SER C 406 -5.35 -45.86 -31.84
N PHE C 407 -4.34 -45.56 -31.03
CA PHE C 407 -2.97 -45.46 -31.51
C PHE C 407 -2.25 -46.80 -31.50
N LYS C 408 -2.93 -47.88 -31.09
CA LYS C 408 -2.36 -49.23 -31.14
C LYS C 408 -1.05 -49.31 -30.35
N VAL C 409 -1.06 -48.75 -29.15
CA VAL C 409 0.09 -48.86 -28.25
C VAL C 409 -0.11 -50.12 -27.41
N PRO C 410 0.94 -50.89 -27.13
CA PRO C 410 0.74 -52.17 -26.44
C PRO C 410 0.06 -52.00 -25.09
N SER C 411 -0.84 -52.94 -24.78
CA SER C 411 -1.70 -52.81 -23.60
C SER C 411 -0.89 -52.55 -22.34
N SER C 412 0.15 -53.34 -22.12
CA SER C 412 0.98 -53.15 -20.93
C SER C 412 1.46 -51.70 -20.84
N GLY C 413 2.01 -51.19 -21.93
CA GLY C 413 2.45 -49.80 -21.94
C GLY C 413 1.32 -48.87 -21.56
N ILE C 414 0.12 -49.10 -22.12
CA ILE C 414 -1.02 -48.26 -21.78
C ILE C 414 -1.19 -48.28 -20.27
N ASN C 415 -1.19 -49.46 -19.68
CA ASN C 415 -1.37 -49.56 -18.23
C ASN C 415 -0.35 -48.69 -17.54
N GLN C 416 0.92 -48.82 -17.93
CA GLN C 416 1.95 -48.02 -17.31
C GLN C 416 1.56 -46.55 -17.35
N ILE C 417 1.22 -46.08 -18.55
CA ILE C 417 0.89 -44.67 -18.72
C ILE C 417 -0.21 -44.30 -17.76
N LEU C 418 -1.26 -45.13 -17.70
CA LEU C 418 -2.41 -44.79 -16.88
C LEU C 418 -1.99 -44.70 -15.42
N GLU C 419 -1.16 -45.65 -14.97
CA GLU C 419 -0.68 -45.61 -13.60
C GLU C 419 -0.03 -44.27 -13.35
N LEU C 420 0.84 -43.84 -14.26
CA LEU C 420 1.54 -42.57 -14.06
C LEU C 420 0.53 -41.44 -13.97
N VAL C 421 -0.49 -41.47 -14.82
CA VAL C 421 -1.50 -40.42 -14.79
C VAL C 421 -2.20 -40.41 -13.44
N LYS C 422 -2.46 -41.58 -12.86
CA LYS C 422 -3.11 -41.66 -11.57
C LYS C 422 -2.25 -41.04 -10.48
N GLY C 423 -0.93 -41.05 -10.67
CA GLY C 423 -0.01 -40.41 -9.77
C GLY C 423 0.22 -38.95 -10.06
N MET C 424 -0.52 -38.37 -11.00
CA MET C 424 -0.37 -36.97 -11.40
C MET C 424 1.00 -36.70 -12.01
N HIS C 425 1.66 -37.74 -12.52
CA HIS C 425 2.96 -37.61 -13.17
C HIS C 425 2.79 -37.48 -14.68
N TYR C 426 2.00 -36.48 -15.05
CA TYR C 426 1.56 -36.35 -16.43
C TYR C 426 2.74 -36.32 -17.40
N GLN C 427 3.70 -35.44 -17.14
CA GLN C 427 4.86 -35.36 -18.02
C GLN C 427 5.52 -36.73 -18.15
N LEU C 428 5.70 -37.43 -17.03
CA LEU C 428 6.31 -38.75 -17.08
C LEU C 428 5.48 -39.69 -17.95
N ALA C 429 4.15 -39.65 -17.80
CA ALA C 429 3.30 -40.44 -18.67
C ALA C 429 3.65 -40.16 -20.13
N CYS C 430 3.68 -38.88 -20.49
CA CYS C 430 4.01 -38.53 -21.86
C CYS C 430 5.35 -39.13 -22.24
N GLN C 431 6.33 -39.05 -21.34
CA GLN C 431 7.64 -39.59 -21.63
C GLN C 431 7.53 -41.07 -21.96
N LYS C 432 6.77 -41.80 -21.16
CA LYS C 432 6.59 -43.22 -21.42
C LYS C 432 6.01 -43.43 -22.80
N TYR C 433 4.99 -42.64 -23.14
CA TYR C 433 4.41 -42.75 -24.47
C TYR C 433 5.51 -42.59 -25.51
N PHE C 434 6.32 -41.55 -25.35
CA PHE C 434 7.43 -41.34 -26.28
C PHE C 434 8.25 -42.61 -26.40
N GLU C 435 8.67 -43.14 -25.25
CA GLU C 435 9.57 -44.29 -25.26
C GLU C 435 8.94 -45.45 -26.00
N LEU C 436 7.61 -45.58 -25.90
CA LEU C 436 6.94 -46.66 -26.62
C LEU C 436 6.92 -46.38 -28.11
N THR C 437 6.53 -45.17 -28.50
CA THR C 437 6.29 -44.89 -29.92
C THR C 437 7.58 -44.99 -30.72
N HIS C 438 8.68 -44.49 -30.18
CA HIS C 438 9.97 -44.58 -30.82
C HIS C 438 10.70 -45.88 -30.50
N SER C 439 10.10 -46.74 -29.68
CA SER C 439 10.70 -48.04 -29.34
C SER C 439 12.11 -47.87 -28.78
N VAL C 440 12.22 -47.01 -27.78
CA VAL C 440 13.46 -46.83 -27.03
C VAL C 440 13.15 -47.00 -25.55
N ASP C 441 13.88 -47.89 -24.88
CA ASP C 441 13.62 -48.14 -23.47
C ASP C 441 13.88 -46.89 -22.64
N ASP C 442 14.97 -46.18 -22.92
CA ASP C 442 15.32 -44.95 -22.23
C ASP C 442 15.40 -43.82 -23.24
N CYS C 443 14.67 -42.74 -22.99
CA CYS C 443 14.65 -41.62 -23.92
C CYS C 443 15.92 -40.79 -23.83
N GLY C 444 16.57 -40.76 -22.67
CA GLY C 444 17.77 -39.97 -22.50
C GLY C 444 17.54 -38.51 -22.19
N PHE C 445 16.31 -38.12 -21.87
CA PHE C 445 16.01 -36.74 -21.52
C PHE C 445 14.77 -36.70 -20.63
N SER C 446 14.62 -35.59 -19.93
CA SER C 446 13.45 -35.34 -19.09
C SER C 446 12.51 -34.39 -19.82
N LEU C 447 11.26 -34.80 -19.99
CA LEU C 447 10.30 -34.04 -20.77
C LEU C 447 9.77 -32.88 -19.94
N ASN C 448 9.96 -31.66 -20.45
CA ASN C 448 9.39 -30.48 -19.82
C ASN C 448 8.87 -29.47 -20.83
N HIS C 449 8.89 -29.77 -22.12
CA HIS C 449 8.43 -28.85 -23.15
C HIS C 449 8.01 -29.62 -24.40
N PRO C 450 6.84 -29.31 -24.99
CA PRO C 450 6.47 -30.03 -26.22
C PRO C 450 7.49 -29.90 -27.33
N ASN C 451 8.05 -28.70 -27.52
CA ASN C 451 9.02 -28.53 -28.58
C ASN C 451 10.21 -29.44 -28.37
N GLN C 452 10.68 -29.55 -27.12
CA GLN C 452 11.72 -30.52 -26.81
C GLN C 452 11.33 -31.90 -27.30
N TYR C 453 10.11 -32.34 -26.95
CA TYR C 453 9.59 -33.59 -27.47
C TYR C 453 9.89 -33.68 -28.95
N PHE C 454 9.36 -32.72 -29.70
CA PHE C 454 9.52 -32.75 -31.16
C PHE C 454 10.98 -32.93 -31.52
N ALA C 455 11.83 -32.12 -30.92
CA ALA C 455 13.24 -32.12 -31.31
C ALA C 455 13.83 -33.50 -31.10
N GLU C 456 13.55 -34.10 -29.96
CA GLU C 456 14.09 -35.42 -29.68
C GLU C 456 13.58 -36.43 -30.70
N SER C 457 12.28 -36.34 -31.02
CA SER C 457 11.75 -37.23 -32.04
C SER C 457 12.59 -37.11 -33.31
N GLN C 458 12.85 -35.88 -33.72
CA GLN C 458 13.58 -35.68 -34.96
C GLN C 458 15.01 -36.19 -34.85
N LYS C 459 15.59 -36.09 -33.65
CA LYS C 459 16.93 -36.63 -33.44
C LYS C 459 16.92 -38.14 -33.61
N LEU C 460 15.82 -38.79 -33.20
CA LEU C 460 15.65 -40.21 -33.47
C LEU C 460 15.14 -40.46 -34.88
N LEU C 461 14.66 -39.42 -35.57
CA LEU C 461 14.19 -39.56 -36.94
C LEU C 461 13.10 -40.62 -37.03
#